data_6IEG
#
_entry.id   6IEG
#
_cell.length_a   86.316
_cell.length_b   119.139
_cell.length_c   124.567
_cell.angle_alpha   90
_cell.angle_beta   99.87
_cell.angle_gamma   90
#
_symmetry.space_group_name_H-M   'P 1 21 1'
#
loop_
_entity.id
_entity.type
_entity.pdbx_description
1 polymer 'Exosome RNA helicase MTR4'
2 non-polymer "ADENOSINE-5'-DIPHOSPHATE"
3 non-polymer 'MAGNESIUM ION'
#
_entity_poly.entity_id   1
_entity_poly.type   'polypeptide(L)'
_entity_poly.pdbx_seq_one_letter_code
;MSYYHHHHHHDYDIPTTENLYFQGAMDPEFTDEPIFGKKPRIEESITEDLSLADLMPRVKVQSVETVEGCTHEVALPAEE
DYLPLKPRVGKAAKEYPFILDAFQREAIQCVDNNQSVLVSAHTSAGKTVCAEYAIALALREKQRVIFTSPIKALSNQKYR
EMYEEFQDVGLMTGDVTINPTASCLVMTTEILRSMLYRGSEVMREVAWVIFDEIHYMRDSERGVVWEETIILLPDNVHYV
FLSATIPNARQFAEWICHLHKQPCHVIYTDYRPTPLQHYIFPAGGDGLHLVVDENGDFREDNFNTAMQVLRDAGDLAKGD
QKGRKGGTKGPSNVFKIVKMIMERNFQPVIIFSFSKKDCEAYALQMTKLDFNTDEEKKMVEEVFSNAIDCLSDEDKKLPQ
VEHVLPLLKRGIGIHHGGLLPILKETIEILFSEGLIKALFATETFAMGINMPARTVLFTNARKFDGKDFRWISSGEYIQM
SGRAGRRGMDDRGIVILMVDEKMSPTIGKQLLKGSADPLNSAFHLTYNMVLNLLRVEEINPEYMLEKSFYQFQHYRAIPG
VVEKVKNSEEQYNKIVIPNEESVVIYYKIRQQLAKLGKEIEEYIHKPKYCLPFLQPGRLVKVKNEGDDFGWGVVVNFSKK
SNVKPNSGELDPLYVVEVLLRCSKESLKNSATEAAKPAKPDEKGEMQVVPVLVHLLSAISSVRLYIPKDLRPVDNRQSVL
KSIQEVQKRFPDGIPLLDPIDDMGIQDQGLKKVIQKVEAFEHRMYSHPLHNDPNLETVYTLCEKKAQIAIDIKSAKRELK
KARTVLQMDELKCRKRVLRRLGFATSSDVIEMKGRVACEISSADELLLTEMMFNGLFNDLSAEQATALLSCFVFQENSSE
MPKLTEQLAGPLRQMQECAKRIAKVSAEAKLEIDEETYLSSFKPHLMDVVYTWATGATFAHICKMTDVFEGSIIRCMRRL
EELLRQMCQAAKAIGNTELENKFAEGITKIKRDIVFAASLYL
;
_entity_poly.pdbx_strand_id   B,A
#
# COMPACT_ATOMS: atom_id res chain seq x y z
N ALA A 53 8.07 15.96 -10.27
CA ALA A 53 7.26 16.35 -9.09
C ALA A 53 7.87 15.71 -7.84
N ASP A 54 8.95 14.96 -7.99
CA ASP A 54 9.62 14.29 -6.84
C ASP A 54 8.64 13.36 -6.12
N LEU A 55 7.75 12.69 -6.88
CA LEU A 55 6.85 11.68 -6.26
C LEU A 55 7.45 10.32 -6.57
N MET A 56 7.72 9.51 -5.55
CA MET A 56 8.45 8.24 -5.78
C MET A 56 7.61 7.06 -5.30
N PRO A 57 7.88 5.81 -5.75
CA PRO A 57 7.05 4.67 -5.38
C PRO A 57 6.98 4.43 -3.86
N ARG A 58 5.79 4.09 -3.36
CA ARG A 58 5.60 3.81 -1.92
C ARG A 58 4.90 2.46 -1.80
N VAL A 59 5.65 1.37 -1.97
CA VAL A 59 5.03 0.01 -1.93
C VAL A 59 5.71 -0.84 -0.85
N LYS A 60 4.94 -1.65 -0.13
CA LYS A 60 5.51 -2.50 0.95
C LYS A 60 5.24 -3.97 0.65
N VAL A 61 6.26 -4.82 0.75
CA VAL A 61 6.05 -6.29 0.58
C VAL A 61 5.73 -6.84 1.98
N GLN A 62 4.63 -7.58 2.14
CA GLN A 62 4.37 -8.17 3.47
C GLN A 62 4.48 -9.68 3.42
N SER A 63 5.22 -10.28 4.34
CA SER A 63 5.44 -11.73 4.30
C SER A 63 4.16 -12.46 4.62
N VAL A 64 3.86 -13.54 3.90
CA VAL A 64 2.70 -14.40 4.18
C VAL A 64 3.30 -15.73 4.62
N GLU A 65 2.83 -16.29 5.73
CA GLU A 65 3.42 -17.51 6.30
C GLU A 65 3.27 -18.64 5.30
N THR A 66 4.28 -19.49 5.22
CA THR A 66 4.18 -20.49 4.16
C THR A 66 4.36 -21.91 4.70
N VAL A 67 3.60 -22.84 4.15
CA VAL A 67 3.79 -24.27 4.50
C VAL A 67 5.12 -24.61 3.88
N GLU A 68 5.76 -25.68 4.33
CA GLU A 68 7.11 -25.91 3.78
C GLU A 68 7.02 -26.05 2.28
N GLY A 69 7.92 -25.38 1.54
CA GLY A 69 7.96 -25.58 0.08
C GLY A 69 7.62 -24.37 -0.76
N CYS A 70 7.38 -23.22 -0.16
CA CYS A 70 7.18 -22.04 -1.01
C CYS A 70 7.49 -20.77 -0.22
N THR A 71 7.94 -19.71 -0.88
CA THR A 71 8.11 -18.41 -0.16
C THR A 71 7.03 -17.48 -0.71
N HIS A 72 6.06 -17.09 0.11
CA HIS A 72 4.96 -16.27 -0.43
C HIS A 72 5.11 -14.90 0.19
N GLU A 73 5.12 -13.87 -0.63
CA GLU A 73 5.16 -12.50 -0.09
C GLU A 73 4.10 -11.78 -0.91
N VAL A 74 3.59 -10.65 -0.41
CA VAL A 74 2.50 -9.91 -1.11
C VAL A 74 2.90 -8.45 -1.25
N ALA A 75 3.27 -8.01 -2.46
CA ALA A 75 3.56 -6.58 -2.66
C ALA A 75 2.27 -5.80 -2.52
N LEU A 76 2.25 -4.72 -1.74
CA LEU A 76 1.01 -3.96 -1.49
C LEU A 76 1.33 -2.48 -1.50
N PRO A 77 0.42 -1.58 -1.93
CA PRO A 77 0.67 -0.14 -1.81
C PRO A 77 0.78 0.13 -0.31
N ALA A 78 1.65 1.06 0.10
CA ALA A 78 1.89 1.30 1.54
C ALA A 78 0.59 1.73 2.24
N GLU A 79 -0.21 2.56 1.57
CA GLU A 79 -1.48 3.06 2.17
C GLU A 79 -2.43 1.89 2.42
N GLU A 80 -2.51 0.93 1.49
CA GLU A 80 -3.44 -0.22 1.62
C GLU A 80 -2.98 -1.14 2.77
N ASP A 81 -3.90 -1.57 3.64
CA ASP A 81 -3.55 -2.49 4.74
C ASP A 81 -3.59 -3.94 4.24
N TYR A 82 -2.88 -4.85 4.92
CA TYR A 82 -2.84 -6.28 4.50
C TYR A 82 -3.99 -7.07 5.13
N LEU A 83 -4.78 -7.75 4.31
CA LEU A 83 -5.88 -8.62 4.81
C LEU A 83 -5.59 -10.03 4.30
N PRO A 84 -5.67 -11.08 5.14
CA PRO A 84 -5.34 -12.44 4.70
C PRO A 84 -6.27 -12.86 3.56
N LEU A 85 -5.75 -13.64 2.61
CA LEU A 85 -6.53 -14.01 1.40
C LEU A 85 -7.78 -14.84 1.77
N LYS A 86 -8.91 -14.57 1.10
CA LYS A 86 -10.17 -15.33 1.33
C LYS A 86 -10.02 -16.72 0.70
N PRO A 87 -10.64 -17.79 1.24
CA PRO A 87 -10.43 -19.13 0.70
C PRO A 87 -11.52 -19.94 -0.03
N ARG A 88 -11.28 -20.28 -1.30
CA ARG A 88 -12.17 -21.22 -2.05
C ARG A 88 -13.67 -20.91 -1.95
N VAL A 89 -14.12 -19.71 -2.29
CA VAL A 89 -15.60 -19.47 -2.31
C VAL A 89 -16.19 -20.41 -3.37
N GLY A 90 -15.53 -20.53 -4.53
CA GLY A 90 -15.97 -21.49 -5.57
C GLY A 90 -15.27 -22.81 -5.37
N LYS A 91 -15.97 -23.94 -5.52
CA LYS A 91 -15.34 -25.25 -5.19
C LYS A 91 -14.12 -25.52 -6.06
N ALA A 92 -14.21 -25.38 -7.39
CA ALA A 92 -13.00 -25.53 -8.24
C ALA A 92 -13.22 -24.95 -9.63
N ALA A 93 -12.33 -24.06 -10.10
CA ALA A 93 -12.43 -23.60 -11.50
C ALA A 93 -12.01 -24.75 -12.42
N LYS A 94 -10.95 -25.47 -12.04
CA LYS A 94 -10.46 -26.61 -12.86
C LYS A 94 -9.94 -27.70 -11.89
N GLU A 95 -9.98 -28.96 -12.31
CA GLU A 95 -9.56 -30.05 -11.42
C GLU A 95 -8.48 -30.78 -12.19
N TYR A 96 -7.38 -31.05 -11.52
CA TYR A 96 -6.22 -31.66 -12.20
C TYR A 96 -6.12 -33.12 -11.79
N PRO A 97 -5.77 -34.03 -12.70
CA PRO A 97 -5.60 -35.41 -12.34
C PRO A 97 -4.48 -35.48 -11.30
N PHE A 98 -3.39 -34.73 -11.51
CA PHE A 98 -2.22 -34.83 -10.61
C PHE A 98 -2.54 -34.30 -9.22
N ILE A 99 -1.77 -34.73 -8.23
CA ILE A 99 -1.96 -34.20 -6.84
C ILE A 99 -1.11 -32.94 -6.78
N LEU A 100 -1.72 -31.81 -6.47
CA LEU A 100 -1.00 -30.52 -6.55
C LEU A 100 0.10 -30.38 -5.52
N ASP A 101 1.23 -29.82 -5.93
CA ASP A 101 2.37 -29.57 -5.01
C ASP A 101 1.98 -28.33 -4.24
N ALA A 102 2.64 -28.02 -3.14
CA ALA A 102 2.17 -26.91 -2.29
C ALA A 102 2.18 -25.58 -3.03
N PHE A 103 3.20 -25.34 -3.85
CA PHE A 103 3.30 -24.02 -4.51
C PHE A 103 2.11 -23.82 -5.43
N GLN A 104 1.68 -24.88 -6.07
CA GLN A 104 0.57 -24.73 -7.03
C GLN A 104 -0.64 -24.28 -6.25
N ARG A 105 -0.86 -24.82 -5.06
CA ARG A 105 -2.09 -24.49 -4.31
C ARG A 105 -2.12 -23.02 -3.88
N GLU A 106 -1.00 -22.48 -3.37
CA GLU A 106 -0.89 -21.08 -2.88
C GLU A 106 -1.05 -20.11 -4.05
N ALA A 107 -0.48 -20.43 -5.19
CA ALA A 107 -0.62 -19.58 -6.38
C ALA A 107 -2.04 -19.56 -6.90
N ILE A 108 -2.69 -20.72 -6.97
CA ILE A 108 -4.06 -20.83 -7.54
C ILE A 108 -5.00 -20.05 -6.65
N GLN A 109 -4.80 -20.10 -5.35
CA GLN A 109 -5.70 -19.39 -4.43
C GLN A 109 -5.63 -17.89 -4.74
N CYS A 110 -4.43 -17.38 -5.06
CA CYS A 110 -4.32 -15.94 -5.41
C CYS A 110 -5.13 -15.68 -6.67
N VAL A 111 -5.14 -16.60 -7.63
CA VAL A 111 -5.98 -16.44 -8.86
C VAL A 111 -7.43 -16.41 -8.40
N ASP A 112 -7.77 -17.23 -7.41
CA ASP A 112 -9.16 -17.32 -6.91
C ASP A 112 -9.57 -16.00 -6.27
N ASN A 113 -8.65 -15.33 -5.61
CA ASN A 113 -9.02 -14.11 -4.86
C ASN A 113 -8.97 -12.90 -5.81
N ASN A 114 -8.79 -13.13 -7.10
CA ASN A 114 -8.67 -12.01 -8.08
C ASN A 114 -7.56 -11.11 -7.61
N GLN A 115 -6.44 -11.67 -7.22
CA GLN A 115 -5.26 -10.88 -6.85
C GLN A 115 -4.19 -11.41 -7.78
N SER A 116 -3.31 -10.56 -8.26
CA SER A 116 -2.36 -11.01 -9.28
C SER A 116 -1.28 -11.87 -8.65
N VAL A 117 -0.64 -12.72 -9.44
CA VAL A 117 0.39 -13.64 -8.88
C VAL A 117 1.62 -13.68 -9.77
N LEU A 118 2.82 -13.83 -9.21
CA LEU A 118 4.06 -14.02 -10.02
C LEU A 118 4.67 -15.33 -9.53
N VAL A 119 4.89 -16.31 -10.40
CA VAL A 119 5.37 -17.63 -9.93
C VAL A 119 6.80 -17.84 -10.41
N SER A 120 7.72 -18.16 -9.50
CA SER A 120 9.09 -18.49 -9.92
C SER A 120 9.42 -19.89 -9.43
N ALA A 121 9.73 -20.81 -10.34
CA ALA A 121 10.12 -22.17 -9.94
C ALA A 121 10.85 -22.83 -11.08
N HIS A 122 11.44 -23.99 -10.81
CA HIS A 122 12.29 -24.65 -11.82
C HIS A 122 11.47 -25.19 -12.97
N THR A 123 12.11 -25.46 -14.09
CA THR A 123 11.39 -25.76 -15.35
C THR A 123 10.67 -27.10 -15.38
N SER A 124 10.76 -27.94 -14.36
CA SER A 124 9.95 -29.17 -14.46
C SER A 124 8.81 -29.15 -13.45
N ALA A 125 8.77 -28.14 -12.59
CA ALA A 125 7.69 -28.00 -11.61
C ALA A 125 6.45 -27.51 -12.32
N GLY A 126 5.27 -27.67 -11.71
CA GLY A 126 4.01 -27.34 -12.39
C GLY A 126 3.67 -25.87 -12.32
N LYS A 127 4.41 -25.04 -13.04
CA LYS A 127 4.07 -23.60 -13.14
C LYS A 127 2.82 -23.44 -13.99
N THR A 128 2.68 -24.24 -15.04
CA THR A 128 1.56 -24.10 -15.98
C THR A 128 0.24 -24.40 -15.25
N VAL A 129 0.25 -25.30 -14.28
CA VAL A 129 -0.98 -25.63 -13.50
C VAL A 129 -1.63 -24.32 -13.10
N CYS A 130 -0.85 -23.30 -12.81
CA CYS A 130 -1.40 -21.99 -12.40
C CYS A 130 -2.06 -21.31 -13.60
N ALA A 131 -1.47 -21.41 -14.80
CA ALA A 131 -2.02 -20.79 -16.02
C ALA A 131 -3.36 -21.40 -16.38
N GLU A 132 -3.47 -22.72 -16.31
CA GLU A 132 -4.69 -23.43 -16.70
C GLU A 132 -5.84 -23.11 -15.75
N TYR A 133 -5.58 -22.95 -14.46
CA TYR A 133 -6.67 -22.53 -13.54
C TYR A 133 -7.14 -21.13 -13.91
N ALA A 134 -6.21 -20.23 -14.22
CA ALA A 134 -6.59 -18.83 -14.51
C ALA A 134 -7.45 -18.82 -15.76
N ILE A 135 -7.07 -19.61 -16.76
CA ILE A 135 -7.85 -19.70 -18.02
C ILE A 135 -9.24 -20.25 -17.68
N ALA A 136 -9.33 -21.19 -16.74
CA ALA A 136 -10.62 -21.78 -16.33
C ALA A 136 -11.53 -20.81 -15.59
N LEU A 137 -11.02 -20.01 -14.67
CA LEU A 137 -11.90 -19.02 -14.03
C LEU A 137 -12.34 -18.03 -15.11
N ALA A 138 -11.42 -17.67 -15.99
CA ALA A 138 -11.76 -16.66 -17.00
C ALA A 138 -12.85 -17.18 -17.91
N LEU A 139 -12.68 -18.38 -18.43
CA LEU A 139 -13.74 -18.96 -19.29
C LEU A 139 -15.02 -19.15 -18.46
N ARG A 140 -14.91 -19.57 -17.20
CA ARG A 140 -16.11 -19.84 -16.39
C ARG A 140 -16.87 -18.55 -16.10
N GLU A 141 -16.18 -17.50 -15.70
CA GLU A 141 -16.92 -16.27 -15.33
C GLU A 141 -17.22 -15.53 -16.63
N LYS A 142 -16.68 -16.03 -17.74
CA LYS A 142 -16.90 -15.47 -19.10
C LYS A 142 -15.96 -14.30 -19.38
N GLN A 143 -15.16 -13.93 -18.40
CA GLN A 143 -14.16 -12.87 -18.68
C GLN A 143 -13.25 -13.45 -19.75
N ARG A 144 -12.85 -12.66 -20.73
CA ARG A 144 -11.90 -13.17 -21.74
C ARG A 144 -10.50 -13.21 -21.14
N VAL A 145 -9.61 -14.02 -21.70
CA VAL A 145 -8.25 -14.19 -21.12
C VAL A 145 -7.29 -14.22 -22.30
N ILE A 146 -6.02 -13.88 -22.08
CA ILE A 146 -5.03 -14.01 -23.18
C ILE A 146 -3.83 -14.73 -22.62
N PHE A 147 -3.21 -15.55 -23.44
CA PHE A 147 -1.95 -16.19 -23.01
C PHE A 147 -0.90 -15.57 -23.92
N THR A 148 0.15 -14.99 -23.36
CA THR A 148 1.20 -14.37 -24.17
C THR A 148 2.51 -15.07 -23.89
N SER A 149 3.25 -15.46 -24.92
CA SER A 149 4.49 -16.25 -24.69
C SER A 149 5.61 -15.62 -25.49
N PRO A 150 6.89 -15.80 -25.13
CA PRO A 150 7.95 -15.11 -25.83
C PRO A 150 8.19 -15.52 -27.28
N ILE A 151 8.11 -16.82 -27.58
CA ILE A 151 8.42 -17.32 -28.95
C ILE A 151 7.14 -17.86 -29.57
N LYS A 152 7.06 -17.90 -30.90
CA LYS A 152 5.88 -18.41 -31.63
C LYS A 152 5.70 -19.92 -31.44
N ALA A 153 6.79 -20.67 -31.43
CA ALA A 153 6.73 -22.13 -31.33
C ALA A 153 6.10 -22.58 -30.01
N LEU A 154 6.41 -21.90 -28.90
CA LEU A 154 5.75 -22.26 -27.64
C LEU A 154 4.26 -22.08 -27.84
N SER A 155 3.89 -21.01 -28.53
CA SER A 155 2.46 -20.70 -28.78
C SER A 155 1.80 -21.74 -29.69
N ASN A 156 2.46 -22.20 -30.74
CA ASN A 156 1.75 -23.12 -31.67
C ASN A 156 1.36 -24.40 -30.91
N GLN A 157 2.26 -25.02 -30.13
CA GLN A 157 1.88 -26.21 -29.33
C GLN A 157 0.91 -25.82 -28.23
N LYS A 158 1.17 -24.70 -27.58
CA LYS A 158 0.31 -24.26 -26.44
C LYS A 158 -1.10 -23.98 -26.95
N TYR A 159 -1.27 -23.48 -28.17
CA TYR A 159 -2.66 -23.30 -28.66
C TYR A 159 -3.30 -24.66 -28.66
N ARG A 160 -2.59 -25.64 -29.20
CA ARG A 160 -3.16 -26.99 -29.30
C ARG A 160 -3.30 -27.65 -27.91
N GLU A 161 -2.32 -27.47 -27.03
CA GLU A 161 -2.40 -28.06 -25.67
C GLU A 161 -3.57 -27.43 -24.95
N MET A 162 -3.75 -26.12 -25.11
CA MET A 162 -4.95 -25.44 -24.52
C MET A 162 -6.21 -25.75 -25.31
N TYR A 163 -6.13 -25.87 -26.63
CA TYR A 163 -7.36 -26.03 -27.42
C TYR A 163 -8.03 -27.31 -27.00
N GLU A 164 -7.27 -28.36 -26.81
CA GLU A 164 -7.96 -29.64 -26.55
C GLU A 164 -8.79 -29.52 -25.27
N GLU A 165 -8.20 -28.98 -24.22
CA GLU A 165 -8.91 -28.90 -22.92
C GLU A 165 -10.04 -27.87 -22.98
N PHE A 166 -9.80 -26.72 -23.60
CA PHE A 166 -10.80 -25.62 -23.55
C PHE A 166 -11.64 -25.53 -24.83
N GLN A 167 -11.05 -25.51 -26.02
CA GLN A 167 -11.78 -25.54 -27.31
C GLN A 167 -12.46 -24.20 -27.62
N ASP A 168 -12.27 -23.20 -26.78
CA ASP A 168 -12.77 -21.83 -27.11
C ASP A 168 -11.48 -21.06 -27.09
N VAL A 169 -10.59 -21.35 -28.03
CA VAL A 169 -9.27 -20.70 -28.02
C VAL A 169 -9.00 -20.14 -29.41
N GLY A 170 -8.12 -19.16 -29.48
CA GLY A 170 -7.72 -18.58 -30.76
C GLY A 170 -6.24 -18.45 -30.80
N LEU A 171 -5.63 -18.31 -31.97
CA LEU A 171 -4.18 -18.06 -32.01
C LEU A 171 -3.95 -16.74 -32.71
N MET A 172 -3.21 -15.84 -32.08
CA MET A 172 -2.82 -14.58 -32.73
C MET A 172 -1.30 -14.56 -32.76
N THR A 173 -0.70 -14.86 -33.91
CA THR A 173 0.76 -14.85 -34.10
C THR A 173 0.88 -14.22 -35.47
N GLY A 174 1.98 -13.59 -35.83
CA GLY A 174 2.01 -12.87 -37.12
C GLY A 174 1.73 -13.80 -38.26
N ASP A 175 2.24 -15.02 -38.17
CA ASP A 175 2.07 -16.02 -39.23
C ASP A 175 0.60 -16.41 -39.37
N VAL A 176 -0.16 -16.46 -38.28
CA VAL A 176 -1.57 -16.97 -38.42
C VAL A 176 -2.58 -16.33 -37.47
N THR A 177 -3.83 -16.16 -37.92
CA THR A 177 -4.93 -15.72 -37.03
C THR A 177 -5.99 -16.82 -37.12
N ILE A 178 -6.22 -17.53 -36.02
CA ILE A 178 -7.18 -18.65 -36.01
C ILE A 178 -8.14 -18.31 -34.89
N ASN A 179 -9.43 -18.40 -35.14
CA ASN A 179 -10.40 -17.96 -34.11
C ASN A 179 -9.93 -16.61 -33.64
N PRO A 180 -9.87 -15.58 -34.50
CA PRO A 180 -9.28 -14.34 -34.11
C PRO A 180 -9.97 -13.86 -32.85
N THR A 181 -11.24 -14.19 -32.69
CA THR A 181 -11.96 -13.84 -31.44
C THR A 181 -12.35 -15.13 -30.74
N ALA A 182 -11.96 -15.29 -29.49
CA ALA A 182 -12.30 -16.49 -28.69
C ALA A 182 -12.18 -16.05 -27.24
N SER A 183 -12.69 -16.80 -26.27
CA SER A 183 -12.48 -16.33 -24.88
C SER A 183 -10.99 -16.31 -24.52
N CYS A 184 -10.22 -17.33 -24.91
CA CYS A 184 -8.75 -17.38 -24.63
C CYS A 184 -8.00 -17.20 -25.93
N LEU A 185 -7.15 -16.19 -26.04
CA LEU A 185 -6.46 -15.91 -27.32
C LEU A 185 -4.97 -16.07 -27.09
N VAL A 186 -4.31 -16.96 -27.79
CA VAL A 186 -2.88 -17.05 -27.50
C VAL A 186 -2.26 -15.96 -28.35
N MET A 187 -1.64 -14.97 -27.74
CA MET A 187 -1.10 -13.82 -28.49
C MET A 187 0.40 -13.80 -28.21
N THR A 188 1.23 -13.59 -29.21
CA THR A 188 2.66 -13.45 -28.91
C THR A 188 2.76 -12.07 -28.28
N THR A 189 3.76 -11.80 -27.46
CA THR A 189 3.78 -10.50 -26.77
C THR A 189 3.81 -9.40 -27.83
N GLU A 190 4.45 -9.65 -28.95
CA GLU A 190 4.60 -8.62 -29.99
C GLU A 190 3.25 -8.18 -30.54
N ILE A 191 2.33 -9.11 -30.82
CA ILE A 191 0.97 -8.76 -31.32
C ILE A 191 0.16 -8.07 -30.22
N LEU A 192 0.32 -8.45 -28.97
CA LEU A 192 -0.41 -7.72 -27.91
C LEU A 192 0.05 -6.27 -27.94
N ARG A 193 1.35 -6.01 -28.09
CA ARG A 193 1.79 -4.59 -28.01
C ARG A 193 1.10 -3.87 -29.15
N SER A 194 1.05 -4.50 -30.31
CA SER A 194 0.43 -3.87 -31.48
C SER A 194 -1.04 -3.68 -31.16
N MET A 195 -1.67 -4.68 -30.56
CA MET A 195 -3.13 -4.56 -30.35
C MET A 195 -3.41 -3.46 -29.33
N LEU A 196 -2.62 -3.39 -28.28
CA LEU A 196 -2.93 -2.41 -27.21
C LEU A 196 -2.81 -1.02 -27.82
N TYR A 197 -1.79 -0.80 -28.64
CA TYR A 197 -1.55 0.50 -29.30
C TYR A 197 -2.64 0.77 -30.35
N ARG A 198 -3.07 -0.25 -31.06
CA ARG A 198 -4.02 -0.06 -32.18
C ARG A 198 -5.42 0.28 -31.68
N GLY A 199 -5.65 0.17 -30.37
CA GLY A 199 -7.02 0.39 -29.86
C GLY A 199 -7.95 -0.73 -30.26
N SER A 200 -7.42 -1.94 -30.36
CA SER A 200 -8.27 -3.11 -30.68
C SER A 200 -9.15 -3.41 -29.48
N GLU A 201 -10.32 -4.01 -29.73
CA GLU A 201 -11.29 -4.21 -28.64
C GLU A 201 -11.08 -5.54 -27.97
N VAL A 202 -10.15 -6.34 -28.46
CA VAL A 202 -10.01 -7.71 -27.89
C VAL A 202 -9.57 -7.54 -26.44
N MET A 203 -9.02 -6.39 -26.08
CA MET A 203 -8.50 -6.18 -24.72
C MET A 203 -9.59 -5.60 -23.82
N ARG A 204 -10.79 -5.40 -24.37
CA ARG A 204 -11.93 -4.85 -23.58
C ARG A 204 -12.42 -5.83 -22.52
N GLU A 205 -12.55 -7.10 -22.86
CA GLU A 205 -13.14 -8.05 -21.89
C GLU A 205 -12.07 -8.82 -21.13
N VAL A 206 -10.80 -8.58 -21.42
CA VAL A 206 -9.70 -9.37 -20.80
C VAL A 206 -9.53 -8.95 -19.34
N ALA A 207 -9.53 -9.90 -18.41
CA ALA A 207 -9.20 -9.54 -17.00
C ALA A 207 -8.06 -10.40 -16.52
N TRP A 208 -7.62 -11.35 -17.33
CA TRP A 208 -6.40 -12.10 -16.96
C TRP A 208 -5.45 -12.12 -18.16
N VAL A 209 -4.23 -11.59 -18.03
CA VAL A 209 -3.19 -11.68 -19.10
C VAL A 209 -2.08 -12.55 -18.54
N ILE A 210 -1.81 -13.70 -19.16
CA ILE A 210 -0.82 -14.64 -18.58
C ILE A 210 0.50 -14.47 -19.32
N PHE A 211 1.52 -13.99 -18.60
CA PHE A 211 2.83 -13.72 -19.25
C PHE A 211 3.73 -14.90 -18.90
N ASP A 212 3.93 -15.79 -19.84
CA ASP A 212 4.78 -16.96 -19.58
C ASP A 212 6.20 -16.53 -19.80
N GLU A 213 7.14 -17.16 -19.13
CA GLU A 213 8.55 -16.90 -19.40
C GLU A 213 8.78 -15.40 -19.38
N ILE A 214 8.46 -14.76 -18.25
CA ILE A 214 8.68 -13.30 -18.08
C ILE A 214 10.18 -13.08 -17.94
N HIS A 215 10.94 -14.18 -17.81
CA HIS A 215 12.42 -14.10 -17.67
C HIS A 215 13.01 -13.91 -19.06
N TYR A 216 12.17 -13.70 -20.06
CA TYR A 216 12.65 -13.36 -21.42
C TYR A 216 12.59 -11.85 -21.56
N MET A 217 12.17 -11.14 -20.52
CA MET A 217 12.16 -9.66 -20.51
C MET A 217 13.62 -9.18 -20.45
N ARG A 218 14.52 -10.02 -19.97
CA ARG A 218 15.92 -9.58 -19.76
C ARG A 218 16.59 -9.19 -21.07
N ASP A 219 16.29 -9.89 -22.16
CA ASP A 219 17.07 -9.62 -23.38
C ASP A 219 16.88 -8.17 -23.79
N SER A 220 17.94 -7.53 -24.27
CA SER A 220 17.86 -6.11 -24.68
C SER A 220 16.86 -5.92 -25.80
N GLU A 221 16.89 -6.78 -26.80
CA GLU A 221 16.03 -6.57 -28.00
C GLU A 221 14.52 -6.73 -27.75
N ARG A 222 14.05 -7.73 -27.02
CA ARG A 222 12.57 -7.89 -26.87
C ARG A 222 12.13 -7.61 -25.44
N GLY A 223 13.00 -7.09 -24.61
CA GLY A 223 12.63 -6.67 -23.25
C GLY A 223 11.73 -5.47 -23.28
N VAL A 224 11.90 -4.59 -24.25
CA VAL A 224 10.97 -3.44 -24.34
C VAL A 224 9.55 -3.96 -24.59
N VAL A 225 9.35 -4.99 -25.42
CA VAL A 225 7.96 -5.43 -25.76
C VAL A 225 7.25 -5.91 -24.51
N TRP A 226 7.89 -6.73 -23.69
CA TRP A 226 7.20 -7.12 -22.44
C TRP A 226 6.98 -5.92 -21.52
N GLU A 227 7.97 -5.04 -21.32
CA GLU A 227 7.77 -3.94 -20.36
C GLU A 227 6.71 -3.01 -20.94
N GLU A 228 6.75 -2.79 -22.25
CA GLU A 228 5.77 -1.89 -22.90
C GLU A 228 4.38 -2.49 -22.79
N THR A 229 4.23 -3.78 -23.00
CA THR A 229 2.89 -4.40 -22.96
C THR A 229 2.33 -4.25 -21.55
N ILE A 230 3.12 -4.45 -20.51
CA ILE A 230 2.55 -4.42 -19.15
C ILE A 230 2.06 -3.02 -18.81
N ILE A 231 2.79 -1.97 -19.20
CA ILE A 231 2.39 -0.56 -18.90
C ILE A 231 1.14 -0.20 -19.69
N LEU A 232 1.06 -0.59 -20.95
CA LEU A 232 -0.09 -0.24 -21.83
C LEU A 232 -1.34 -0.95 -21.33
N LEU A 233 -1.19 -2.10 -20.69
CA LEU A 233 -2.34 -2.91 -20.22
C LEU A 233 -3.06 -2.17 -19.11
N PRO A 234 -4.39 -2.24 -19.03
CA PRO A 234 -5.10 -1.49 -18.04
C PRO A 234 -4.90 -1.91 -16.58
N ASP A 235 -5.11 -1.00 -15.64
CA ASP A 235 -4.93 -1.31 -14.20
C ASP A 235 -5.95 -2.36 -13.78
N ASN A 236 -7.08 -2.43 -14.49
CA ASN A 236 -8.16 -3.41 -14.16
C ASN A 236 -7.66 -4.84 -14.32
N VAL A 237 -6.88 -5.12 -15.36
CA VAL A 237 -6.44 -6.52 -15.64
C VAL A 237 -5.56 -7.06 -14.51
N HIS A 238 -5.77 -8.31 -14.11
CA HIS A 238 -4.90 -8.96 -13.11
C HIS A 238 -3.97 -9.89 -13.89
N TYR A 239 -2.69 -9.97 -13.54
CA TYR A 239 -1.74 -10.74 -14.39
C TYR A 239 -1.11 -11.93 -13.65
N VAL A 240 -0.99 -13.07 -14.34
CA VAL A 240 -0.26 -14.23 -13.73
C VAL A 240 1.06 -14.37 -14.50
N PHE A 241 2.20 -14.32 -13.79
CA PHE A 241 3.52 -14.37 -14.47
C PHE A 241 4.19 -15.70 -14.12
N LEU A 242 4.66 -16.43 -15.13
CA LEU A 242 5.35 -17.73 -14.89
C LEU A 242 6.83 -17.58 -15.22
N SER A 243 7.70 -17.67 -14.21
CA SER A 243 9.15 -17.46 -14.41
C SER A 243 9.95 -18.57 -13.76
N ALA A 244 11.16 -18.79 -14.25
CA ALA A 244 12.03 -19.77 -13.61
C ALA A 244 12.74 -19.01 -12.51
N THR A 245 13.69 -19.62 -11.82
CA THR A 245 14.25 -18.97 -10.63
C THR A 245 14.77 -17.59 -10.97
N ILE A 246 14.33 -16.59 -10.21
CA ILE A 246 14.86 -15.21 -10.39
C ILE A 246 15.21 -14.68 -9.01
N PRO A 247 16.40 -14.12 -8.77
CA PRO A 247 16.73 -13.51 -7.49
C PRO A 247 15.90 -12.28 -7.16
N ASN A 248 15.54 -11.45 -8.14
CA ASN A 248 14.80 -10.18 -7.92
C ASN A 248 13.30 -10.31 -8.18
N ALA A 249 12.68 -11.41 -7.78
CA ALA A 249 11.24 -11.64 -7.99
C ALA A 249 10.44 -10.60 -7.25
N ARG A 250 10.88 -10.21 -6.07
CA ARG A 250 10.09 -9.28 -5.25
C ARG A 250 9.94 -7.94 -5.95
N GLN A 251 10.99 -7.45 -6.60
CA GLN A 251 10.97 -6.11 -7.26
C GLN A 251 9.90 -6.09 -8.35
N PHE A 252 9.74 -7.18 -9.06
CA PHE A 252 8.75 -7.23 -10.14
C PHE A 252 7.38 -7.04 -9.52
N ALA A 253 7.18 -7.63 -8.36
CA ALA A 253 5.87 -7.51 -7.69
C ALA A 253 5.66 -6.04 -7.37
N GLU A 254 6.70 -5.38 -6.89
CA GLU A 254 6.57 -3.97 -6.47
C GLU A 254 6.28 -3.11 -7.69
N TRP A 255 6.78 -3.47 -8.87
CA TRP A 255 6.47 -2.71 -10.09
C TRP A 255 4.99 -2.85 -10.42
N ILE A 256 4.45 -4.06 -10.42
CA ILE A 256 3.02 -4.18 -10.83
C ILE A 256 2.14 -3.59 -9.74
N CYS A 257 2.63 -3.52 -8.49
CA CYS A 257 1.89 -2.82 -7.41
C CYS A 257 1.90 -1.31 -7.61
N HIS A 258 3.06 -0.70 -7.88
CA HIS A 258 3.14 0.76 -8.15
C HIS A 258 2.51 1.06 -9.50
N LEU A 259 2.84 0.29 -10.52
CA LEU A 259 2.36 0.60 -11.87
C LEU A 259 0.84 0.46 -11.96
N HIS A 260 0.25 -0.60 -11.39
CA HIS A 260 -1.21 -0.83 -11.60
C HIS A 260 -2.03 -0.71 -10.32
N LYS A 261 -1.44 -0.24 -9.23
CA LYS A 261 -2.21 0.02 -7.97
C LYS A 261 -2.94 -1.23 -7.52
N GLN A 262 -2.27 -2.38 -7.50
CA GLN A 262 -2.90 -3.67 -7.14
C GLN A 262 -1.84 -4.46 -6.42
N PRO A 263 -2.13 -5.62 -5.80
CA PRO A 263 -1.07 -6.41 -5.23
C PRO A 263 -0.59 -7.52 -6.16
N CYS A 264 0.70 -7.62 -6.43
CA CYS A 264 1.21 -8.74 -7.26
C CYS A 264 1.92 -9.71 -6.33
N HIS A 265 1.31 -10.83 -6.02
CA HIS A 265 1.90 -11.75 -5.04
C HIS A 265 3.11 -12.40 -5.68
N VAL A 266 4.07 -12.90 -4.91
CA VAL A 266 5.24 -13.61 -5.49
C VAL A 266 5.38 -14.98 -4.81
N ILE A 267 5.36 -16.07 -5.57
CA ILE A 267 5.50 -17.44 -5.00
C ILE A 267 6.81 -18.04 -5.52
N TYR A 268 7.74 -18.39 -4.63
CA TYR A 268 9.06 -18.90 -5.05
C TYR A 268 9.36 -20.24 -4.40
N THR A 269 9.69 -21.24 -5.21
CA THR A 269 10.07 -22.55 -4.67
C THR A 269 11.29 -23.00 -5.44
N ASP A 270 12.19 -23.74 -4.81
CA ASP A 270 13.42 -24.24 -5.46
C ASP A 270 13.16 -25.70 -5.81
N TYR A 271 11.90 -26.12 -5.75
CA TYR A 271 11.56 -27.55 -5.95
C TYR A 271 11.90 -28.00 -7.37
N ARG A 272 12.61 -29.12 -7.49
CA ARG A 272 12.85 -29.73 -8.81
C ARG A 272 12.23 -31.10 -8.67
N PRO A 273 11.31 -31.51 -9.55
CA PRO A 273 10.63 -32.77 -9.32
C PRO A 273 11.60 -33.94 -9.42
N THR A 274 12.49 -33.91 -10.40
CA THR A 274 13.47 -35.02 -10.55
C THR A 274 14.86 -34.49 -10.26
N PRO A 275 15.54 -35.06 -9.26
CA PRO A 275 16.82 -34.57 -8.87
C PRO A 275 17.81 -34.71 -10.03
N LEU A 276 18.68 -33.73 -10.18
CA LEU A 276 19.67 -33.74 -11.28
C LEU A 276 21.05 -33.95 -10.66
N GLN A 277 21.86 -34.82 -11.26
CA GLN A 277 23.23 -35.06 -10.79
C GLN A 277 24.14 -34.55 -11.88
N HIS A 278 25.15 -33.76 -11.56
CA HIS A 278 25.97 -33.12 -12.60
C HIS A 278 27.28 -33.86 -12.74
N TYR A 279 27.81 -33.99 -13.96
CA TYR A 279 29.02 -34.79 -14.25
C TYR A 279 29.96 -34.00 -15.15
N ILE A 280 31.26 -34.35 -15.20
CA ILE A 280 32.24 -33.69 -16.11
C ILE A 280 33.12 -34.73 -16.77
N PHE A 281 33.39 -34.56 -18.07
CA PHE A 281 34.28 -35.49 -18.79
C PHE A 281 35.59 -34.76 -19.06
N PRO A 282 36.69 -35.26 -18.49
CA PRO A 282 37.96 -34.66 -18.77
C PRO A 282 38.39 -35.18 -20.14
N ALA A 283 39.18 -34.41 -20.85
CA ALA A 283 39.62 -34.82 -22.19
C ALA A 283 40.45 -36.07 -22.06
N GLY A 284 40.38 -36.95 -23.06
CA GLY A 284 41.25 -38.14 -23.06
C GLY A 284 41.09 -38.95 -21.81
N GLY A 285 39.85 -39.11 -21.36
CA GLY A 285 39.64 -39.80 -20.08
C GLY A 285 38.78 -41.02 -20.25
N ASP A 286 39.09 -42.05 -19.50
CA ASP A 286 38.31 -43.29 -19.57
C ASP A 286 36.90 -43.02 -19.06
N GLY A 287 36.75 -42.19 -18.02
CA GLY A 287 35.41 -42.08 -17.42
C GLY A 287 34.90 -40.74 -16.99
N LEU A 288 33.59 -40.67 -16.75
CA LEU A 288 32.92 -39.44 -16.28
C LEU A 288 33.18 -39.29 -14.78
N HIS A 289 33.20 -38.06 -14.28
CA HIS A 289 33.54 -37.78 -12.86
C HIS A 289 32.39 -36.99 -12.25
N LEU A 290 32.04 -37.22 -10.98
CA LEU A 290 30.88 -36.55 -10.38
C LEU A 290 31.32 -35.24 -9.75
N VAL A 291 31.20 -34.13 -10.47
CA VAL A 291 31.48 -32.78 -9.91
C VAL A 291 30.40 -32.35 -8.90
N VAL A 292 29.11 -32.59 -9.14
CA VAL A 292 28.00 -32.12 -8.26
C VAL A 292 27.07 -33.29 -7.95
N ASP A 293 26.30 -33.26 -6.86
CA ASP A 293 25.48 -34.42 -6.42
C ASP A 293 24.00 -34.14 -6.59
N GLU A 294 23.15 -35.14 -6.32
CA GLU A 294 21.69 -34.95 -6.33
C GLU A 294 21.40 -33.98 -5.20
N ASN A 295 22.16 -34.12 -4.13
CA ASN A 295 22.00 -33.23 -2.96
C ASN A 295 22.56 -31.86 -3.34
N GLY A 296 23.28 -31.76 -4.45
CA GLY A 296 23.74 -30.44 -4.91
C GLY A 296 25.12 -30.14 -4.39
N ASP A 297 25.66 -31.04 -3.59
CA ASP A 297 26.96 -30.75 -2.97
C ASP A 297 28.01 -30.66 -4.05
N PHE A 298 28.91 -29.71 -3.97
CA PHE A 298 29.99 -29.70 -4.98
C PHE A 298 31.13 -30.56 -4.48
N ARG A 299 31.53 -31.55 -5.27
CA ARG A 299 32.69 -32.37 -4.89
C ARG A 299 33.92 -31.77 -5.54
N GLU A 300 34.69 -30.98 -4.79
CA GLU A 300 35.94 -30.36 -5.33
C GLU A 300 36.93 -31.47 -5.60
N ASP A 301 36.93 -32.50 -4.75
CA ASP A 301 37.96 -33.54 -4.89
C ASP A 301 37.90 -34.18 -6.27
N ASN A 302 36.72 -34.60 -6.70
CA ASN A 302 36.56 -35.21 -8.03
C ASN A 302 36.78 -34.14 -9.10
N PHE A 303 36.31 -32.91 -8.89
CA PHE A 303 36.41 -31.86 -9.94
C PHE A 303 37.87 -31.56 -10.24
N ASN A 304 38.70 -31.45 -9.21
CA ASN A 304 40.15 -31.22 -9.43
C ASN A 304 40.74 -32.47 -10.09
N THR A 305 40.30 -33.68 -9.70
CA THR A 305 40.81 -34.91 -10.35
C THR A 305 40.43 -34.88 -11.83
N ALA A 306 39.18 -34.63 -12.13
CA ALA A 306 38.74 -34.62 -13.51
C ALA A 306 39.60 -33.62 -14.21
N MET A 307 39.88 -32.52 -13.54
CA MET A 307 40.80 -31.51 -14.03
C MET A 307 42.22 -32.04 -14.17
N GLN A 308 42.64 -32.86 -13.22
CA GLN A 308 44.01 -33.33 -13.18
C GLN A 308 44.35 -34.15 -14.43
N VAL A 309 43.39 -34.95 -14.87
CA VAL A 309 43.53 -35.73 -16.10
C VAL A 309 43.69 -34.81 -17.30
N LEU A 310 43.01 -33.67 -17.27
CA LEU A 310 42.98 -32.72 -18.39
C LEU A 310 44.35 -32.16 -18.73
N ARG A 311 45.20 -31.96 -17.73
CA ARG A 311 46.52 -31.43 -18.01
C ARG A 311 47.21 -32.41 -18.95
N ASP A 312 46.98 -33.69 -18.70
CA ASP A 312 47.45 -34.73 -19.60
C ASP A 312 48.13 -35.82 -18.81
N SER A 332 35.05 -39.15 -31.95
CA SER A 332 34.97 -40.49 -31.32
C SER A 332 34.78 -40.33 -29.81
N ASN A 333 35.26 -39.22 -29.25
CA ASN A 333 35.09 -38.97 -27.79
C ASN A 333 33.59 -38.86 -27.47
N VAL A 334 32.85 -38.11 -28.29
CA VAL A 334 31.37 -38.02 -28.09
C VAL A 334 30.76 -39.39 -28.38
N PHE A 335 31.26 -40.10 -29.38
CA PHE A 335 30.61 -41.39 -29.78
C PHE A 335 30.66 -42.34 -28.59
N LYS A 336 31.78 -42.38 -27.89
CA LYS A 336 31.90 -43.28 -26.71
C LYS A 336 30.89 -42.85 -25.66
N ILE A 337 30.78 -41.55 -25.40
CA ILE A 337 29.85 -41.05 -24.32
C ILE A 337 28.40 -41.34 -24.72
N VAL A 338 28.03 -41.10 -25.98
CA VAL A 338 26.65 -41.38 -26.46
C VAL A 338 26.41 -42.89 -26.38
N LYS A 339 27.37 -43.70 -26.82
CA LYS A 339 27.19 -45.18 -26.82
C LYS A 339 27.05 -45.66 -25.38
N MET A 340 27.87 -45.12 -24.47
CA MET A 340 27.80 -45.50 -23.04
C MET A 340 26.40 -45.21 -22.52
N ILE A 341 25.87 -44.01 -22.81
CA ILE A 341 24.55 -43.61 -22.26
C ILE A 341 23.55 -44.64 -22.73
N MET A 342 23.61 -45.04 -24.00
CA MET A 342 22.59 -45.96 -24.57
C MET A 342 22.68 -47.35 -23.96
N GLU A 343 23.89 -47.86 -23.75
CA GLU A 343 24.06 -49.21 -23.18
C GLU A 343 23.52 -49.27 -21.75
N ARG A 344 23.71 -48.22 -20.96
CA ARG A 344 23.34 -48.25 -19.52
C ARG A 344 21.93 -47.74 -19.30
N ASN A 345 21.18 -47.60 -20.37
CA ASN A 345 19.78 -47.11 -20.29
C ASN A 345 19.75 -45.72 -19.69
N PHE A 346 20.64 -44.84 -20.15
CA PHE A 346 20.56 -43.43 -19.70
C PHE A 346 19.83 -42.64 -20.78
N GLN A 347 19.36 -43.31 -21.82
CA GLN A 347 18.67 -42.63 -22.95
C GLN A 347 17.36 -42.05 -22.39
N PRO A 348 16.61 -41.09 -23.00
CA PRO A 348 17.00 -40.31 -24.17
C PRO A 348 18.02 -39.20 -23.93
N VAL A 349 18.92 -38.91 -24.87
CA VAL A 349 20.00 -37.92 -24.59
C VAL A 349 19.88 -36.77 -25.56
N ILE A 350 19.84 -35.54 -25.07
CA ILE A 350 19.80 -34.36 -25.97
C ILE A 350 21.23 -33.86 -25.96
N ILE A 351 21.91 -33.91 -27.10
CA ILE A 351 23.33 -33.50 -27.12
C ILE A 351 23.34 -32.06 -27.60
N PHE A 352 23.64 -31.13 -26.71
CA PHE A 352 23.53 -29.69 -27.05
C PHE A 352 24.85 -29.19 -27.58
N SER A 353 24.93 -29.07 -28.90
CA SER A 353 26.16 -28.55 -29.55
C SER A 353 25.92 -27.08 -29.83
N PHE A 354 26.97 -26.27 -29.93
CA PHE A 354 26.78 -24.81 -30.03
C PHE A 354 26.77 -24.35 -31.48
N SER A 355 27.02 -25.27 -32.40
CA SER A 355 27.09 -24.90 -33.83
C SER A 355 26.32 -25.88 -34.70
N LYS A 356 25.66 -25.40 -35.73
CA LYS A 356 24.87 -26.24 -36.67
C LYS A 356 25.81 -27.20 -37.40
N LYS A 357 27.02 -26.76 -37.71
CA LYS A 357 28.02 -27.66 -38.34
C LYS A 357 28.43 -28.81 -37.40
N ASP A 358 28.67 -28.53 -36.11
CA ASP A 358 29.04 -29.57 -35.13
C ASP A 358 27.89 -30.53 -34.89
N CYS A 359 26.68 -30.03 -34.68
CA CYS A 359 25.55 -30.92 -34.33
C CYS A 359 25.22 -31.91 -35.44
N GLU A 360 25.11 -31.46 -36.68
CA GLU A 360 24.71 -32.35 -37.79
C GLU A 360 25.84 -33.35 -38.03
N ALA A 361 27.08 -32.89 -38.00
CA ALA A 361 28.23 -33.76 -38.29
C ALA A 361 28.38 -34.80 -37.22
N TYR A 362 28.09 -34.44 -35.98
CA TYR A 362 28.21 -35.41 -34.86
C TYR A 362 27.22 -36.54 -35.09
N ALA A 363 26.04 -36.22 -35.59
CA ALA A 363 25.01 -37.25 -35.75
C ALA A 363 25.49 -38.29 -36.71
N LEU A 364 26.13 -37.87 -37.79
CA LEU A 364 26.54 -38.83 -38.83
C LEU A 364 27.54 -39.80 -38.21
N GLN A 365 28.19 -39.41 -37.11
CA GLN A 365 29.09 -40.36 -36.42
C GLN A 365 28.28 -41.50 -35.82
N MET A 366 27.10 -41.21 -35.29
CA MET A 366 26.32 -42.26 -34.60
C MET A 366 25.46 -43.02 -35.60
N THR A 367 25.53 -42.67 -36.88
CA THR A 367 24.81 -43.43 -37.92
C THR A 367 25.42 -44.83 -37.92
N LYS A 368 26.63 -44.97 -37.39
CA LYS A 368 27.33 -46.26 -37.35
C LYS A 368 26.65 -47.18 -36.34
N LEU A 369 25.72 -46.68 -35.55
CA LEU A 369 24.97 -47.56 -34.61
C LEU A 369 23.46 -47.41 -34.79
N ASP A 370 22.71 -48.48 -34.61
CA ASP A 370 21.23 -48.44 -34.76
C ASP A 370 20.63 -48.39 -33.37
N PHE A 371 19.79 -47.38 -33.09
CA PHE A 371 19.25 -47.22 -31.74
C PHE A 371 17.75 -47.52 -31.75
N ASN A 372 17.20 -48.02 -32.86
CA ASN A 372 15.71 -48.19 -32.88
C ASN A 372 15.29 -49.64 -33.12
N THR A 373 14.12 -50.02 -32.62
CA THR A 373 13.58 -51.39 -32.87
C THR A 373 12.96 -51.42 -34.26
N ASP A 374 12.74 -52.62 -34.81
CA ASP A 374 12.14 -52.75 -36.16
C ASP A 374 10.71 -52.16 -36.12
N GLU A 375 9.97 -52.38 -35.04
CA GLU A 375 8.61 -51.78 -34.90
C GLU A 375 8.74 -50.26 -34.88
N GLU A 376 9.75 -49.73 -34.18
CA GLU A 376 9.95 -48.26 -34.08
C GLU A 376 10.22 -47.69 -35.48
N LYS A 377 11.00 -48.42 -36.30
CA LYS A 377 11.36 -47.91 -37.65
C LYS A 377 10.09 -47.78 -38.51
N LYS A 378 9.15 -48.72 -38.36
CA LYS A 378 7.86 -48.61 -39.09
C LYS A 378 7.10 -47.39 -38.58
N MET A 379 7.10 -47.17 -37.27
CA MET A 379 6.38 -46.01 -36.69
C MET A 379 7.01 -44.70 -37.17
N VAL A 380 8.33 -44.63 -37.24
CA VAL A 380 9.01 -43.40 -37.76
C VAL A 380 8.61 -43.21 -39.21
N GLU A 381 8.59 -44.29 -40.00
CA GLU A 381 8.21 -44.19 -41.44
C GLU A 381 6.75 -43.75 -41.56
N GLU A 382 5.87 -44.30 -40.73
CA GLU A 382 4.42 -43.94 -40.77
C GLU A 382 4.26 -42.46 -40.39
N VAL A 383 5.00 -41.99 -39.39
CA VAL A 383 4.88 -40.58 -38.94
C VAL A 383 5.52 -39.67 -39.99
N PHE A 384 6.76 -39.97 -40.43
CA PHE A 384 7.40 -39.03 -41.38
C PHE A 384 6.52 -38.85 -42.61
N SER A 385 5.98 -39.93 -43.16
CA SER A 385 5.18 -39.81 -44.41
C SER A 385 3.83 -39.14 -44.17
N ASN A 386 3.18 -39.42 -43.04
CA ASN A 386 1.91 -38.71 -42.76
C ASN A 386 2.26 -37.22 -42.64
N ALA A 387 3.36 -36.89 -41.99
CA ALA A 387 3.81 -35.49 -41.87
C ALA A 387 4.25 -34.90 -43.21
N ILE A 388 4.95 -35.66 -44.05
CA ILE A 388 5.50 -35.09 -45.31
C ILE A 388 4.50 -35.24 -46.46
N ASP A 389 3.34 -35.86 -46.25
CA ASP A 389 2.35 -35.92 -47.34
C ASP A 389 1.94 -34.51 -47.72
N CYS A 390 1.94 -33.59 -46.77
CA CYS A 390 1.47 -32.23 -47.05
C CYS A 390 2.32 -31.63 -48.16
N LEU A 391 3.62 -31.93 -48.18
CA LEU A 391 4.54 -31.33 -49.19
C LEU A 391 4.29 -31.88 -50.60
N SER A 392 4.65 -31.12 -51.64
CA SER A 392 4.40 -31.49 -53.05
C SER A 392 5.35 -32.58 -53.51
N ASP A 393 5.03 -33.32 -54.56
CA ASP A 393 5.86 -34.50 -54.93
C ASP A 393 7.28 -34.07 -55.32
N GLU A 394 7.40 -32.97 -56.04
CA GLU A 394 8.76 -32.47 -56.33
C GLU A 394 9.38 -32.06 -55.01
N ASP A 395 8.60 -31.47 -54.11
CA ASP A 395 9.09 -30.96 -52.79
C ASP A 395 9.53 -32.11 -51.87
N LYS A 396 8.84 -33.25 -51.90
CA LYS A 396 9.14 -34.40 -50.99
C LYS A 396 10.48 -35.02 -51.36
N LYS A 397 11.20 -34.44 -52.30
CA LYS A 397 12.45 -35.04 -52.76
C LYS A 397 13.57 -34.06 -52.54
N LEU A 398 13.36 -33.09 -51.68
CA LEU A 398 14.38 -32.03 -51.51
C LEU A 398 15.58 -32.70 -50.86
N PRO A 399 16.79 -32.16 -51.00
CA PRO A 399 17.94 -32.85 -50.50
C PRO A 399 17.79 -33.11 -49.01
N GLN A 400 17.26 -32.18 -48.22
CA GLN A 400 17.09 -32.52 -46.79
C GLN A 400 16.03 -33.57 -46.54
N VAL A 401 14.89 -33.53 -47.20
CA VAL A 401 13.79 -34.45 -46.80
C VAL A 401 14.29 -35.88 -46.93
N GLU A 402 15.00 -36.19 -47.99
CA GLU A 402 15.41 -37.59 -48.16
C GLU A 402 16.45 -37.93 -47.12
N HIS A 403 17.39 -37.04 -46.88
CA HIS A 403 18.53 -37.33 -45.96
C HIS A 403 18.15 -37.44 -44.50
N VAL A 404 17.19 -36.65 -44.05
CA VAL A 404 16.78 -36.67 -42.62
C VAL A 404 16.11 -37.99 -42.23
N LEU A 405 15.32 -38.61 -43.11
CA LEU A 405 14.59 -39.83 -42.68
C LEU A 405 15.55 -40.93 -42.28
N PRO A 406 16.64 -41.25 -43.00
CA PRO A 406 17.49 -42.33 -42.56
C PRO A 406 18.02 -42.04 -41.17
N LEU A 407 18.45 -40.82 -40.90
CA LEU A 407 19.03 -40.59 -39.57
C LEU A 407 17.93 -40.91 -38.57
N LEU A 408 16.71 -40.49 -38.84
CA LEU A 408 15.63 -40.63 -37.84
C LEU A 408 15.40 -42.10 -37.56
N LYS A 409 15.53 -42.93 -38.57
CA LYS A 409 15.16 -44.35 -38.36
C LYS A 409 16.07 -44.92 -37.28
N ARG A 410 17.33 -44.52 -37.28
CA ARG A 410 18.30 -45.11 -36.33
C ARG A 410 18.04 -44.59 -34.93
N GLY A 411 17.19 -43.58 -34.76
CA GLY A 411 17.00 -42.96 -33.44
C GLY A 411 17.85 -41.73 -33.30
N ILE A 412 18.49 -41.28 -34.39
CA ILE A 412 19.42 -40.13 -34.36
C ILE A 412 18.71 -38.92 -34.97
N GLY A 413 18.69 -37.78 -34.29
CA GLY A 413 17.92 -36.63 -34.78
C GLY A 413 18.71 -35.34 -34.69
N ILE A 414 18.35 -34.33 -35.49
CA ILE A 414 19.05 -33.01 -35.50
C ILE A 414 18.00 -31.94 -35.23
N HIS A 415 18.24 -31.01 -34.32
CA HIS A 415 17.31 -29.88 -34.16
C HIS A 415 18.08 -28.59 -34.32
N HIS A 416 18.02 -27.99 -35.50
CA HIS A 416 18.83 -26.78 -35.80
C HIS A 416 18.01 -25.78 -36.60
N GLY A 417 18.45 -24.54 -36.67
CA GLY A 417 17.66 -23.52 -37.36
C GLY A 417 18.00 -23.47 -38.81
N GLY A 418 18.67 -24.49 -39.29
CA GLY A 418 18.95 -24.56 -40.73
C GLY A 418 18.07 -25.64 -41.29
N LEU A 419 17.04 -25.99 -40.54
CA LEU A 419 16.20 -27.14 -40.95
C LEU A 419 14.93 -26.62 -41.59
N LEU A 420 14.45 -27.35 -42.58
CA LEU A 420 13.14 -26.94 -43.14
C LEU A 420 12.17 -27.10 -41.97
N PRO A 421 11.16 -26.24 -41.84
CA PRO A 421 10.27 -26.29 -40.72
C PRO A 421 9.46 -27.57 -40.57
N ILE A 422 8.99 -28.16 -41.66
CA ILE A 422 8.12 -29.36 -41.48
C ILE A 422 8.95 -30.48 -40.85
N LEU A 423 10.21 -30.64 -41.27
CA LEU A 423 11.08 -31.69 -40.73
C LEU A 423 11.35 -31.44 -39.25
N LYS A 424 11.63 -30.21 -38.84
CA LYS A 424 11.97 -29.90 -37.43
C LYS A 424 10.78 -30.22 -36.57
N GLU A 425 9.57 -29.94 -37.02
CA GLU A 425 8.38 -30.32 -36.24
C GLU A 425 8.25 -31.85 -36.17
N THR A 426 8.59 -32.57 -37.25
CA THR A 426 8.52 -34.04 -37.22
C THR A 426 9.50 -34.55 -36.18
N ILE A 427 10.69 -33.99 -36.13
CA ILE A 427 11.71 -34.46 -35.16
C ILE A 427 11.14 -34.22 -33.78
N GLU A 428 10.45 -33.11 -33.57
CA GLU A 428 9.87 -32.79 -32.26
C GLU A 428 8.79 -33.78 -31.88
N ILE A 429 7.94 -34.19 -32.83
CA ILE A 429 6.82 -35.12 -32.50
C ILE A 429 7.41 -36.47 -32.16
N LEU A 430 8.44 -36.89 -32.88
CA LEU A 430 9.04 -38.21 -32.64
C LEU A 430 9.71 -38.22 -31.28
N PHE A 431 10.46 -37.17 -30.93
CA PHE A 431 11.21 -37.20 -29.65
C PHE A 431 10.24 -37.31 -28.49
N SER A 432 9.10 -36.63 -28.58
CA SER A 432 8.07 -36.75 -27.53
C SER A 432 7.54 -38.18 -27.54
N GLU A 433 7.40 -38.78 -28.72
CA GLU A 433 6.79 -40.14 -28.81
C GLU A 433 7.80 -41.23 -28.50
N GLY A 434 9.08 -40.89 -28.38
CA GLY A 434 10.09 -41.89 -27.97
C GLY A 434 10.80 -42.51 -29.14
N LEU A 435 10.59 -42.00 -30.32
CA LEU A 435 11.16 -42.64 -31.52
C LEU A 435 12.53 -42.04 -31.84
N ILE A 436 12.98 -41.01 -31.12
CA ILE A 436 14.37 -40.48 -31.28
C ILE A 436 15.05 -40.57 -29.92
N LYS A 437 16.09 -41.39 -29.80
CA LYS A 437 16.72 -41.66 -28.49
C LYS A 437 18.03 -40.88 -28.34
N ALA A 438 18.49 -40.19 -29.38
CA ALA A 438 19.66 -39.31 -29.22
C ALA A 438 19.45 -38.11 -30.12
N LEU A 439 19.09 -36.97 -29.55
CA LEU A 439 18.78 -35.78 -30.37
C LEU A 439 19.95 -34.83 -30.25
N PHE A 440 20.46 -34.36 -31.38
CA PHE A 440 21.57 -33.40 -31.35
C PHE A 440 20.91 -32.04 -31.55
N ALA A 441 21.10 -31.09 -30.64
CA ALA A 441 20.34 -29.82 -30.75
C ALA A 441 21.21 -28.59 -30.55
N THR A 442 20.90 -27.52 -31.26
CA THR A 442 21.61 -26.24 -31.04
C THR A 442 20.98 -25.67 -29.77
N GLU A 443 21.52 -24.60 -29.20
CA GLU A 443 21.02 -24.11 -27.90
C GLU A 443 19.55 -23.72 -27.93
N THR A 444 19.06 -23.06 -28.97
CA THR A 444 17.68 -22.48 -28.95
C THR A 444 16.61 -23.57 -28.81
N PHE A 445 16.96 -24.83 -29.06
CA PHE A 445 15.94 -25.85 -28.78
C PHE A 445 15.63 -25.72 -27.31
N ALA A 446 16.63 -25.35 -26.52
CA ALA A 446 16.35 -25.11 -25.09
C ALA A 446 15.17 -24.13 -24.96
N MET A 447 15.16 -23.01 -25.67
CA MET A 447 14.04 -22.05 -25.44
C MET A 447 12.70 -22.72 -25.77
N GLY A 448 12.70 -23.69 -26.68
CA GLY A 448 11.47 -24.37 -27.12
C GLY A 448 10.79 -25.14 -26.02
N ILE A 449 9.47 -25.36 -26.15
CA ILE A 449 8.66 -25.98 -25.06
C ILE A 449 8.97 -27.46 -24.80
N ASN A 450 8.97 -27.86 -23.53
CA ASN A 450 9.07 -29.29 -23.17
C ASN A 450 10.21 -30.00 -23.87
N MET A 451 9.85 -31.16 -24.40
CA MET A 451 10.78 -32.16 -24.97
C MET A 451 11.92 -32.39 -23.98
N PRO A 452 11.65 -32.77 -22.71
CA PRO A 452 12.68 -33.04 -21.72
C PRO A 452 13.23 -34.46 -21.88
N ALA A 453 14.43 -34.72 -21.36
CA ALA A 453 15.08 -36.02 -21.57
C ALA A 453 15.72 -36.56 -20.30
N ARG A 454 16.30 -37.76 -20.32
CA ARG A 454 17.03 -38.26 -19.14
C ARG A 454 18.43 -37.69 -19.06
N THR A 455 19.15 -37.62 -20.18
CA THR A 455 20.56 -37.17 -20.13
C THR A 455 20.75 -35.98 -21.07
N VAL A 456 21.47 -34.95 -20.63
CA VAL A 456 21.82 -33.80 -21.50
C VAL A 456 23.33 -33.80 -21.57
N LEU A 457 23.91 -33.74 -22.76
CA LEU A 457 25.37 -33.83 -22.90
C LEU A 457 25.86 -32.58 -23.61
N PHE A 458 26.94 -31.99 -23.13
CA PHE A 458 27.38 -30.72 -23.74
C PHE A 458 28.64 -30.98 -24.56
N THR A 459 28.58 -30.74 -25.86
CA THR A 459 29.70 -31.08 -26.74
C THR A 459 30.82 -30.06 -26.57
N ASN A 460 30.56 -28.99 -25.81
CA ASN A 460 31.61 -27.96 -25.54
C ASN A 460 31.21 -27.17 -24.29
N ALA A 461 32.19 -26.66 -23.53
CA ALA A 461 31.87 -25.81 -22.37
C ALA A 461 32.05 -24.34 -22.76
N ARG A 462 32.39 -24.07 -24.01
CA ARG A 462 32.65 -22.67 -24.45
C ARG A 462 31.80 -22.32 -25.67
N LYS A 463 31.14 -21.15 -25.64
CA LYS A 463 30.33 -20.68 -26.80
C LYS A 463 30.89 -19.32 -27.26
N PHE A 464 31.10 -19.18 -28.58
CA PHE A 464 31.63 -17.90 -29.12
C PHE A 464 30.62 -16.77 -28.89
N ASP A 465 31.10 -15.59 -28.49
CA ASP A 465 30.20 -14.41 -28.30
C ASP A 465 30.35 -13.50 -29.51
N GLY A 466 30.99 -13.99 -30.58
CA GLY A 466 31.28 -13.15 -31.76
C GLY A 466 32.48 -12.28 -31.54
N LYS A 467 32.45 -11.40 -30.53
CA LYS A 467 33.65 -10.59 -30.20
C LYS A 467 34.77 -11.52 -29.72
N ASP A 468 34.45 -12.49 -28.87
CA ASP A 468 35.47 -13.45 -28.36
C ASP A 468 34.80 -14.74 -27.89
N PHE A 469 35.54 -15.85 -27.83
CA PHE A 469 34.99 -17.12 -27.28
C PHE A 469 34.92 -17.02 -25.75
N ARG A 470 33.85 -17.56 -25.14
CA ARG A 470 33.67 -17.45 -23.68
C ARG A 470 33.06 -18.75 -23.13
N TRP A 471 33.25 -19.03 -21.83
CA TRP A 471 32.63 -20.22 -21.19
C TRP A 471 31.11 -20.01 -21.09
N ILE A 472 30.33 -21.09 -21.04
CA ILE A 472 28.86 -20.93 -21.03
C ILE A 472 28.51 -20.27 -19.71
N SER A 473 27.53 -19.39 -19.71
CA SER A 473 27.22 -18.66 -18.46
C SER A 473 26.53 -19.61 -17.51
N SER A 474 26.50 -19.24 -16.25
CA SER A 474 25.86 -20.07 -15.23
C SER A 474 24.42 -20.22 -15.66
N GLY A 475 23.81 -19.15 -16.14
CA GLY A 475 22.39 -19.16 -16.53
C GLY A 475 22.14 -20.12 -17.66
N GLU A 476 23.04 -20.18 -18.62
CA GLU A 476 22.86 -21.06 -19.81
C GLU A 476 22.85 -22.52 -19.41
N TYR A 477 23.74 -22.91 -18.51
CA TYR A 477 23.79 -24.31 -18.03
C TYR A 477 22.46 -24.60 -17.34
N ILE A 478 21.90 -23.65 -16.59
CA ILE A 478 20.65 -23.87 -15.80
C ILE A 478 19.47 -24.16 -16.72
N GLN A 479 19.37 -23.49 -17.87
CA GLN A 479 18.29 -23.75 -18.85
C GLN A 479 18.49 -25.09 -19.55
N MET A 480 19.65 -25.28 -20.13
CA MET A 480 19.92 -26.51 -20.93
C MET A 480 20.00 -27.75 -20.04
N SER A 481 20.47 -27.64 -18.81
CA SER A 481 20.50 -28.77 -17.87
C SER A 481 19.10 -29.15 -17.42
N GLY A 482 18.13 -28.26 -17.50
CA GLY A 482 16.78 -28.52 -16.97
C GLY A 482 15.95 -29.29 -17.97
N ARG A 483 16.51 -29.62 -19.13
CA ARG A 483 15.82 -30.46 -20.13
C ARG A 483 16.18 -31.88 -19.72
N ALA A 484 16.84 -32.03 -18.58
CA ALA A 484 17.16 -33.36 -18.01
C ALA A 484 16.26 -33.58 -16.82
N GLY A 485 15.76 -34.78 -16.69
CA GLY A 485 14.83 -35.07 -15.61
C GLY A 485 13.41 -35.03 -16.10
N ARG A 486 12.97 -36.11 -16.75
CA ARG A 486 11.54 -36.17 -17.10
C ARG A 486 10.90 -36.49 -15.76
N ARG A 487 9.83 -35.82 -15.37
CA ARG A 487 9.32 -35.97 -13.99
C ARG A 487 8.88 -37.37 -13.66
N GLY A 488 8.19 -38.04 -14.56
CA GLY A 488 7.64 -39.35 -14.17
C GLY A 488 8.49 -40.51 -14.64
N MET A 489 8.89 -40.48 -15.91
CA MET A 489 9.63 -41.63 -16.48
C MET A 489 10.96 -41.78 -15.76
N ASP A 490 11.63 -40.68 -15.48
CA ASP A 490 12.99 -40.84 -14.93
C ASP A 490 12.97 -40.64 -13.42
N ASP A 491 13.50 -41.60 -12.68
CA ASP A 491 13.66 -41.46 -11.22
C ASP A 491 14.64 -40.33 -10.97
N ARG A 492 15.66 -40.21 -11.81
CA ARG A 492 16.71 -39.19 -11.63
C ARG A 492 17.10 -38.58 -12.98
N GLY A 493 17.90 -37.54 -12.99
CA GLY A 493 18.36 -36.92 -14.23
C GLY A 493 19.87 -36.79 -14.24
N ILE A 494 20.49 -36.93 -15.41
CA ILE A 494 21.97 -36.94 -15.46
C ILE A 494 22.41 -35.85 -16.43
N VAL A 495 23.41 -35.04 -16.06
CA VAL A 495 23.91 -33.95 -16.94
C VAL A 495 25.41 -34.10 -17.10
N ILE A 496 25.94 -34.06 -18.33
CA ILE A 496 27.39 -34.29 -18.59
C ILE A 496 27.97 -33.07 -19.31
N LEU A 497 29.13 -32.59 -18.87
CA LEU A 497 29.82 -31.46 -19.53
C LEU A 497 31.17 -31.96 -19.99
N MET A 498 31.53 -31.68 -21.22
CA MET A 498 32.85 -32.08 -21.74
C MET A 498 33.73 -30.83 -21.70
N VAL A 499 34.82 -30.87 -20.96
CA VAL A 499 35.66 -29.66 -20.78
C VAL A 499 36.94 -29.83 -21.59
N ASP A 500 37.31 -28.84 -22.40
CA ASP A 500 38.47 -28.97 -23.32
C ASP A 500 39.60 -28.04 -22.90
N GLU A 501 39.41 -27.21 -21.89
CA GLU A 501 40.43 -26.21 -21.49
C GLU A 501 40.46 -26.16 -19.97
N LYS A 502 41.62 -25.88 -19.36
CA LYS A 502 41.73 -25.95 -17.88
C LYS A 502 40.75 -24.97 -17.25
N MET A 503 40.11 -25.35 -16.15
CA MET A 503 39.12 -24.48 -15.48
C MET A 503 39.45 -24.46 -13.99
N SER A 504 39.41 -23.27 -13.40
CA SER A 504 39.71 -23.13 -11.96
C SER A 504 38.49 -23.66 -11.22
N PRO A 505 38.62 -24.11 -9.97
CA PRO A 505 37.47 -24.54 -9.22
C PRO A 505 36.47 -23.39 -9.18
N THR A 506 36.96 -22.16 -9.09
CA THR A 506 36.08 -20.96 -8.98
C THR A 506 35.16 -20.86 -10.19
N ILE A 507 35.64 -21.12 -11.41
CA ILE A 507 34.75 -21.10 -12.60
C ILE A 507 33.71 -22.24 -12.51
N GLY A 508 34.12 -23.44 -12.15
CA GLY A 508 33.23 -24.60 -12.09
C GLY A 508 32.15 -24.47 -11.06
N LYS A 509 32.47 -23.88 -9.92
CA LYS A 509 31.46 -23.65 -8.87
C LYS A 509 30.38 -22.71 -9.39
N GLN A 510 30.75 -21.67 -10.11
CA GLN A 510 29.72 -20.81 -10.73
C GLN A 510 29.00 -21.49 -11.90
N LEU A 511 29.68 -22.17 -12.83
CA LEU A 511 28.95 -22.70 -14.00
C LEU A 511 27.93 -23.72 -13.56
N LEU A 512 28.32 -24.63 -12.68
CA LEU A 512 27.43 -25.74 -12.28
C LEU A 512 26.45 -25.31 -11.19
N LYS A 513 26.92 -24.55 -10.21
CA LYS A 513 26.09 -24.20 -9.03
C LYS A 513 25.67 -22.74 -9.07
N GLY A 514 25.69 -22.12 -10.25
CA GLY A 514 25.40 -20.68 -10.37
C GLY A 514 24.00 -20.26 -10.04
N SER A 515 23.88 -19.17 -9.27
CA SER A 515 22.56 -18.62 -8.93
C SER A 515 21.98 -18.06 -10.21
N ALA A 516 20.68 -18.17 -10.41
CA ALA A 516 20.12 -17.76 -11.70
C ALA A 516 20.27 -16.26 -11.88
N ASP A 517 20.42 -15.81 -13.11
CA ASP A 517 20.69 -14.38 -13.38
C ASP A 517 19.52 -13.53 -12.89
N PRO A 518 19.75 -12.31 -12.40
CA PRO A 518 18.67 -11.43 -12.00
C PRO A 518 17.89 -10.96 -13.22
N LEU A 519 16.59 -10.66 -13.07
CA LEU A 519 15.73 -10.18 -14.18
C LEU A 519 15.91 -8.68 -14.23
N ASN A 520 16.67 -8.19 -15.21
CA ASN A 520 16.97 -6.74 -15.23
C ASN A 520 16.47 -6.15 -16.55
N SER A 521 15.93 -4.94 -16.51
CA SER A 521 15.30 -4.32 -17.68
C SER A 521 16.26 -3.99 -18.81
N ALA A 522 15.75 -3.98 -20.04
CA ALA A 522 16.58 -3.56 -21.18
C ALA A 522 15.69 -2.69 -22.04
N PHE A 523 15.30 -1.54 -21.51
CA PHE A 523 14.32 -0.69 -22.20
C PHE A 523 15.08 0.14 -23.20
N HIS A 524 14.89 -0.15 -24.48
CA HIS A 524 15.55 0.62 -25.54
C HIS A 524 14.47 1.34 -26.32
N LEU A 525 14.55 2.66 -26.38
CA LEU A 525 13.51 3.43 -27.08
C LEU A 525 13.56 3.09 -28.57
N THR A 526 12.42 2.91 -29.20
CA THR A 526 12.33 2.59 -30.64
C THR A 526 11.38 3.63 -31.21
N TYR A 527 11.55 4.00 -32.47
CA TYR A 527 10.69 5.03 -33.10
C TYR A 527 9.24 4.53 -33.14
N ASN A 528 9.03 3.22 -33.24
CA ASN A 528 7.66 2.67 -33.14
C ASN A 528 7.12 2.99 -31.76
N MET A 529 7.95 2.91 -30.72
CA MET A 529 7.47 3.31 -29.37
C MET A 529 7.18 4.81 -29.33
N VAL A 530 8.09 5.65 -29.81
CA VAL A 530 7.85 7.10 -29.68
C VAL A 530 6.68 7.48 -30.58
N LEU A 531 6.68 7.01 -31.83
CA LEU A 531 5.65 7.48 -32.78
C LEU A 531 4.26 7.00 -32.33
N ASN A 532 4.13 5.75 -31.90
CA ASN A 532 2.79 5.23 -31.56
C ASN A 532 2.24 6.02 -30.38
N LEU A 533 3.07 6.32 -29.39
CA LEU A 533 2.61 7.01 -28.16
C LEU A 533 2.19 8.44 -28.48
N LEU A 534 2.80 9.07 -29.46
CA LEU A 534 2.38 10.43 -29.89
C LEU A 534 0.96 10.32 -30.48
N ARG A 535 0.70 9.24 -31.21
CA ARG A 535 -0.63 9.05 -31.84
C ARG A 535 -1.70 8.97 -30.75
N VAL A 536 -1.44 8.18 -29.70
CA VAL A 536 -2.45 8.00 -28.63
C VAL A 536 -2.51 9.31 -27.89
N GLU A 537 -3.70 9.87 -27.73
CA GLU A 537 -3.82 11.21 -27.12
C GLU A 537 -3.47 11.22 -25.65
N GLU A 538 -3.99 10.26 -24.90
CA GLU A 538 -3.78 10.33 -23.44
C GLU A 538 -2.30 10.20 -23.06
N ILE A 539 -1.57 9.28 -23.68
CA ILE A 539 -0.18 9.02 -23.23
C ILE A 539 0.89 9.77 -24.03
N ASN A 540 2.06 9.98 -23.42
CA ASN A 540 3.18 10.72 -24.06
C ASN A 540 4.37 9.77 -24.08
N PRO A 541 5.38 9.91 -24.96
CA PRO A 541 6.45 8.94 -24.99
C PRO A 541 7.10 8.90 -23.61
N GLU A 542 7.16 10.02 -22.92
CA GLU A 542 7.81 10.13 -21.59
C GLU A 542 7.10 9.25 -20.56
N TYR A 543 5.83 8.92 -20.77
CA TYR A 543 5.08 8.16 -19.75
C TYR A 543 5.78 6.84 -19.57
N MET A 544 6.12 6.20 -20.69
CA MET A 544 6.71 4.85 -20.57
C MET A 544 8.02 4.98 -19.83
N LEU A 545 8.77 6.04 -20.05
CA LEU A 545 10.10 6.09 -19.41
C LEU A 545 9.92 6.05 -17.90
N GLU A 546 8.99 6.81 -17.33
CA GLU A 546 8.84 6.88 -15.85
C GLU A 546 8.29 5.58 -15.28
N LYS A 547 7.39 4.92 -16.01
CA LYS A 547 6.72 3.69 -15.51
C LYS A 547 7.59 2.49 -15.87
N SER A 548 8.72 2.72 -16.51
CA SER A 548 9.56 1.59 -16.99
C SER A 548 10.24 0.89 -15.82
N PHE A 549 10.65 -0.34 -16.04
CA PHE A 549 11.34 -1.08 -14.98
C PHE A 549 12.61 -0.31 -14.68
N TYR A 550 13.27 0.22 -15.71
CA TYR A 550 14.59 0.89 -15.52
C TYR A 550 14.49 2.07 -14.56
N GLN A 551 13.37 2.80 -14.59
CA GLN A 551 13.14 3.93 -13.66
C GLN A 551 12.36 3.45 -12.45
N PHE A 552 12.10 2.15 -12.31
CA PHE A 552 11.48 1.64 -11.05
C PHE A 552 12.60 1.14 -10.17
N GLN A 553 13.81 1.42 -10.61
CA GLN A 553 14.96 1.08 -9.75
C GLN A 553 15.16 2.35 -8.92
N HIS A 554 14.12 3.19 -8.86
CA HIS A 554 14.11 4.40 -8.01
C HIS A 554 14.22 3.88 -6.59
N TYR A 555 13.96 2.59 -6.42
CA TYR A 555 13.97 1.99 -5.08
C TYR A 555 15.36 2.09 -4.45
N ARG A 556 16.43 2.27 -5.22
CA ARG A 556 17.74 2.44 -4.54
C ARG A 556 18.08 3.90 -4.26
N ALA A 557 17.35 4.86 -4.81
CA ALA A 557 17.77 6.26 -4.59
C ALA A 557 17.66 6.50 -3.09
N ILE A 558 16.61 5.99 -2.49
CA ILE A 558 16.41 6.16 -1.03
C ILE A 558 17.60 5.48 -0.35
N PRO A 559 18.10 4.35 -0.85
CA PRO A 559 19.29 3.77 -0.25
C PRO A 559 20.52 4.67 -0.43
N GLY A 560 20.66 5.31 -1.58
CA GLY A 560 21.86 6.12 -1.81
C GLY A 560 21.88 7.20 -0.77
N VAL A 561 20.71 7.77 -0.48
CA VAL A 561 20.60 8.87 0.53
C VAL A 561 21.01 8.34 1.90
N VAL A 562 20.59 7.13 2.23
CA VAL A 562 20.89 6.61 3.60
C VAL A 562 22.39 6.49 3.73
N GLU A 563 23.09 6.03 2.70
CA GLU A 563 24.57 6.01 2.88
C GLU A 563 25.14 7.42 3.00
N LYS A 564 24.69 8.38 2.19
CA LYS A 564 25.24 9.76 2.20
C LYS A 564 25.19 10.35 3.61
N VAL A 565 24.00 10.39 4.23
CA VAL A 565 23.87 10.92 5.62
C VAL A 565 24.65 10.05 6.61
N LYS A 566 24.55 8.73 6.50
CA LYS A 566 25.22 7.88 7.52
C LYS A 566 26.72 8.09 7.40
N ASN A 567 27.27 8.07 6.17
CA ASN A 567 28.74 8.16 6.02
C ASN A 567 29.21 9.54 6.51
N SER A 568 28.45 10.58 6.18
CA SER A 568 28.84 11.96 6.55
C SER A 568 28.87 12.07 8.07
N GLU A 569 27.92 11.45 8.76
CA GLU A 569 27.97 11.47 10.24
C GLU A 569 29.23 10.75 10.70
N GLU A 570 29.57 9.65 10.03
CA GLU A 570 30.77 8.87 10.42
C GLU A 570 32.02 9.74 10.24
N GLN A 571 32.06 10.54 9.17
CA GLN A 571 33.26 11.36 8.91
C GLN A 571 33.39 12.29 10.11
N TYR A 572 32.27 12.82 10.59
CA TYR A 572 32.29 13.79 11.71
C TYR A 572 32.85 13.16 13.01
N ASN A 573 32.54 11.89 13.27
CA ASN A 573 33.13 11.21 14.45
C ASN A 573 34.64 11.07 14.22
N LYS A 574 35.04 10.75 13.00
CA LYS A 574 36.48 10.65 12.64
C LYS A 574 37.16 12.01 12.74
N ILE A 575 36.45 13.10 12.39
CA ILE A 575 37.09 14.46 12.33
C ILE A 575 37.63 14.88 13.71
N VAL A 576 36.90 14.63 14.80
CA VAL A 576 37.47 14.96 16.14
C VAL A 576 38.73 14.12 16.38
N ILE A 577 38.72 12.84 16.01
CA ILE A 577 39.92 11.96 16.16
C ILE A 577 41.05 12.50 15.28
N PRO A 578 40.77 13.00 14.05
CA PRO A 578 41.84 13.43 13.14
C PRO A 578 42.60 14.66 13.65
N ASN A 579 43.88 14.78 13.29
CA ASN A 579 44.73 15.90 13.79
C ASN A 579 44.53 17.17 12.94
N GLU A 580 45.37 18.18 13.13
CA GLU A 580 45.23 19.48 12.43
C GLU A 580 45.59 19.36 10.95
N GLU A 581 45.33 20.41 10.17
CA GLU A 581 45.57 20.39 8.70
C GLU A 581 47.05 20.19 8.39
N SER A 582 47.94 20.40 9.35
CA SER A 582 49.41 20.29 9.09
C SER A 582 49.73 18.88 8.59
N VAL A 583 49.12 17.84 9.18
CA VAL A 583 49.34 16.45 8.70
C VAL A 583 48.81 16.32 7.27
N VAL A 584 47.68 16.98 6.96
CA VAL A 584 47.07 16.92 5.60
C VAL A 584 48.05 17.52 4.58
N ILE A 585 48.72 18.61 4.95
CA ILE A 585 49.71 19.26 4.04
C ILE A 585 50.77 18.22 3.66
N TYR A 586 51.21 17.40 4.62
CA TYR A 586 52.19 16.32 4.34
C TYR A 586 51.50 15.30 3.46
N TYR A 587 50.23 15.03 3.74
CA TYR A 587 49.52 13.97 2.99
C TYR A 587 49.53 14.40 1.53
N LYS A 588 49.27 15.68 1.25
CA LYS A 588 49.20 16.06 -0.18
C LYS A 588 50.58 15.87 -0.79
N ILE A 589 51.65 16.30 -0.11
CA ILE A 589 53.04 16.22 -0.65
C ILE A 589 53.43 14.76 -0.77
N ARG A 590 53.05 13.97 0.22
CA ARG A 590 53.31 12.53 0.10
C ARG A 590 52.50 12.00 -1.08
N GLN A 591 51.22 12.35 -1.17
CA GLN A 591 50.38 11.76 -2.25
C GLN A 591 50.85 12.28 -3.61
N GLN A 592 51.19 13.56 -3.72
CA GLN A 592 51.56 14.09 -5.04
C GLN A 592 52.83 13.40 -5.52
N LEU A 593 53.77 13.16 -4.61
CA LEU A 593 55.02 12.45 -4.99
C LEU A 593 54.66 11.03 -5.45
N ALA A 594 53.69 10.38 -4.83
CA ALA A 594 53.28 9.07 -5.35
C ALA A 594 52.70 9.25 -6.74
N LYS A 595 51.88 10.29 -6.94
CA LYS A 595 51.24 10.57 -8.26
C LYS A 595 52.29 10.93 -9.30
N LEU A 596 53.29 11.73 -8.91
CA LEU A 596 54.41 12.04 -9.84
C LEU A 596 55.16 10.75 -10.13
N GLY A 597 55.26 9.86 -9.14
CA GLY A 597 56.00 8.61 -9.33
C GLY A 597 55.40 7.77 -10.43
N LYS A 598 54.08 7.71 -10.48
CA LYS A 598 53.38 6.90 -11.51
C LYS A 598 53.75 7.45 -12.89
N GLU A 599 53.90 8.76 -12.99
CA GLU A 599 54.27 9.39 -14.27
C GLU A 599 55.67 8.97 -14.71
N ILE A 600 56.60 8.80 -13.76
CA ILE A 600 57.97 8.33 -14.10
C ILE A 600 57.84 6.94 -14.69
N GLU A 601 56.93 6.13 -14.14
CA GLU A 601 56.69 4.76 -14.63
C GLU A 601 56.12 4.78 -16.04
N GLU A 602 55.26 5.73 -16.39
CA GLU A 602 54.60 5.73 -17.72
C GLU A 602 55.67 5.77 -18.80
N TYR A 603 56.71 6.54 -18.56
CA TYR A 603 57.85 6.61 -19.52
C TYR A 603 58.61 5.30 -19.60
N ILE A 604 58.87 4.65 -18.47
CA ILE A 604 59.66 3.38 -18.46
C ILE A 604 58.93 2.31 -19.26
N HIS A 605 57.61 2.18 -19.11
CA HIS A 605 56.81 1.12 -19.79
C HIS A 605 56.82 1.34 -21.31
N LYS A 606 57.10 2.55 -21.77
CA LYS A 606 56.96 2.85 -23.21
C LYS A 606 57.73 1.81 -24.01
N PRO A 607 57.14 1.21 -25.06
CA PRO A 607 57.80 0.15 -25.79
C PRO A 607 59.12 0.52 -26.49
N LYS A 608 59.36 1.79 -26.77
CA LYS A 608 60.63 2.23 -27.39
C LYS A 608 61.80 2.06 -26.44
N TYR A 609 61.60 2.34 -25.16
CA TYR A 609 62.72 2.30 -24.18
C TYR A 609 62.73 0.99 -23.40
N CYS A 610 61.58 0.53 -22.96
CA CYS A 610 61.45 -0.69 -22.14
C CYS A 610 61.81 -1.94 -22.91
N LEU A 611 61.30 -2.09 -24.13
CA LEU A 611 61.48 -3.38 -24.86
C LEU A 611 62.94 -3.73 -25.15
N PRO A 612 63.84 -2.84 -25.57
CA PRO A 612 65.20 -3.25 -25.80
C PRO A 612 65.73 -3.81 -24.48
N PHE A 613 65.27 -3.27 -23.36
CA PHE A 613 65.81 -3.65 -22.03
C PHE A 613 65.06 -4.82 -21.40
N LEU A 614 63.94 -5.25 -21.94
CA LEU A 614 63.29 -6.43 -21.34
C LEU A 614 63.96 -7.68 -21.88
N GLN A 615 65.23 -7.87 -21.55
CA GLN A 615 66.01 -9.02 -22.01
C GLN A 615 65.72 -10.19 -21.08
N PRO A 616 66.02 -11.43 -21.49
CA PRO A 616 65.79 -12.58 -20.66
C PRO A 616 66.68 -12.53 -19.41
N GLY A 617 66.16 -12.94 -18.26
CA GLY A 617 66.97 -13.01 -17.04
C GLY A 617 66.94 -11.73 -16.22
N ARG A 618 66.28 -10.69 -16.72
CA ARG A 618 66.29 -9.37 -16.04
C ARG A 618 65.47 -9.41 -14.77
N LEU A 619 65.76 -8.53 -13.82
CA LEU A 619 64.87 -8.45 -12.64
C LEU A 619 63.92 -7.29 -12.93
N VAL A 620 62.62 -7.57 -12.99
CA VAL A 620 61.59 -6.54 -13.28
C VAL A 620 60.50 -6.66 -12.22
N LYS A 621 59.79 -5.58 -11.94
CA LYS A 621 58.69 -5.63 -10.94
C LYS A 621 57.36 -5.42 -11.67
N VAL A 622 56.39 -6.31 -11.45
CA VAL A 622 55.10 -6.21 -12.17
C VAL A 622 53.99 -5.88 -11.19
N LYS A 623 53.20 -4.83 -11.48
CA LYS A 623 52.06 -4.48 -10.61
C LYS A 623 50.78 -4.39 -11.46
N ASN A 624 49.72 -5.09 -11.05
CA ASN A 624 48.41 -4.98 -11.75
C ASN A 624 47.65 -3.83 -11.07
N GLU A 625 46.35 -3.69 -11.34
CA GLU A 625 45.61 -2.62 -10.61
C GLU A 625 45.23 -3.15 -9.24
N GLY A 626 45.88 -2.65 -8.19
CA GLY A 626 45.56 -3.06 -6.80
C GLY A 626 46.23 -4.37 -6.41
N ASP A 627 46.97 -4.97 -7.34
CA ASP A 627 47.70 -6.23 -7.05
C ASP A 627 49.18 -5.99 -7.32
N ASP A 628 50.04 -6.26 -6.34
CA ASP A 628 51.49 -6.14 -6.61
C ASP A 628 52.08 -7.56 -6.62
N PHE A 629 52.64 -7.97 -7.74
CA PHE A 629 53.27 -9.31 -7.84
C PHE A 629 54.69 -9.18 -7.29
N GLY A 630 55.25 -7.97 -7.37
CA GLY A 630 56.58 -7.75 -6.79
C GLY A 630 57.67 -8.19 -7.73
N TRP A 631 58.88 -8.41 -7.20
CA TRP A 631 60.04 -8.76 -8.06
C TRP A 631 59.87 -10.10 -8.78
N GLY A 632 60.33 -10.15 -10.02
CA GLY A 632 60.28 -11.38 -10.81
C GLY A 632 61.29 -11.29 -11.92
N VAL A 633 61.59 -12.39 -12.59
CA VAL A 633 62.66 -12.41 -13.60
C VAL A 633 62.08 -12.68 -14.99
N VAL A 634 62.34 -11.80 -15.95
CA VAL A 634 61.76 -11.93 -17.32
C VAL A 634 62.27 -13.18 -18.00
N VAL A 635 61.40 -13.84 -18.77
CA VAL A 635 61.80 -15.07 -19.50
C VAL A 635 61.90 -14.78 -21.00
N ASN A 636 61.14 -13.80 -21.52
CA ASN A 636 61.14 -13.57 -23.00
C ASN A 636 60.56 -12.20 -23.35
N PHE A 637 60.69 -11.78 -24.61
CA PHE A 637 60.17 -10.47 -25.11
C PHE A 637 59.33 -10.71 -26.37
N SER A 638 58.09 -10.25 -26.45
CA SER A 638 57.30 -10.62 -27.66
C SER A 638 56.10 -9.73 -27.98
N LYS A 639 55.56 -9.86 -29.19
CA LYS A 639 54.43 -9.02 -29.65
C LYS A 639 53.26 -9.93 -29.96
N LYS A 640 52.06 -9.64 -29.44
CA LYS A 640 50.93 -10.58 -29.61
C LYS A 640 49.62 -9.85 -29.38
N SER A 641 48.51 -10.48 -29.72
CA SER A 641 47.19 -9.86 -29.44
C SER A 641 47.18 -8.47 -30.04
N ASP A 651 47.71 0.91 -32.39
CA ASP A 651 48.84 0.78 -31.42
C ASP A 651 48.95 -0.68 -30.99
N PRO A 652 50.05 -1.39 -31.32
CA PRO A 652 50.24 -2.78 -30.88
C PRO A 652 50.49 -2.90 -29.37
N LEU A 653 50.00 -3.98 -28.76
CA LEU A 653 50.25 -4.21 -27.31
C LEU A 653 51.33 -5.29 -27.19
N TYR A 654 52.37 -5.03 -26.38
CA TYR A 654 53.50 -5.99 -26.30
C TYR A 654 53.39 -6.82 -25.03
N VAL A 655 53.59 -8.13 -25.14
CA VAL A 655 53.45 -9.05 -23.96
C VAL A 655 54.83 -9.59 -23.58
N VAL A 656 55.22 -9.45 -22.31
CA VAL A 656 56.52 -9.99 -21.81
C VAL A 656 56.18 -11.11 -20.84
N GLU A 657 56.80 -12.29 -20.94
CA GLU A 657 56.51 -13.34 -19.96
C GLU A 657 57.46 -13.18 -18.79
N VAL A 658 56.98 -12.74 -17.63
CA VAL A 658 57.88 -12.46 -16.48
C VAL A 658 57.66 -13.55 -15.44
N LEU A 659 58.69 -14.23 -14.96
CA LEU A 659 58.45 -15.19 -13.87
C LEU A 659 58.13 -14.31 -12.69
N LEU A 660 57.04 -14.56 -11.99
CA LEU A 660 56.63 -13.73 -10.83
C LEU A 660 56.14 -14.70 -9.78
N ARG A 661 56.28 -14.36 -8.51
CA ARG A 661 55.71 -15.22 -7.46
C ARG A 661 54.20 -15.16 -7.63
N CYS A 662 53.53 -16.28 -7.51
CA CYS A 662 52.07 -16.31 -7.65
C CYS A 662 51.54 -17.34 -6.65
N SER A 663 50.26 -17.26 -6.28
CA SER A 663 49.72 -18.17 -5.26
C SER A 663 49.79 -19.58 -5.80
N LYS A 664 49.92 -20.57 -4.93
CA LYS A 664 49.96 -21.98 -5.37
C LYS A 664 48.64 -22.29 -6.06
N GLU A 665 47.58 -21.53 -5.76
CA GLU A 665 46.25 -21.69 -6.40
C GLU A 665 46.28 -21.22 -7.85
N SER A 666 47.12 -20.25 -8.18
CA SER A 666 47.15 -19.71 -9.56
C SER A 666 47.69 -20.76 -10.50
N LEU A 667 48.29 -21.81 -9.97
CA LEU A 667 48.73 -22.91 -10.85
C LEU A 667 47.50 -23.52 -11.54
N LYS A 668 46.37 -23.63 -10.84
CA LYS A 668 45.14 -24.28 -11.38
C LYS A 668 44.43 -23.43 -12.43
N ASN A 669 44.63 -22.13 -12.40
CA ASN A 669 43.88 -21.20 -13.28
C ASN A 669 44.12 -21.42 -14.77
N SER A 670 43.10 -21.17 -15.58
CA SER A 670 43.20 -21.34 -17.04
C SER A 670 44.24 -20.38 -17.61
N ALA A 674 44.76 -13.22 -14.53
CA ALA A 674 43.95 -14.12 -13.68
C ALA A 674 44.85 -14.75 -12.63
N ALA A 675 46.17 -14.67 -12.85
CA ALA A 675 47.12 -15.17 -11.85
C ALA A 675 47.10 -14.18 -10.71
N LYS A 676 47.16 -14.64 -9.47
CA LYS A 676 46.96 -13.70 -8.34
C LYS A 676 48.23 -13.64 -7.49
N PRO A 677 48.62 -12.46 -6.98
CA PRO A 677 49.84 -12.32 -6.25
C PRO A 677 49.88 -13.17 -4.99
N ALA A 678 51.06 -13.58 -4.61
CA ALA A 678 51.18 -14.49 -3.46
C ALA A 678 50.66 -13.83 -2.20
N LYS A 679 50.02 -14.61 -1.35
CA LYS A 679 49.48 -14.07 -0.09
C LYS A 679 50.63 -13.92 0.89
N PRO A 680 50.52 -13.07 1.92
CA PRO A 680 51.55 -12.97 2.94
C PRO A 680 51.71 -14.29 3.70
N ASP A 681 50.62 -15.01 3.93
CA ASP A 681 50.66 -16.29 4.65
C ASP A 681 51.64 -17.27 3.99
N GLU A 682 51.51 -17.50 2.67
CA GLU A 682 52.34 -18.54 1.98
C GLU A 682 53.50 -17.93 1.19
N LYS A 683 54.66 -18.60 1.17
CA LYS A 683 55.81 -18.14 0.34
C LYS A 683 55.34 -18.18 -1.10
N GLY A 684 54.55 -19.18 -1.45
CA GLY A 684 53.95 -19.21 -2.79
C GLY A 684 54.85 -19.86 -3.79
N GLU A 685 54.39 -19.96 -5.04
CA GLU A 685 55.19 -20.70 -6.02
C GLU A 685 55.38 -19.82 -7.23
N MET A 686 56.61 -19.71 -7.69
CA MET A 686 56.92 -18.87 -8.87
C MET A 686 56.38 -19.54 -10.13
N GLN A 687 55.90 -18.76 -11.09
CA GLN A 687 55.28 -19.33 -12.30
C GLN A 687 55.38 -18.29 -13.41
N VAL A 688 55.20 -18.69 -14.66
CA VAL A 688 55.32 -17.78 -15.83
C VAL A 688 53.97 -17.17 -16.12
N VAL A 689 53.84 -15.88 -15.87
CA VAL A 689 52.55 -15.19 -16.10
C VAL A 689 52.77 -14.19 -17.24
N PRO A 690 52.03 -14.28 -18.36
CA PRO A 690 52.26 -13.37 -19.43
C PRO A 690 51.91 -11.99 -18.86
N VAL A 691 52.80 -11.02 -19.02
CA VAL A 691 52.58 -9.69 -18.42
C VAL A 691 52.69 -8.69 -19.55
N LEU A 692 51.74 -7.77 -19.66
CA LEU A 692 51.85 -6.74 -20.70
C LEU A 692 52.91 -5.75 -20.24
N VAL A 693 53.62 -5.13 -21.18
CA VAL A 693 54.73 -4.21 -20.82
C VAL A 693 54.16 -3.04 -20.03
N HIS A 694 52.91 -2.68 -20.26
CA HIS A 694 52.26 -1.53 -19.58
C HIS A 694 52.15 -1.75 -18.07
N LEU A 695 52.22 -2.99 -17.59
CA LEU A 695 52.02 -3.27 -16.14
C LEU A 695 53.34 -3.21 -15.36
N LEU A 696 54.49 -3.10 -16.01
CA LEU A 696 55.78 -3.16 -15.29
C LEU A 696 55.99 -1.88 -14.53
N SER A 697 55.95 -1.94 -13.21
CA SER A 697 56.22 -0.75 -12.39
C SER A 697 57.67 -0.30 -12.56
N ALA A 698 58.61 -1.23 -12.52
CA ALA A 698 60.04 -0.84 -12.54
C ALA A 698 60.88 -1.85 -13.31
N ILE A 699 62.02 -1.41 -13.84
CA ILE A 699 62.96 -2.31 -14.56
C ILE A 699 64.26 -2.17 -13.79
N SER A 700 64.94 -3.27 -13.47
CA SER A 700 66.12 -3.23 -12.57
C SER A 700 67.39 -3.52 -13.37
N SER A 701 68.52 -3.03 -12.91
CA SER A 701 69.74 -3.19 -13.72
C SER A 701 70.42 -4.47 -13.31
N VAL A 702 69.69 -5.35 -12.63
CA VAL A 702 70.30 -6.67 -12.28
C VAL A 702 69.68 -7.74 -13.16
N ARG A 703 70.50 -8.42 -13.94
CA ARG A 703 70.01 -9.51 -14.79
C ARG A 703 70.55 -10.78 -14.15
N LEU A 704 69.73 -11.83 -14.03
CA LEU A 704 70.19 -13.03 -13.31
C LEU A 704 69.84 -14.28 -14.11
N TYR A 705 70.49 -15.41 -13.84
CA TYR A 705 70.32 -16.63 -14.68
C TYR A 705 68.94 -17.27 -14.54
N ILE A 706 68.37 -17.67 -15.66
CA ILE A 706 67.08 -18.41 -15.66
C ILE A 706 67.42 -19.81 -16.18
N PRO A 707 67.15 -20.90 -15.44
CA PRO A 707 67.43 -22.20 -15.97
C PRO A 707 66.45 -22.40 -17.12
N LYS A 708 66.87 -22.96 -18.23
CA LYS A 708 65.90 -23.30 -19.30
C LYS A 708 65.17 -24.56 -18.81
N ASP A 709 64.05 -24.98 -19.42
CA ASP A 709 63.20 -26.06 -18.84
C ASP A 709 62.76 -25.55 -17.50
N LEU A 710 62.00 -24.47 -17.50
CA LEU A 710 61.51 -23.85 -16.25
C LEU A 710 60.20 -24.53 -15.88
N ARG A 711 59.88 -25.66 -16.53
CA ARG A 711 58.68 -26.43 -16.13
C ARG A 711 58.79 -26.98 -14.71
N PRO A 712 59.90 -27.58 -14.26
CA PRO A 712 59.91 -28.21 -12.96
C PRO A 712 59.80 -27.29 -11.76
N VAL A 713 59.10 -27.75 -10.73
CA VAL A 713 58.81 -26.93 -9.54
C VAL A 713 60.12 -26.51 -8.89
N ASP A 714 61.14 -27.33 -9.01
CA ASP A 714 62.45 -27.01 -8.36
C ASP A 714 63.15 -25.91 -9.13
N ASN A 715 63.15 -25.99 -10.47
CA ASN A 715 63.82 -24.96 -11.31
C ASN A 715 63.13 -23.60 -11.13
N ARG A 716 61.80 -23.58 -11.11
CA ARG A 716 61.04 -22.30 -10.96
C ARG A 716 61.33 -21.68 -9.59
N GLN A 717 61.35 -22.50 -8.54
CA GLN A 717 61.62 -22.02 -7.16
C GLN A 717 63.07 -21.55 -7.01
N SER A 718 64.00 -22.12 -7.81
CA SER A 718 65.44 -21.80 -7.65
C SER A 718 65.64 -20.29 -7.87
N VAL A 719 64.93 -19.72 -8.85
CA VAL A 719 65.07 -18.27 -9.16
C VAL A 719 64.76 -17.45 -7.91
N LEU A 720 63.86 -17.92 -7.04
CA LEU A 720 63.46 -17.15 -5.84
C LEU A 720 64.69 -16.95 -4.98
N LYS A 721 65.48 -18.00 -4.87
CA LYS A 721 66.69 -17.89 -4.04
C LYS A 721 67.64 -16.88 -4.72
N SER A 722 67.74 -16.89 -6.04
CA SER A 722 68.60 -15.92 -6.77
C SER A 722 68.08 -14.49 -6.65
N ILE A 723 66.78 -14.26 -6.81
CA ILE A 723 66.23 -12.87 -6.61
C ILE A 723 66.44 -12.49 -5.16
N GLN A 724 66.40 -13.45 -4.25
CA GLN A 724 66.57 -13.18 -2.80
C GLN A 724 67.97 -12.68 -2.48
N GLU A 725 69.00 -13.27 -3.08
CA GLU A 725 70.39 -12.88 -2.78
C GLU A 725 70.60 -11.44 -3.24
N VAL A 726 69.98 -11.07 -4.35
CA VAL A 726 70.08 -9.65 -4.81
C VAL A 726 69.45 -8.76 -3.75
N GLN A 727 68.35 -9.20 -3.17
CA GLN A 727 67.71 -8.42 -2.08
C GLN A 727 68.57 -8.41 -0.83
N LYS A 728 69.19 -9.54 -0.48
CA LYS A 728 70.11 -9.59 0.70
C LYS A 728 71.36 -8.75 0.46
N ARG A 729 71.97 -8.84 -0.71
CA ARG A 729 73.24 -8.13 -0.94
C ARG A 729 72.98 -6.64 -0.87
N PHE A 730 71.84 -6.19 -1.38
CA PHE A 730 71.59 -4.73 -1.46
C PHE A 730 70.56 -4.33 -0.42
N PRO A 731 70.93 -3.46 0.55
CA PRO A 731 69.99 -3.00 1.56
C PRO A 731 68.86 -2.10 1.07
N ASP A 732 69.18 -1.13 0.23
CA ASP A 732 68.15 -0.20 -0.30
C ASP A 732 67.17 -1.01 -1.15
N GLY A 733 67.72 -1.92 -1.96
CA GLY A 733 66.88 -2.73 -2.84
C GLY A 733 67.63 -2.98 -4.13
N ILE A 734 67.01 -3.66 -5.06
CA ILE A 734 67.74 -4.00 -6.30
C ILE A 734 67.98 -2.68 -7.04
N PRO A 735 69.14 -2.50 -7.68
CA PRO A 735 69.42 -1.26 -8.35
C PRO A 735 68.48 -1.10 -9.55
N LEU A 736 68.13 0.15 -9.89
CA LEU A 736 67.16 0.40 -10.98
C LEU A 736 67.80 1.29 -12.03
N LEU A 737 67.48 1.09 -13.32
CA LEU A 737 68.18 1.87 -14.37
C LEU A 737 67.49 3.23 -14.56
N ASP A 738 68.24 4.32 -14.38
CA ASP A 738 67.68 5.69 -14.51
C ASP A 738 67.23 5.91 -15.95
N PRO A 739 65.98 6.37 -16.20
CA PRO A 739 65.49 6.51 -17.57
C PRO A 739 66.32 7.50 -18.39
N ILE A 740 66.69 8.63 -17.80
CA ILE A 740 67.42 9.70 -18.56
C ILE A 740 68.78 9.18 -19.04
N ASP A 741 69.49 8.40 -18.23
CA ASP A 741 70.85 7.99 -18.65
C ASP A 741 70.91 6.49 -19.03
N ASP A 742 70.79 5.59 -18.06
CA ASP A 742 70.96 4.14 -18.34
C ASP A 742 69.87 3.56 -19.24
N MET A 743 68.58 3.84 -18.98
CA MET A 743 67.51 3.16 -19.76
C MET A 743 67.52 3.52 -21.25
N GLY A 744 67.66 4.80 -21.57
CA GLY A 744 67.56 5.18 -22.99
C GLY A 744 67.53 6.68 -23.15
N ILE A 745 67.26 7.15 -24.38
CA ILE A 745 67.30 8.61 -24.62
C ILE A 745 65.94 9.17 -24.23
N GLN A 746 65.87 9.85 -23.08
CA GLN A 746 64.61 10.50 -22.67
C GLN A 746 64.55 11.88 -23.32
N ASP A 747 64.34 11.92 -24.64
CA ASP A 747 64.20 13.21 -25.35
C ASP A 747 62.96 13.91 -24.78
N GLN A 748 61.92 13.12 -24.48
CA GLN A 748 60.70 13.69 -23.86
C GLN A 748 61.11 14.27 -22.51
N GLY A 749 60.45 15.34 -22.06
CA GLY A 749 60.91 16.01 -20.82
C GLY A 749 60.45 15.32 -19.56
N LEU A 750 60.99 14.13 -19.28
CA LEU A 750 60.69 13.47 -17.99
C LEU A 750 61.39 14.35 -16.96
N LYS A 751 62.41 15.07 -17.41
CA LYS A 751 63.20 15.92 -16.50
C LYS A 751 62.17 16.77 -15.79
N LYS A 752 61.08 17.13 -16.47
CA LYS A 752 60.13 18.05 -15.79
C LYS A 752 59.38 17.33 -14.65
N VAL A 753 58.90 16.10 -14.86
CA VAL A 753 58.22 15.33 -13.77
C VAL A 753 59.25 15.07 -12.68
N ILE A 754 60.47 14.67 -13.07
CA ILE A 754 61.55 14.40 -12.10
C ILE A 754 61.87 15.71 -11.38
N GLN A 755 61.85 16.82 -12.11
CA GLN A 755 62.30 18.07 -11.45
C GLN A 755 61.39 18.29 -10.25
N LYS A 756 60.09 18.12 -10.46
CA LYS A 756 59.14 18.27 -9.35
C LYS A 756 59.34 17.15 -8.31
N VAL A 757 59.71 15.94 -8.72
CA VAL A 757 59.73 14.83 -7.72
C VAL A 757 60.67 15.18 -6.58
N GLU A 758 61.86 15.66 -6.89
CA GLU A 758 62.86 15.88 -5.81
C GLU A 758 62.36 16.97 -4.86
N ALA A 759 61.76 18.02 -5.41
CA ALA A 759 61.34 19.16 -4.57
C ALA A 759 60.26 18.71 -3.61
N PHE A 760 59.36 17.84 -4.06
CA PHE A 760 58.26 17.36 -3.18
C PHE A 760 58.88 16.55 -2.04
N GLU A 761 59.90 15.77 -2.34
CA GLU A 761 60.60 15.04 -1.26
C GLU A 761 61.21 16.09 -0.33
N HIS A 762 61.77 17.16 -0.88
CA HIS A 762 62.37 18.25 -0.05
C HIS A 762 61.27 18.92 0.76
N ARG A 763 60.09 19.11 0.19
CA ARG A 763 58.93 19.67 0.94
C ARG A 763 58.51 18.69 2.02
N MET A 764 58.58 17.39 1.74
CA MET A 764 58.30 16.38 2.80
C MET A 764 59.56 16.30 3.65
N TYR A 765 59.50 15.67 4.82
CA TYR A 765 60.67 15.63 5.75
C TYR A 765 60.87 17.03 6.32
N SER A 766 61.06 18.04 5.46
CA SER A 766 61.15 19.44 5.93
C SER A 766 59.82 19.79 6.58
N HIS A 767 58.73 19.18 6.10
CA HIS A 767 57.41 19.40 6.75
C HIS A 767 57.55 18.96 8.21
N PRO A 768 56.98 19.70 9.17
CA PRO A 768 57.21 19.40 10.58
C PRO A 768 56.75 17.99 10.98
N LEU A 769 55.59 17.55 10.50
CA LEU A 769 55.07 16.23 10.94
C LEU A 769 55.70 15.14 10.09
N HIS A 770 57.01 14.94 10.24
CA HIS A 770 57.70 13.84 9.51
C HIS A 770 58.34 12.90 10.51
N ASN A 771 58.05 11.60 10.40
CA ASN A 771 58.65 10.58 11.30
C ASN A 771 58.40 10.95 12.76
N ASP A 772 57.22 11.48 13.08
CA ASP A 772 56.86 11.81 14.48
C ASP A 772 56.60 10.48 15.21
N PRO A 773 56.67 10.41 16.55
CA PRO A 773 56.35 9.15 17.24
C PRO A 773 54.89 8.75 16.95
N ASN A 774 54.65 7.47 16.66
CA ASN A 774 53.28 6.95 16.36
C ASN A 774 52.74 7.62 15.08
N LEU A 775 53.63 8.00 14.16
CA LEU A 775 53.22 8.64 12.89
C LEU A 775 52.39 7.68 12.04
N GLU A 776 52.72 6.39 12.03
CA GLU A 776 52.01 5.48 11.10
C GLU A 776 50.52 5.48 11.42
N THR A 777 50.15 5.34 12.69
CA THR A 777 48.71 5.43 13.06
C THR A 777 48.23 6.86 12.84
N VAL A 778 49.06 7.84 13.17
CA VAL A 778 48.63 9.27 13.08
C VAL A 778 48.27 9.59 11.63
N TYR A 779 49.04 9.04 10.67
CA TYR A 779 48.80 9.38 9.24
C TYR A 779 47.67 8.51 8.68
N THR A 780 47.56 7.27 9.15
CA THR A 780 46.54 6.36 8.57
C THR A 780 45.14 7.00 8.70
N LEU A 781 44.88 7.70 9.79
CA LEU A 781 43.54 8.31 10.01
C LEU A 781 43.28 9.32 8.89
N CYS A 782 44.32 10.05 8.46
CA CYS A 782 44.11 11.11 7.45
C CYS A 782 43.57 10.46 6.18
N GLU A 783 44.10 9.29 5.81
CA GLU A 783 43.66 8.60 4.57
C GLU A 783 42.18 8.23 4.68
N LYS A 784 41.73 7.73 5.84
CA LYS A 784 40.33 7.26 5.90
C LYS A 784 39.45 8.47 5.62
N LYS A 785 39.78 9.63 6.19
CA LYS A 785 38.88 10.80 6.01
C LYS A 785 38.79 11.13 4.53
N ALA A 786 39.92 11.08 3.84
CA ALA A 786 39.93 11.43 2.40
C ALA A 786 39.03 10.44 1.67
N GLN A 787 39.25 9.15 1.87
CA GLN A 787 38.47 8.14 1.11
C GLN A 787 36.98 8.20 1.50
N ILE A 788 36.67 8.42 2.78
CA ILE A 788 35.24 8.52 3.22
C ILE A 788 34.64 9.72 2.49
N ALA A 789 35.39 10.80 2.36
CA ALA A 789 34.87 11.93 1.57
C ALA A 789 34.68 11.43 0.15
N ILE A 790 35.59 10.60 -0.35
CA ILE A 790 35.45 10.20 -1.78
C ILE A 790 34.14 9.44 -1.86
N ASP A 791 33.90 8.56 -0.91
CA ASP A 791 32.68 7.73 -0.98
C ASP A 791 31.46 8.64 -0.88
N ILE A 792 31.49 9.61 0.04
CA ILE A 792 30.35 10.55 0.22
C ILE A 792 30.22 11.41 -1.03
N LYS A 793 31.32 11.93 -1.54
CA LYS A 793 31.25 12.84 -2.69
C LYS A 793 30.75 12.05 -3.89
N SER A 794 31.26 10.84 -4.09
CA SER A 794 30.88 10.06 -5.27
C SER A 794 29.39 9.73 -5.22
N ALA A 795 28.89 9.33 -4.07
CA ALA A 795 27.49 8.90 -4.02
C ALA A 795 26.61 10.09 -4.37
N LYS A 796 27.00 11.27 -3.91
CA LYS A 796 26.19 12.49 -4.14
C LYS A 796 26.06 12.76 -5.65
N ARG A 797 27.10 12.47 -6.42
CA ARG A 797 27.04 12.66 -7.89
C ARG A 797 25.97 11.77 -8.46
N GLU A 798 25.76 10.59 -7.87
CA GLU A 798 24.82 9.61 -8.46
C GLU A 798 23.40 9.87 -7.97
N LEU A 799 23.18 11.01 -7.34
CA LEU A 799 21.85 11.31 -6.78
C LEU A 799 21.42 12.67 -7.35
N LYS A 800 21.08 12.71 -8.65
CA LYS A 800 20.61 13.97 -9.29
C LYS A 800 19.99 14.88 -8.23
N THR A 804 17.85 10.84 -12.22
CA THR A 804 16.47 10.85 -12.76
C THR A 804 16.52 11.10 -14.27
N VAL A 805 15.38 10.98 -14.97
CA VAL A 805 15.31 11.37 -16.41
C VAL A 805 16.46 10.66 -17.14
N LEU A 806 16.64 9.35 -16.95
CA LEU A 806 17.82 8.61 -17.50
C LEU A 806 17.94 8.52 -19.02
N GLN A 807 16.87 8.23 -19.74
CA GLN A 807 17.01 8.03 -21.21
C GLN A 807 16.38 9.20 -21.96
N MET A 808 16.13 10.31 -21.27
CA MET A 808 15.44 11.46 -21.91
C MET A 808 16.30 11.99 -23.04
N ASP A 809 17.61 12.00 -22.87
CA ASP A 809 18.40 12.59 -23.97
C ASP A 809 18.10 11.80 -25.25
N GLU A 810 17.84 10.50 -25.14
CA GLU A 810 17.62 9.65 -26.34
C GLU A 810 16.28 10.01 -26.93
N LEU A 811 15.26 10.20 -26.10
CA LEU A 811 13.93 10.61 -26.63
C LEU A 811 14.10 12.00 -27.22
N LYS A 812 14.86 12.84 -26.56
CA LYS A 812 14.93 14.22 -27.06
C LYS A 812 15.54 14.21 -28.45
N CYS A 813 16.63 13.49 -28.62
CA CYS A 813 17.32 13.41 -29.93
C CYS A 813 16.47 12.65 -30.94
N ARG A 814 15.78 11.60 -30.50
CA ARG A 814 14.91 10.78 -31.39
C ARG A 814 13.72 11.60 -31.88
N LYS A 815 13.14 12.43 -31.03
CA LYS A 815 12.01 13.30 -31.42
C LYS A 815 12.47 14.27 -32.50
N ARG A 816 13.68 14.80 -32.39
CA ARG A 816 14.26 15.75 -33.37
C ARG A 816 14.43 15.12 -34.75
N VAL A 817 14.89 13.86 -34.83
CA VAL A 817 15.06 13.16 -36.13
C VAL A 817 13.70 13.00 -36.78
N LEU A 818 12.68 12.62 -36.01
CA LEU A 818 11.33 12.46 -36.57
C LEU A 818 10.81 13.79 -37.10
N ARG A 819 10.97 14.88 -36.37
CA ARG A 819 10.45 16.18 -36.82
C ARG A 819 11.16 16.58 -38.11
N ARG A 820 12.48 16.40 -38.15
CA ARG A 820 13.26 16.82 -39.34
C ARG A 820 12.85 15.99 -40.55
N LEU A 821 12.74 14.67 -40.39
CA LEU A 821 12.43 13.76 -41.53
C LEU A 821 11.02 14.05 -42.03
N GLY A 822 10.11 14.44 -41.12
CA GLY A 822 8.75 14.83 -41.52
C GLY A 822 7.66 14.08 -40.78
N PHE A 823 8.03 13.17 -39.90
CA PHE A 823 7.01 12.32 -39.25
C PHE A 823 6.08 13.10 -38.30
N ALA A 824 6.60 14.02 -37.50
CA ALA A 824 5.76 14.71 -36.48
C ALA A 824 5.94 16.23 -36.54
N THR A 825 4.99 17.00 -36.02
CA THR A 825 5.06 18.48 -36.02
C THR A 825 5.94 18.96 -34.87
N SER A 826 6.33 20.23 -34.89
CA SER A 826 7.21 20.79 -33.85
C SER A 826 6.49 20.77 -32.50
N SER A 827 5.17 20.65 -32.50
CA SER A 827 4.37 20.67 -31.26
C SER A 827 4.09 19.22 -30.84
N ASP A 828 4.84 18.27 -31.40
CA ASP A 828 4.69 16.83 -31.06
C ASP A 828 3.33 16.25 -31.44
N VAL A 829 2.89 16.50 -32.67
CA VAL A 829 1.62 15.93 -33.18
C VAL A 829 1.99 15.08 -34.37
N ILE A 830 1.48 13.85 -34.44
CA ILE A 830 1.92 12.94 -35.52
C ILE A 830 1.37 13.45 -36.85
N GLU A 831 2.13 13.22 -37.92
CA GLU A 831 1.71 13.67 -39.25
C GLU A 831 1.53 12.43 -40.10
N MET A 832 0.95 12.56 -41.28
CA MET A 832 0.63 11.36 -42.08
C MET A 832 1.89 10.60 -42.50
N LYS A 833 3.03 11.25 -42.61
CA LYS A 833 4.23 10.44 -42.89
C LYS A 833 4.42 9.55 -41.67
N GLY A 834 4.21 10.09 -40.47
CA GLY A 834 4.42 9.33 -39.23
C GLY A 834 3.46 8.19 -39.06
N ARG A 835 2.18 8.42 -39.34
CA ARG A 835 1.14 7.39 -39.13
C ARG A 835 1.39 6.15 -40.01
N VAL A 836 2.06 6.31 -41.14
CA VAL A 836 2.44 5.15 -41.98
C VAL A 836 3.47 4.29 -41.23
N ALA A 837 4.44 4.91 -40.58
CA ALA A 837 5.53 4.18 -39.88
C ALA A 837 5.01 3.41 -38.68
N CYS A 838 3.91 3.85 -38.11
CA CYS A 838 3.29 3.13 -36.99
C CYS A 838 2.88 1.74 -37.48
N GLU A 839 2.40 1.58 -38.73
CA GLU A 839 2.05 0.26 -39.32
C GLU A 839 3.25 -0.66 -39.61
N ILE A 840 4.40 -0.12 -40.02
CA ILE A 840 5.61 -0.95 -40.32
C ILE A 840 6.38 -1.18 -39.03
N SER A 841 5.92 -2.14 -38.21
CA SER A 841 6.56 -2.42 -36.91
C SER A 841 7.37 -3.72 -36.94
N SER A 842 7.50 -4.36 -38.11
CA SER A 842 8.34 -5.58 -38.22
C SER A 842 9.72 -5.22 -38.76
N ALA A 843 9.99 -3.94 -38.99
CA ALA A 843 11.28 -3.54 -39.62
C ALA A 843 11.57 -2.07 -39.37
N ASP A 844 12.46 -1.49 -40.17
CA ASP A 844 12.87 -0.08 -39.95
C ASP A 844 11.76 0.80 -40.50
N GLU A 845 10.97 1.38 -39.61
CA GLU A 845 9.84 2.23 -40.01
C GLU A 845 10.32 3.48 -40.72
N LEU A 846 11.43 4.09 -40.26
CA LEU A 846 11.87 5.39 -40.82
C LEU A 846 12.33 5.28 -42.28
N LEU A 847 13.15 4.29 -42.62
CA LEU A 847 13.69 4.20 -44.00
C LEU A 847 12.57 3.80 -44.92
N LEU A 848 11.78 2.80 -44.53
CA LEU A 848 10.75 2.28 -45.43
C LEU A 848 9.69 3.35 -45.72
N THR A 849 9.28 4.13 -44.73
CA THR A 849 8.33 5.24 -44.97
C THR A 849 8.99 6.33 -45.82
N GLU A 850 10.25 6.69 -45.57
CA GLU A 850 10.93 7.69 -46.42
C GLU A 850 11.19 7.17 -47.84
N MET A 851 11.59 5.91 -48.01
CA MET A 851 11.77 5.33 -49.36
C MET A 851 10.43 5.34 -50.05
N MET A 852 9.38 4.99 -49.33
CA MET A 852 8.02 4.94 -49.92
C MET A 852 7.67 6.32 -50.46
N PHE A 853 8.04 7.37 -49.74
CA PHE A 853 7.75 8.76 -50.16
C PHE A 853 8.59 9.17 -51.38
N ASN A 854 9.85 8.72 -51.47
CA ASN A 854 10.76 9.13 -52.57
C ASN A 854 10.45 8.31 -53.81
N GLY A 855 9.43 7.46 -53.75
CA GLY A 855 8.99 6.72 -54.95
C GLY A 855 9.82 5.50 -55.26
N LEU A 856 10.69 5.08 -54.33
CA LEU A 856 11.60 3.94 -54.61
C LEU A 856 10.78 2.70 -55.00
N PHE A 857 9.77 2.37 -54.20
CA PHE A 857 8.93 1.17 -54.46
C PHE A 857 8.17 1.34 -55.79
N ASN A 858 7.71 2.56 -56.08
CA ASN A 858 6.95 2.83 -57.33
C ASN A 858 7.86 2.58 -58.54
N ASP A 859 7.29 2.09 -59.65
CA ASP A 859 8.06 1.86 -60.91
C ASP A 859 8.97 0.62 -60.74
N LEU A 860 8.71 -0.22 -59.74
CA LEU A 860 9.49 -1.48 -59.59
C LEU A 860 8.53 -2.67 -59.66
N SER A 861 8.87 -3.69 -60.45
CA SER A 861 8.02 -4.91 -60.55
C SER A 861 7.83 -5.50 -59.14
N ALA A 862 6.71 -6.17 -58.89
CA ALA A 862 6.47 -6.67 -57.52
C ALA A 862 7.61 -7.59 -57.16
N GLU A 863 8.17 -8.29 -58.15
CA GLU A 863 9.28 -9.23 -57.90
C GLU A 863 10.48 -8.45 -57.35
N GLN A 864 10.77 -7.28 -57.94
CA GLN A 864 11.88 -6.42 -57.45
C GLN A 864 11.58 -5.91 -56.05
N ALA A 865 10.34 -5.51 -55.79
CA ALA A 865 10.00 -4.94 -54.47
C ALA A 865 10.19 -6.00 -53.39
N THR A 866 9.74 -7.23 -53.65
CA THR A 866 9.80 -8.29 -52.61
C THR A 866 11.25 -8.54 -52.24
N ALA A 867 12.16 -8.55 -53.20
CA ALA A 867 13.59 -8.71 -52.85
C ALA A 867 14.12 -7.54 -52.01
N LEU A 868 13.79 -6.30 -52.34
CA LEU A 868 14.35 -5.12 -51.60
C LEU A 868 13.89 -5.12 -50.15
N LEU A 869 12.63 -5.48 -49.89
CA LEU A 869 12.10 -5.55 -48.50
C LEU A 869 12.78 -6.68 -47.72
N SER A 870 13.29 -7.69 -48.42
CA SER A 870 14.02 -8.80 -47.74
C SER A 870 15.23 -8.23 -47.04
N CYS A 871 15.90 -7.24 -47.62
CA CYS A 871 17.16 -6.75 -47.03
C CYS A 871 16.88 -6.33 -45.59
N PHE A 872 15.73 -5.73 -45.35
CA PHE A 872 15.39 -5.25 -44.00
C PHE A 872 15.28 -6.45 -43.04
N VAL A 873 14.80 -7.60 -43.51
CA VAL A 873 14.56 -8.74 -42.59
C VAL A 873 15.62 -9.84 -42.72
N PHE A 874 16.83 -9.52 -43.18
CA PHE A 874 17.89 -10.53 -43.18
C PHE A 874 19.04 -9.97 -42.36
N GLN A 875 19.34 -10.61 -41.24
CA GLN A 875 20.45 -10.19 -40.37
C GLN A 875 21.23 -11.44 -39.99
N GLU A 876 21.97 -12.01 -40.96
CA GLU A 876 22.85 -13.18 -40.68
C GLU A 876 24.26 -12.81 -41.13
N ASN A 877 25.15 -13.79 -41.34
CA ASN A 877 26.57 -13.46 -41.64
C ASN A 877 27.26 -14.64 -42.35
N SER A 878 28.55 -14.50 -42.67
CA SER A 878 29.35 -15.58 -43.31
C SER A 878 28.77 -15.96 -44.68
N SER A 879 28.30 -14.96 -45.43
CA SER A 879 27.73 -15.23 -46.78
C SER A 879 28.37 -14.26 -47.79
N GLU A 880 28.38 -14.64 -49.07
CA GLU A 880 28.92 -13.74 -50.12
C GLU A 880 27.75 -13.26 -50.98
N MET A 881 27.67 -11.96 -51.26
CA MET A 881 26.48 -11.46 -52.00
C MET A 881 26.44 -12.15 -53.36
N PRO A 882 25.29 -12.69 -53.79
CA PRO A 882 25.21 -13.26 -55.14
C PRO A 882 25.33 -12.06 -56.09
N LYS A 883 25.97 -12.21 -57.24
CA LYS A 883 26.16 -11.03 -58.11
C LYS A 883 24.76 -10.49 -58.44
N LEU A 884 24.57 -9.18 -58.31
CA LEU A 884 23.21 -8.62 -58.50
C LEU A 884 23.12 -7.90 -59.85
N THR A 885 22.07 -8.19 -60.63
CA THR A 885 21.86 -7.49 -61.92
C THR A 885 21.30 -6.10 -61.65
N GLU A 886 21.25 -5.24 -62.67
CA GLU A 886 20.77 -3.85 -62.48
C GLU A 886 19.32 -3.85 -62.05
N GLN A 887 18.58 -4.91 -62.35
CA GLN A 887 17.17 -5.04 -61.89
C GLN A 887 17.15 -5.07 -60.37
N LEU A 888 18.15 -5.69 -59.75
CA LEU A 888 18.15 -5.84 -58.27
C LEU A 888 19.27 -5.00 -57.62
N ALA A 889 20.36 -4.69 -58.31
CA ALA A 889 21.39 -3.84 -57.68
C ALA A 889 20.95 -2.38 -57.66
N GLY A 890 20.30 -1.90 -58.73
CA GLY A 890 19.90 -0.49 -58.81
C GLY A 890 18.94 -0.15 -57.70
N PRO A 891 17.93 -0.98 -57.39
CA PRO A 891 17.12 -0.71 -56.24
C PRO A 891 18.00 -0.67 -54.98
N LEU A 892 18.93 -1.60 -54.83
CA LEU A 892 19.76 -1.65 -53.60
C LEU A 892 20.57 -0.38 -53.51
N ARG A 893 21.10 0.10 -54.64
CA ARG A 893 21.97 1.30 -54.54
C ARG A 893 21.11 2.43 -54.03
N GLN A 894 19.83 2.40 -54.35
CA GLN A 894 18.93 3.50 -53.94
C GLN A 894 18.46 3.30 -52.49
N MET A 895 18.38 2.07 -52.00
CA MET A 895 17.99 1.97 -50.58
C MET A 895 19.10 2.63 -49.78
N GLN A 896 20.33 2.42 -50.19
CA GLN A 896 21.46 2.92 -49.36
C GLN A 896 21.37 4.43 -49.28
N GLU A 897 20.99 5.09 -50.36
CA GLU A 897 21.01 6.57 -50.33
C GLU A 897 20.04 7.07 -49.26
N CYS A 898 18.85 6.49 -49.14
CA CYS A 898 17.94 6.92 -48.06
C CYS A 898 18.60 6.56 -46.75
N ALA A 899 19.24 5.40 -46.70
CA ALA A 899 19.88 4.93 -45.45
C ALA A 899 21.03 5.84 -45.04
N LYS A 900 21.80 6.30 -46.02
CA LYS A 900 22.90 7.24 -45.73
C LYS A 900 22.28 8.53 -45.20
N ARG A 901 21.15 8.98 -45.77
CA ARG A 901 20.61 10.25 -45.24
C ARG A 901 20.18 10.05 -43.80
N ILE A 902 19.51 8.94 -43.48
CA ILE A 902 18.97 8.73 -42.10
C ILE A 902 20.14 8.71 -41.12
N ALA A 903 21.27 8.14 -41.51
CA ALA A 903 22.45 8.19 -40.64
C ALA A 903 22.89 9.62 -40.47
N LYS A 904 22.89 10.38 -41.56
CA LYS A 904 23.38 11.78 -41.47
C LYS A 904 22.43 12.65 -40.63
N VAL A 905 21.12 12.53 -40.85
CA VAL A 905 20.14 13.30 -40.03
C VAL A 905 20.29 12.85 -38.59
N SER A 906 20.55 11.55 -38.37
CA SER A 906 20.73 11.01 -37.01
C SER A 906 21.98 11.61 -36.37
N ALA A 907 23.06 11.75 -37.11
CA ALA A 907 24.32 12.29 -36.54
C ALA A 907 24.20 13.76 -36.16
N GLU A 908 23.52 14.56 -36.98
CA GLU A 908 23.36 16.00 -36.72
C GLU A 908 22.37 16.13 -35.57
N ALA A 909 21.75 15.02 -35.21
CA ALA A 909 20.79 14.99 -34.10
C ALA A 909 21.47 14.38 -32.88
N LYS A 910 22.79 14.26 -32.92
CA LYS A 910 23.56 13.73 -31.77
C LYS A 910 23.09 12.32 -31.41
N LEU A 911 22.78 11.48 -32.41
CA LEU A 911 22.46 10.07 -32.17
C LEU A 911 23.75 9.29 -32.41
N GLU A 912 23.82 8.04 -31.99
CA GLU A 912 25.08 7.27 -32.04
C GLU A 912 25.21 6.41 -33.29
N ILE A 913 24.37 6.62 -34.30
CA ILE A 913 24.44 5.70 -35.46
C ILE A 913 25.78 5.84 -36.14
N ASP A 914 26.39 4.72 -36.58
CA ASP A 914 27.62 4.79 -37.40
C ASP A 914 27.10 4.45 -38.77
N GLU A 915 27.37 5.29 -39.76
CA GLU A 915 26.73 5.06 -41.08
C GLU A 915 27.02 3.66 -41.60
N GLU A 916 28.23 3.15 -41.42
CA GLU A 916 28.53 1.85 -42.06
C GLU A 916 27.64 0.76 -41.48
N THR A 917 27.48 0.70 -40.18
CA THR A 917 26.67 -0.44 -39.69
C THR A 917 25.23 -0.30 -40.19
N TYR A 918 24.68 0.90 -40.21
CA TYR A 918 23.24 1.02 -40.56
C TYR A 918 23.03 0.53 -41.98
N LEU A 919 23.80 1.01 -42.95
CA LEU A 919 23.54 0.60 -44.36
C LEU A 919 23.87 -0.88 -44.52
N SER A 920 24.71 -1.44 -43.66
CA SER A 920 25.10 -2.87 -43.76
C SER A 920 24.12 -3.70 -42.93
N SER A 921 23.29 -3.05 -42.12
CA SER A 921 22.34 -3.78 -41.23
C SER A 921 21.37 -4.54 -42.10
N PHE A 922 20.98 -3.94 -43.22
CA PHE A 922 20.06 -4.57 -44.19
C PHE A 922 20.96 -5.34 -45.14
N LYS A 923 20.74 -6.64 -45.28
CA LYS A 923 21.69 -7.47 -46.04
C LYS A 923 21.14 -7.87 -47.40
N PRO A 924 21.93 -7.72 -48.48
CA PRO A 924 21.47 -7.99 -49.81
C PRO A 924 21.78 -9.43 -50.21
N HIS A 925 22.19 -10.28 -49.26
CA HIS A 925 22.61 -11.66 -49.54
C HIS A 925 21.48 -12.54 -50.07
N LEU A 926 20.26 -12.39 -49.56
CA LEU A 926 19.16 -13.30 -49.97
C LEU A 926 18.25 -12.62 -51.00
N MET A 927 18.65 -11.48 -51.54
CA MET A 927 17.82 -10.73 -52.53
C MET A 927 17.56 -11.54 -53.79
N ASP A 928 18.55 -12.26 -54.31
CA ASP A 928 18.35 -13.00 -55.58
C ASP A 928 17.66 -14.33 -55.32
N VAL A 929 17.58 -14.75 -54.06
CA VAL A 929 16.86 -16.01 -53.73
C VAL A 929 15.37 -15.69 -53.52
N VAL A 930 15.02 -14.42 -53.40
CA VAL A 930 13.59 -14.02 -53.25
C VAL A 930 13.03 -13.61 -54.60
N TYR A 931 13.85 -13.02 -55.48
CA TYR A 931 13.31 -12.76 -56.84
C TYR A 931 13.05 -14.07 -57.56
N THR A 932 13.98 -15.02 -57.46
CA THR A 932 13.85 -16.32 -58.15
C THR A 932 12.62 -17.04 -57.61
N TRP A 933 12.40 -16.94 -56.30
CA TRP A 933 11.18 -17.54 -55.73
C TRP A 933 9.96 -16.85 -56.31
N ALA A 934 10.03 -15.54 -56.50
CA ALA A 934 8.87 -14.81 -57.07
C ALA A 934 8.57 -15.29 -58.50
N THR A 935 9.59 -15.60 -59.30
CA THR A 935 9.37 -16.09 -60.68
C THR A 935 8.55 -17.38 -60.62
N GLY A 936 8.85 -18.27 -59.70
CA GLY A 936 8.09 -19.53 -59.58
C GLY A 936 9.02 -20.71 -59.51
N ALA A 937 10.28 -20.42 -59.29
CA ALA A 937 11.29 -21.48 -59.25
C ALA A 937 11.12 -22.24 -57.95
N THR A 938 11.42 -23.53 -57.97
CA THR A 938 11.20 -24.37 -56.78
C THR A 938 12.26 -24.08 -55.73
N PHE A 939 12.03 -24.42 -54.47
CA PHE A 939 12.98 -24.04 -53.40
C PHE A 939 14.30 -24.65 -53.77
N ALA A 940 14.29 -25.80 -54.39
CA ALA A 940 15.62 -26.41 -54.64
C ALA A 940 16.44 -25.48 -55.53
N HIS A 941 15.85 -24.83 -56.53
CA HIS A 941 16.67 -23.88 -57.31
C HIS A 941 17.12 -22.78 -56.37
N ILE A 942 16.21 -22.29 -55.56
CA ILE A 942 16.52 -21.17 -54.64
C ILE A 942 17.61 -21.59 -53.66
N CYS A 943 17.54 -22.79 -53.11
CA CYS A 943 18.51 -23.21 -52.08
C CYS A 943 19.91 -23.21 -52.67
N LYS A 944 20.05 -23.60 -53.94
CA LYS A 944 21.37 -23.67 -54.62
C LYS A 944 21.97 -22.29 -54.82
N MET A 945 21.15 -21.29 -55.07
CA MET A 945 21.69 -19.94 -55.38
C MET A 945 22.51 -19.38 -54.20
N THR A 946 22.17 -19.72 -52.96
CA THR A 946 22.86 -19.13 -51.80
C THR A 946 23.37 -20.20 -50.86
N ASP A 947 24.42 -19.90 -50.10
CA ASP A 947 25.05 -20.87 -49.17
C ASP A 947 24.24 -20.98 -47.90
N VAL A 948 23.28 -20.08 -47.72
CA VAL A 948 22.53 -20.03 -46.45
C VAL A 948 21.76 -21.31 -46.25
N PHE A 949 21.66 -21.71 -45.00
CA PHE A 949 20.98 -22.97 -44.65
C PHE A 949 19.52 -22.78 -45.03
N GLU A 950 18.82 -23.87 -45.26
CA GLU A 950 17.44 -23.77 -45.78
C GLU A 950 16.60 -22.97 -44.81
N GLY A 951 16.86 -23.08 -43.52
CA GLY A 951 16.10 -22.38 -42.49
C GLY A 951 16.25 -20.87 -42.48
N SER A 952 17.42 -20.35 -42.78
CA SER A 952 17.54 -18.88 -42.87
C SER A 952 16.61 -18.34 -43.95
N ILE A 953 16.48 -19.04 -45.07
CA ILE A 953 15.53 -18.63 -46.14
C ILE A 953 14.09 -18.70 -45.62
N ILE A 954 13.70 -19.74 -44.91
CA ILE A 954 12.27 -19.78 -44.50
C ILE A 954 12.03 -18.65 -43.49
N ARG A 955 12.94 -18.40 -42.56
CA ARG A 955 12.64 -17.32 -41.60
C ARG A 955 12.50 -15.99 -42.34
N CYS A 956 13.39 -15.69 -43.28
CA CYS A 956 13.35 -14.40 -44.01
C CYS A 956 12.02 -14.33 -44.75
N MET A 957 11.54 -15.44 -45.30
CA MET A 957 10.34 -15.34 -46.17
C MET A 957 9.04 -15.08 -45.42
N ARG A 958 8.76 -15.77 -44.31
CA ARG A 958 7.53 -15.45 -43.54
C ARG A 958 7.63 -14.03 -42.96
N ARG A 959 8.80 -13.60 -42.50
CA ARG A 959 9.05 -12.21 -42.04
C ARG A 959 8.88 -11.24 -43.21
N LEU A 960 9.31 -11.60 -44.42
CA LEU A 960 9.00 -10.77 -45.62
C LEU A 960 7.48 -10.80 -45.86
N GLU A 961 6.78 -11.92 -45.68
CA GLU A 961 5.32 -11.90 -45.98
C GLU A 961 4.67 -10.94 -45.00
N GLU A 962 5.10 -10.93 -43.76
CA GLU A 962 4.51 -9.92 -42.86
C GLU A 962 4.91 -8.52 -43.32
N LEU A 963 6.17 -8.30 -43.70
CA LEU A 963 6.57 -6.89 -43.99
C LEU A 963 5.69 -6.46 -45.14
N LEU A 964 5.45 -7.37 -46.07
CA LEU A 964 4.61 -7.00 -47.23
C LEU A 964 3.23 -6.66 -46.67
N ARG A 965 2.75 -7.45 -45.72
CA ARG A 965 1.39 -7.21 -45.15
C ARG A 965 1.35 -5.88 -44.42
N GLN A 966 2.41 -5.55 -43.70
CA GLN A 966 2.47 -4.24 -43.01
C GLN A 966 2.58 -3.11 -44.02
N MET A 967 3.37 -3.30 -45.06
CA MET A 967 3.56 -2.25 -46.10
C MET A 967 2.28 -2.00 -46.90
N CYS A 968 1.55 -3.05 -47.25
CA CYS A 968 0.26 -2.90 -47.99
C CYS A 968 -0.77 -2.12 -47.17
N GLN A 969 -0.87 -2.35 -45.86
CA GLN A 969 -1.77 -1.56 -44.99
C GLN A 969 -1.27 -0.12 -44.92
N ALA A 970 0.04 0.09 -44.91
CA ALA A 970 0.59 1.46 -44.78
C ALA A 970 0.19 2.28 -45.99
N ALA A 971 0.18 1.67 -47.18
CA ALA A 971 -0.19 2.35 -48.45
C ALA A 971 -1.65 2.79 -48.41
N LYS A 972 -2.49 2.15 -47.61
CA LYS A 972 -3.90 2.58 -47.48
C LYS A 972 -3.91 4.02 -46.98
N ALA A 973 -3.04 4.33 -46.03
CA ALA A 973 -3.05 5.68 -45.42
C ALA A 973 -2.72 6.71 -46.49
N ILE A 974 -1.75 6.41 -47.35
CA ILE A 974 -1.34 7.38 -48.40
C ILE A 974 -2.20 7.14 -49.64
N GLY A 975 -3.04 6.12 -49.62
CA GLY A 975 -3.96 5.88 -50.74
C GLY A 975 -3.24 5.65 -52.04
N ASN A 976 -2.10 4.97 -52.02
CA ASN A 976 -1.45 4.65 -53.32
C ASN A 976 -2.03 3.33 -53.75
N THR A 977 -2.90 3.36 -54.76
CA THR A 977 -3.59 2.12 -55.15
C THR A 977 -2.57 1.13 -55.71
N GLU A 978 -1.65 1.56 -56.56
CA GLU A 978 -0.72 0.58 -57.17
C GLU A 978 0.09 -0.07 -56.06
N LEU A 979 0.60 0.71 -55.11
CA LEU A 979 1.49 0.13 -54.09
C LEU A 979 0.71 -0.91 -53.30
N GLU A 980 -0.53 -0.64 -52.92
CA GLU A 980 -1.20 -1.63 -52.07
C GLU A 980 -1.35 -2.90 -52.88
N ASN A 981 -1.77 -2.77 -54.12
CA ASN A 981 -1.93 -3.97 -54.97
C ASN A 981 -0.56 -4.60 -55.26
N LYS A 982 0.49 -3.83 -55.51
CA LYS A 982 1.79 -4.41 -55.91
C LYS A 982 2.32 -5.25 -54.76
N PHE A 983 2.25 -4.72 -53.55
CA PHE A 983 2.70 -5.45 -52.34
C PHE A 983 1.79 -6.66 -52.12
N ALA A 984 0.48 -6.51 -52.27
CA ALA A 984 -0.44 -7.66 -52.15
C ALA A 984 -0.16 -8.66 -53.25
N GLU A 985 0.19 -8.22 -54.45
CA GLU A 985 0.56 -9.19 -55.49
C GLU A 985 1.79 -9.95 -54.98
N GLY A 986 2.72 -9.25 -54.38
CA GLY A 986 3.97 -9.91 -53.93
C GLY A 986 3.66 -11.00 -52.94
N ILE A 987 2.75 -10.75 -52.02
CA ILE A 987 2.46 -11.76 -50.98
C ILE A 987 1.94 -13.04 -51.62
N THR A 988 1.10 -12.94 -52.64
CA THR A 988 0.57 -14.13 -53.34
C THR A 988 1.68 -14.89 -54.08
N LYS A 989 2.60 -14.17 -54.73
CA LYS A 989 3.66 -14.81 -55.54
C LYS A 989 4.61 -15.56 -54.63
N ILE A 990 4.93 -14.98 -53.47
CA ILE A 990 5.94 -15.57 -52.54
C ILE A 990 5.30 -16.69 -51.76
N LYS A 991 4.04 -16.54 -51.35
CA LYS A 991 3.39 -17.56 -50.47
C LYS A 991 3.06 -18.83 -51.28
N ARG A 992 4.00 -19.78 -51.35
CA ARG A 992 3.76 -20.97 -52.19
C ARG A 992 4.58 -22.19 -51.74
N ASP A 993 4.10 -23.41 -52.01
CA ASP A 993 4.87 -24.66 -51.79
C ASP A 993 5.35 -24.93 -50.36
N ILE A 994 6.62 -25.34 -50.22
CA ILE A 994 7.18 -25.77 -48.90
C ILE A 994 7.21 -24.64 -47.87
N VAL A 995 7.60 -23.43 -48.24
CA VAL A 995 7.52 -22.33 -47.24
C VAL A 995 6.03 -22.04 -47.01
N PHE A 996 5.65 -21.65 -45.79
CA PHE A 996 4.21 -21.41 -45.45
C PHE A 996 3.45 -22.74 -45.43
N ALA A 997 4.15 -23.86 -45.19
CA ALA A 997 3.51 -25.20 -45.18
C ALA A 997 2.51 -25.33 -44.04
N ARG B 58 -42.67 19.48 45.87
CA ARG B 58 -42.59 20.31 47.10
C ARG B 58 -41.67 21.52 46.86
N VAL B 59 -41.82 22.24 45.74
CA VAL B 59 -40.96 23.41 45.38
C VAL B 59 -41.78 24.43 44.58
N LYS B 60 -41.36 25.68 44.52
CA LYS B 60 -42.11 26.75 43.82
C LYS B 60 -41.17 27.51 42.89
N VAL B 61 -41.65 27.94 41.72
CA VAL B 61 -40.80 28.72 40.77
C VAL B 61 -41.36 30.14 40.69
N GLN B 62 -40.56 31.15 41.04
CA GLN B 62 -41.08 32.54 41.13
C GLN B 62 -40.69 33.34 39.91
N SER B 63 -41.13 34.60 39.84
CA SER B 63 -40.85 35.43 38.65
C SER B 63 -40.16 36.70 39.11
N VAL B 64 -39.00 37.03 38.52
CA VAL B 64 -38.28 38.30 38.82
C VAL B 64 -38.07 39.01 37.48
N GLU B 65 -37.84 40.33 37.48
CA GLU B 65 -37.74 41.06 36.19
C GLU B 65 -36.32 41.59 35.98
N THR B 66 -35.67 41.23 34.87
CA THR B 66 -34.32 41.77 34.56
C THR B 66 -34.46 43.03 33.70
N VAL B 67 -35.68 43.32 33.22
CA VAL B 67 -35.95 44.52 32.38
C VAL B 67 -34.99 44.49 31.18
N GLU B 68 -34.78 43.31 30.59
CA GLU B 68 -33.87 43.15 29.44
C GLU B 68 -34.21 41.82 28.76
N GLY B 69 -33.47 41.44 27.71
CA GLY B 69 -33.69 40.12 27.08
C GLY B 69 -33.45 39.00 28.07
N CYS B 70 -32.46 39.16 28.96
CA CYS B 70 -32.13 38.13 29.97
C CYS B 70 -33.30 37.92 30.92
N THR B 71 -33.49 36.69 31.43
CA THR B 71 -34.67 36.39 32.28
C THR B 71 -34.21 35.85 33.64
N HIS B 72 -34.98 36.09 34.70
CA HIS B 72 -34.61 35.63 36.07
C HIS B 72 -35.85 35.00 36.73
N GLU B 73 -35.74 33.76 37.20
CA GLU B 73 -36.87 33.10 37.92
C GLU B 73 -36.22 32.35 39.08
N VAL B 74 -36.90 32.22 40.22
CA VAL B 74 -36.25 31.58 41.38
C VAL B 74 -37.05 30.38 41.82
N ALA B 75 -36.39 29.24 42.01
CA ALA B 75 -37.07 28.03 42.50
C ALA B 75 -36.87 27.98 44.00
N LEU B 76 -37.87 28.41 44.75
CA LEU B 76 -37.71 28.53 46.21
C LEU B 76 -38.59 27.47 46.87
N PRO B 77 -38.25 26.97 48.06
CA PRO B 77 -39.12 26.04 48.70
C PRO B 77 -40.43 26.81 48.94
N ALA B 78 -41.57 26.16 48.73
CA ALA B 78 -42.86 26.81 49.03
C ALA B 78 -43.01 26.83 50.56
N GLU B 79 -43.91 27.62 51.11
CA GLU B 79 -44.06 27.79 52.58
C GLU B 79 -43.03 28.83 53.00
N GLU B 80 -42.29 29.37 52.02
CA GLU B 80 -41.30 30.44 52.31
C GLU B 80 -41.83 31.71 51.65
N ASP B 81 -41.99 32.78 52.43
CA ASP B 81 -42.37 34.07 51.80
C ASP B 81 -41.21 34.44 50.89
N TYR B 82 -41.48 34.76 49.63
CA TYR B 82 -40.38 35.04 48.68
C TYR B 82 -39.68 36.35 49.07
N LEU B 83 -38.37 36.40 48.86
CA LEU B 83 -37.60 37.63 49.19
C LEU B 83 -37.30 38.41 47.91
N PRO B 84 -37.78 39.65 47.78
CA PRO B 84 -37.59 40.40 46.56
C PRO B 84 -36.10 40.74 46.48
N LEU B 85 -35.64 41.05 45.28
CA LEU B 85 -34.18 41.28 45.11
C LEU B 85 -33.76 42.36 46.11
N LYS B 86 -32.67 42.10 46.82
CA LYS B 86 -32.23 43.05 47.85
C LYS B 86 -31.05 43.84 47.30
N PRO B 87 -31.08 45.18 47.28
CA PRO B 87 -30.01 45.91 46.69
C PRO B 87 -28.74 45.57 47.46
N ARG B 88 -27.63 45.46 46.75
CA ARG B 88 -26.33 45.18 47.40
C ARG B 88 -26.04 46.34 48.35
N VAL B 89 -26.13 46.09 49.65
CA VAL B 89 -25.74 47.16 50.59
C VAL B 89 -24.26 46.93 50.94
N GLY B 90 -23.37 47.68 50.29
CA GLY B 90 -21.94 47.55 50.62
C GLY B 90 -21.07 47.89 49.43
N LYS B 91 -19.76 47.76 49.60
CA LYS B 91 -18.83 47.99 48.46
C LYS B 91 -18.90 46.81 47.50
N ALA B 92 -18.62 47.02 46.22
CA ALA B 92 -18.59 45.92 45.24
C ALA B 92 -17.37 45.05 45.51
N ALA B 93 -17.53 43.74 45.39
CA ALA B 93 -16.41 42.84 45.73
C ALA B 93 -15.28 42.92 44.73
N LYS B 94 -15.59 42.76 43.44
CA LYS B 94 -14.54 42.75 42.39
C LYS B 94 -15.01 43.64 41.25
N GLU B 95 -14.09 44.31 40.60
CA GLU B 95 -14.49 45.24 39.53
C GLU B 95 -13.94 44.69 38.23
N TYR B 96 -14.71 44.87 37.15
CA TYR B 96 -14.32 44.30 35.85
C TYR B 96 -14.06 45.45 34.87
N PRO B 97 -13.03 45.33 34.00
CA PRO B 97 -12.75 46.34 33.01
C PRO B 97 -13.93 46.47 32.06
N PHE B 98 -14.55 45.36 31.69
CA PHE B 98 -15.68 45.38 30.73
C PHE B 98 -16.95 45.87 31.40
N ILE B 99 -17.91 46.34 30.62
CA ILE B 99 -19.23 46.75 31.19
C ILE B 99 -20.07 45.47 31.30
N LEU B 100 -20.58 45.18 32.49
CA LEU B 100 -21.34 43.93 32.73
C LEU B 100 -22.69 44.00 32.00
N ASP B 101 -23.20 42.85 31.53
CA ASP B 101 -24.51 42.79 30.84
C ASP B 101 -25.56 42.44 31.87
N ALA B 102 -26.84 42.46 31.51
CA ALA B 102 -27.90 42.23 32.50
C ALA B 102 -27.80 40.82 33.09
N PHE B 103 -27.47 39.83 32.28
CA PHE B 103 -27.45 38.47 32.83
C PHE B 103 -26.42 38.42 33.95
N GLN B 104 -25.25 39.00 33.72
CA GLN B 104 -24.18 38.98 34.74
C GLN B 104 -24.60 39.80 35.94
N ARG B 105 -25.21 40.95 35.71
CA ARG B 105 -25.57 41.84 36.84
C ARG B 105 -26.61 41.15 37.72
N GLU B 106 -27.60 40.47 37.13
CA GLU B 106 -28.58 39.69 37.93
C GLU B 106 -27.86 38.54 38.63
N ALA B 107 -26.93 37.87 37.97
CA ALA B 107 -26.16 36.81 38.64
C ALA B 107 -25.37 37.41 39.79
N ILE B 108 -24.82 38.60 39.60
CA ILE B 108 -23.97 39.25 40.64
C ILE B 108 -24.85 39.53 41.86
N GLN B 109 -26.08 40.00 41.65
CA GLN B 109 -26.91 40.36 42.82
C GLN B 109 -27.06 39.09 43.63
N CYS B 110 -27.24 37.96 42.97
CA CYS B 110 -27.54 36.70 43.70
C CYS B 110 -26.38 36.33 44.62
N VAL B 111 -25.13 36.48 44.17
CA VAL B 111 -23.95 36.15 45.02
C VAL B 111 -23.92 37.08 46.23
N ASP B 112 -24.20 38.36 46.02
CA ASP B 112 -24.14 39.35 47.11
C ASP B 112 -25.22 39.02 48.14
N ASN B 113 -26.37 38.58 47.66
CA ASN B 113 -27.52 38.29 48.57
C ASN B 113 -27.25 36.95 49.25
N ASN B 114 -26.08 36.35 48.98
CA ASN B 114 -25.68 35.04 49.58
C ASN B 114 -26.67 33.96 49.19
N GLN B 115 -27.15 34.00 47.95
CA GLN B 115 -28.13 32.98 47.48
C GLN B 115 -27.55 32.30 46.25
N SER B 116 -27.99 31.08 45.95
CA SER B 116 -27.41 30.29 44.86
C SER B 116 -27.97 30.73 43.51
N VAL B 117 -27.21 30.55 42.44
CA VAL B 117 -27.68 31.01 41.10
C VAL B 117 -27.34 29.96 40.04
N LEU B 118 -28.12 29.86 38.97
CA LEU B 118 -27.79 28.95 37.84
C LEU B 118 -27.71 29.82 36.59
N VAL B 119 -26.54 29.93 35.97
CA VAL B 119 -26.39 30.85 34.81
C VAL B 119 -26.39 30.00 33.56
N SER B 120 -27.41 30.17 32.71
CA SER B 120 -27.43 29.44 31.42
C SER B 120 -27.44 30.45 30.27
N ALA B 121 -26.42 30.43 29.44
CA ALA B 121 -26.33 31.33 28.28
C ALA B 121 -25.36 30.69 27.31
N HIS B 122 -25.19 31.24 26.12
CA HIS B 122 -24.39 30.56 25.06
C HIS B 122 -22.90 30.49 25.42
N THR B 123 -22.15 29.67 24.70
CA THR B 123 -20.75 29.38 25.05
C THR B 123 -19.79 30.59 24.95
N SER B 124 -20.06 31.63 24.17
CA SER B 124 -19.06 32.74 24.15
C SER B 124 -19.46 33.89 25.06
N ALA B 125 -20.58 33.75 25.77
CA ALA B 125 -20.95 34.79 26.75
C ALA B 125 -19.99 34.64 27.91
N GLY B 126 -19.85 35.68 28.70
CA GLY B 126 -18.84 35.56 29.75
C GLY B 126 -19.49 34.95 30.95
N LYS B 127 -19.22 33.67 31.19
CA LYS B 127 -19.93 33.06 32.33
C LYS B 127 -18.92 32.85 33.44
N THR B 128 -17.64 32.91 33.13
CA THR B 128 -16.62 32.83 34.20
C THR B 128 -16.81 34.05 35.09
N VAL B 129 -17.13 35.18 34.48
CA VAL B 129 -17.30 36.44 35.24
C VAL B 129 -18.28 36.19 36.37
N CYS B 130 -19.25 35.31 36.17
CA CYS B 130 -20.24 35.02 37.23
C CYS B 130 -19.55 34.21 38.34
N ALA B 131 -18.45 33.54 38.03
CA ALA B 131 -17.76 32.73 39.04
C ALA B 131 -16.74 33.57 39.79
N GLU B 132 -16.11 34.51 39.09
CA GLU B 132 -15.06 35.36 39.72
C GLU B 132 -15.65 36.25 40.81
N TYR B 133 -16.85 36.78 40.65
CA TYR B 133 -17.43 37.58 41.76
C TYR B 133 -17.61 36.69 42.99
N ALA B 134 -17.97 35.43 42.78
CA ALA B 134 -18.20 34.50 43.91
C ALA B 134 -16.91 34.27 44.67
N ILE B 135 -15.81 34.10 43.96
CA ILE B 135 -14.50 33.94 44.63
C ILE B 135 -14.20 35.23 45.40
N ALA B 136 -14.48 36.38 44.80
CA ALA B 136 -14.14 37.66 45.45
C ALA B 136 -14.93 37.89 46.73
N LEU B 137 -16.23 37.69 46.69
CA LEU B 137 -17.05 38.00 47.88
C LEU B 137 -16.50 37.09 48.99
N ALA B 138 -16.23 35.83 48.67
CA ALA B 138 -15.78 34.87 49.70
C ALA B 138 -14.42 35.29 50.24
N LEU B 139 -13.49 35.68 49.38
CA LEU B 139 -12.13 36.00 49.86
C LEU B 139 -12.22 37.21 50.78
N ARG B 140 -13.09 38.16 50.44
CA ARG B 140 -13.28 39.34 51.32
C ARG B 140 -13.79 38.86 52.68
N GLU B 141 -14.74 37.90 52.71
CA GLU B 141 -15.32 37.43 53.99
C GLU B 141 -14.44 36.34 54.59
N LYS B 142 -13.36 35.97 53.91
CA LYS B 142 -12.39 34.95 54.38
C LYS B 142 -12.91 33.53 54.12
N GLN B 143 -14.05 33.40 53.46
CA GLN B 143 -14.66 32.07 53.19
C GLN B 143 -13.86 31.36 52.12
N ARG B 144 -14.07 30.05 51.95
CA ARG B 144 -13.31 29.25 50.96
C ARG B 144 -14.24 28.91 49.80
N VAL B 145 -13.76 29.00 48.57
CA VAL B 145 -14.58 28.67 47.38
C VAL B 145 -13.84 27.58 46.62
N ILE B 146 -14.53 26.52 46.23
CA ILE B 146 -13.86 25.47 45.43
C ILE B 146 -14.48 25.52 44.04
N PHE B 147 -13.68 25.24 43.03
CA PHE B 147 -14.20 25.35 41.66
C PHE B 147 -14.20 23.94 41.08
N THR B 148 -15.37 23.50 40.59
CA THR B 148 -15.50 22.13 40.05
C THR B 148 -15.74 22.19 38.55
N SER B 149 -14.84 21.58 37.79
CA SER B 149 -14.94 21.62 36.31
C SER B 149 -14.87 20.17 35.83
N PRO B 150 -15.48 19.82 34.71
CA PRO B 150 -15.50 18.42 34.33
C PRO B 150 -14.15 17.76 34.09
N ILE B 151 -13.22 18.43 33.40
CA ILE B 151 -11.93 17.80 33.03
C ILE B 151 -10.76 18.56 33.65
N LYS B 152 -9.58 17.95 33.72
CA LYS B 152 -8.36 18.57 34.32
C LYS B 152 -7.85 19.72 33.48
N ALA B 153 -7.86 19.59 32.16
CA ALA B 153 -7.29 20.66 31.32
C ALA B 153 -8.10 21.93 31.57
N LEU B 154 -9.42 21.80 31.62
CA LEU B 154 -10.30 22.97 31.84
C LEU B 154 -9.92 23.55 33.19
N SER B 155 -9.75 22.68 34.19
CA SER B 155 -9.37 23.12 35.55
C SER B 155 -7.97 23.70 35.59
N ASN B 156 -7.02 23.09 34.88
CA ASN B 156 -5.60 23.53 34.95
C ASN B 156 -5.49 24.96 34.44
N GLN B 157 -6.15 25.24 33.32
CA GLN B 157 -6.13 26.60 32.74
C GLN B 157 -6.82 27.55 33.72
N LYS B 158 -7.93 27.12 34.30
CA LYS B 158 -8.69 28.00 35.21
C LYS B 158 -7.82 28.32 36.42
N TYR B 159 -7.00 27.37 36.86
CA TYR B 159 -6.08 27.65 37.98
C TYR B 159 -5.23 28.82 37.53
N ARG B 160 -4.82 28.81 36.26
CA ARG B 160 -3.91 29.88 35.79
C ARG B 160 -4.63 31.23 35.87
N GLU B 161 -5.89 31.27 35.47
CA GLU B 161 -6.61 32.58 35.47
C GLU B 161 -6.71 33.05 36.92
N MET B 162 -6.99 32.14 37.84
CA MET B 162 -7.02 32.52 39.28
C MET B 162 -5.60 32.88 39.74
N TYR B 163 -4.58 32.19 39.24
CA TYR B 163 -3.19 32.43 39.71
C TYR B 163 -2.44 33.31 38.70
N ASP B 168 -3.53 32.21 47.28
CA ASP B 168 -4.45 31.19 47.84
C ASP B 168 -5.26 30.59 46.71
N VAL B 169 -4.62 30.29 45.59
CA VAL B 169 -5.33 29.57 44.50
C VAL B 169 -4.60 28.24 44.32
N GLY B 170 -5.32 27.12 44.39
CA GLY B 170 -4.63 25.81 44.36
C GLY B 170 -5.30 24.88 43.39
N LEU B 171 -4.57 23.86 42.94
CA LEU B 171 -5.16 22.89 42.01
C LEU B 171 -5.15 21.53 42.69
N MET B 172 -6.32 20.88 42.75
CA MET B 172 -6.37 19.51 43.30
C MET B 172 -6.90 18.64 42.17
N THR B 173 -6.11 17.65 41.78
CA THR B 173 -6.48 16.73 40.70
C THR B 173 -5.71 15.45 41.04
N GLY B 174 -6.08 14.33 40.45
CA GLY B 174 -5.40 13.09 40.80
C GLY B 174 -3.96 13.15 40.38
N ASP B 175 -3.70 13.75 39.22
CA ASP B 175 -2.32 13.78 38.69
C ASP B 175 -1.50 14.78 39.51
N VAL B 176 -2.05 15.97 39.76
CA VAL B 176 -1.27 17.04 40.43
C VAL B 176 -2.04 17.68 41.58
N THR B 177 -1.40 17.82 42.74
CA THR B 177 -2.04 18.57 43.84
C THR B 177 -1.10 19.72 44.24
N ILE B 178 -1.60 20.95 44.24
CA ILE B 178 -0.75 22.15 44.56
C ILE B 178 -1.49 22.96 45.62
N ASN B 179 -0.81 23.35 46.70
CA ASN B 179 -1.42 24.24 47.71
C ASN B 179 -2.80 23.72 48.11
N PRO B 180 -2.92 22.52 48.70
CA PRO B 180 -4.22 21.97 49.00
C PRO B 180 -4.92 22.69 50.15
N THR B 181 -4.22 23.53 50.90
CA THR B 181 -4.81 24.23 52.07
C THR B 181 -5.37 25.58 51.62
N ALA B 182 -5.33 25.85 50.33
CA ALA B 182 -5.70 27.18 49.83
C ALA B 182 -7.20 27.47 49.92
N SER B 183 -7.57 28.76 49.92
CA SER B 183 -9.00 29.16 49.89
C SER B 183 -9.66 28.78 48.56
N CYS B 184 -9.01 29.01 47.42
CA CYS B 184 -9.64 28.54 46.17
C CYS B 184 -8.92 27.27 45.74
N LEU B 185 -9.67 26.17 45.67
CA LEU B 185 -9.08 24.90 45.21
C LEU B 185 -9.81 24.56 43.92
N VAL B 186 -9.07 24.44 42.82
CA VAL B 186 -9.69 24.08 41.54
C VAL B 186 -9.69 22.57 41.59
N MET B 187 -10.87 21.97 41.72
CA MET B 187 -10.94 20.51 41.96
C MET B 187 -11.73 19.83 40.86
N THR B 188 -11.28 18.66 40.44
CA THR B 188 -12.10 17.90 39.47
C THR B 188 -13.34 17.51 40.28
N THR B 189 -14.50 17.36 39.65
CA THR B 189 -15.67 16.90 40.42
C THR B 189 -15.34 15.53 41.01
N GLU B 190 -14.63 14.70 40.27
CA GLU B 190 -14.36 13.33 40.76
C GLU B 190 -13.56 13.38 42.05
N ILE B 191 -12.59 14.28 42.16
CA ILE B 191 -11.82 14.42 43.43
C ILE B 191 -12.76 14.96 44.53
N LEU B 192 -13.64 15.91 44.21
CA LEU B 192 -14.48 16.49 45.28
C LEU B 192 -15.30 15.34 45.83
N ARG B 193 -15.80 14.48 44.97
CA ARG B 193 -16.71 13.41 45.44
C ARG B 193 -15.95 12.52 46.42
N SER B 194 -14.71 12.16 46.09
CA SER B 194 -13.95 11.23 46.96
C SER B 194 -13.71 11.94 48.28
N MET B 195 -13.39 13.22 48.22
CA MET B 195 -13.10 13.97 49.46
C MET B 195 -14.35 14.04 50.30
N LEU B 196 -15.49 14.24 49.64
CA LEU B 196 -16.77 14.28 50.38
C LEU B 196 -17.00 12.92 51.03
N TYR B 197 -16.68 11.85 50.31
CA TYR B 197 -16.96 10.48 50.82
C TYR B 197 -15.94 10.13 51.90
N ARG B 198 -14.78 10.77 51.89
CA ARG B 198 -13.69 10.38 52.83
C ARG B 198 -13.65 11.30 54.06
N GLY B 199 -14.72 12.08 54.28
CA GLY B 199 -14.77 12.99 55.45
C GLY B 199 -13.63 13.96 55.42
N SER B 200 -13.28 14.48 54.24
CA SER B 200 -12.10 15.36 54.15
C SER B 200 -12.40 16.73 54.75
N GLU B 201 -11.36 17.46 55.12
CA GLU B 201 -11.54 18.75 55.81
C GLU B 201 -11.56 19.88 54.80
N VAL B 202 -11.58 19.53 53.52
CA VAL B 202 -11.63 20.56 52.45
C VAL B 202 -12.93 21.34 52.58
N MET B 203 -14.01 20.69 52.97
CA MET B 203 -15.33 21.35 52.99
C MET B 203 -15.54 22.02 54.34
N ARG B 204 -14.45 22.26 55.07
CA ARG B 204 -14.59 22.83 56.43
C ARG B 204 -15.25 24.21 56.35
N GLU B 205 -14.78 25.09 55.46
CA GLU B 205 -15.31 26.47 55.44
C GLU B 205 -15.96 26.76 54.10
N VAL B 206 -15.97 25.80 53.17
CA VAL B 206 -16.45 26.13 51.82
C VAL B 206 -17.86 26.67 51.94
N ALA B 207 -18.10 27.88 51.43
CA ALA B 207 -19.45 28.45 51.45
C ALA B 207 -19.91 28.63 50.03
N TRP B 208 -19.01 28.53 49.06
CA TRP B 208 -19.45 28.55 47.64
C TRP B 208 -18.74 27.44 46.88
N VAL B 209 -19.48 26.63 46.13
CA VAL B 209 -18.86 25.59 45.28
C VAL B 209 -19.24 25.94 43.85
N ILE B 210 -18.29 26.03 42.95
CA ILE B 210 -18.63 26.52 41.58
C ILE B 210 -18.70 25.33 40.65
N PHE B 211 -19.73 25.27 39.83
CA PHE B 211 -19.91 24.08 38.96
C PHE B 211 -19.87 24.55 37.52
N ASP B 212 -18.67 24.74 37.00
CA ASP B 212 -18.55 25.24 35.62
C ASP B 212 -19.09 24.14 34.75
N GLU B 213 -19.78 24.47 33.67
CA GLU B 213 -20.21 23.43 32.70
C GLU B 213 -20.99 22.33 33.40
N ILE B 214 -22.08 22.66 34.09
CA ILE B 214 -22.94 21.62 34.73
C ILE B 214 -23.60 20.83 33.60
N HIS B 215 -23.53 21.34 32.38
CA HIS B 215 -24.20 20.67 31.24
C HIS B 215 -23.49 19.36 30.92
N TYR B 216 -22.38 19.05 31.60
CA TYR B 216 -21.65 17.77 31.40
C TYR B 216 -22.15 16.73 32.39
N MET B 217 -23.34 16.95 32.96
CA MET B 217 -23.91 16.00 33.93
C MET B 217 -24.83 15.01 33.22
N ARG B 218 -24.75 14.94 31.90
CA ARG B 218 -25.59 13.99 31.13
C ARG B 218 -24.74 12.82 30.62
N ASP B 219 -23.42 12.93 30.75
CA ASP B 219 -22.51 11.90 30.19
C ASP B 219 -22.79 10.56 30.86
N SER B 220 -22.71 9.47 30.10
CA SER B 220 -23.01 8.14 30.68
C SER B 220 -22.01 7.79 31.77
N GLU B 221 -20.72 7.93 31.50
CA GLU B 221 -19.68 7.52 32.48
C GLU B 221 -19.60 8.44 33.70
N ARG B 222 -19.70 9.75 33.52
CA ARG B 222 -19.47 10.70 34.64
C ARG B 222 -20.71 11.54 35.02
N GLY B 223 -21.89 11.18 34.56
CA GLY B 223 -23.10 11.92 34.98
C GLY B 223 -23.34 11.77 36.45
N VAL B 224 -23.07 10.57 36.97
CA VAL B 224 -23.30 10.28 38.41
C VAL B 224 -22.41 11.15 39.29
N VAL B 225 -21.15 11.37 38.91
CA VAL B 225 -20.22 12.10 39.83
C VAL B 225 -20.77 13.49 40.11
N TRP B 226 -21.37 14.17 39.14
CA TRP B 226 -21.90 15.51 39.48
C TRP B 226 -23.04 15.46 40.50
N GLU B 227 -24.07 14.62 40.29
CA GLU B 227 -25.24 14.65 41.21
C GLU B 227 -24.79 14.10 42.55
N GLU B 228 -23.94 13.08 42.51
CA GLU B 228 -23.49 12.43 43.76
C GLU B 228 -22.75 13.47 44.59
N THR B 229 -21.91 14.29 43.97
CA THR B 229 -21.23 15.35 44.73
C THR B 229 -22.28 16.31 45.28
N ILE B 230 -23.23 16.73 44.46
CA ILE B 230 -24.21 17.76 44.92
C ILE B 230 -25.04 17.15 46.04
N ILE B 231 -25.44 15.90 45.91
CA ILE B 231 -26.32 15.34 46.96
C ILE B 231 -25.55 15.29 48.27
N LEU B 232 -24.28 14.92 48.24
CA LEU B 232 -23.47 14.78 49.48
C LEU B 232 -23.07 16.14 50.05
N LEU B 233 -23.02 17.19 49.25
CA LEU B 233 -22.50 18.51 49.74
C LEU B 233 -23.41 19.07 50.83
N PRO B 234 -22.84 19.68 51.88
CA PRO B 234 -23.62 20.22 52.97
C PRO B 234 -24.57 21.36 52.59
N ASP B 235 -25.71 21.43 53.26
CA ASP B 235 -26.74 22.45 52.95
C ASP B 235 -26.16 23.82 53.23
N ASN B 236 -25.17 23.92 54.11
CA ASN B 236 -24.58 25.24 54.48
C ASN B 236 -24.08 25.88 53.22
N VAL B 237 -23.49 25.10 52.32
CA VAL B 237 -22.85 25.62 51.08
C VAL B 237 -23.89 26.23 50.17
N HIS B 238 -23.55 27.35 49.53
CA HIS B 238 -24.45 27.96 48.52
C HIS B 238 -23.77 27.65 47.19
N TYR B 239 -24.51 27.46 46.10
CA TYR B 239 -23.84 26.96 44.86
C TYR B 239 -23.95 27.91 43.65
N VAL B 240 -22.89 28.00 42.84
CA VAL B 240 -22.95 28.79 41.58
C VAL B 240 -22.83 27.82 40.42
N PHE B 241 -23.79 27.77 39.51
CA PHE B 241 -23.77 26.75 38.45
C PHE B 241 -23.70 27.42 37.08
N LEU B 242 -22.76 27.00 36.23
CA LEU B 242 -22.57 27.62 34.91
C LEU B 242 -22.92 26.57 33.86
N SER B 243 -23.87 26.87 32.97
CA SER B 243 -24.33 25.88 31.98
C SER B 243 -24.67 26.57 30.67
N ALA B 244 -24.62 25.83 29.57
CA ALA B 244 -25.00 26.38 28.25
C ALA B 244 -26.52 26.36 28.17
N THR B 245 -27.09 26.92 27.11
CA THR B 245 -28.56 27.03 27.10
C THR B 245 -29.10 25.63 27.32
N ILE B 246 -29.98 25.48 28.30
CA ILE B 246 -30.63 24.17 28.52
C ILE B 246 -32.13 24.43 28.64
N PRO B 247 -33.00 23.67 27.96
CA PRO B 247 -34.43 23.82 28.12
C PRO B 247 -34.93 23.54 29.54
N ASN B 248 -34.37 22.54 30.22
CA ASN B 248 -34.91 22.08 31.53
C ASN B 248 -34.24 22.75 32.71
N ALA B 249 -33.66 23.95 32.57
CA ALA B 249 -32.91 24.54 33.69
C ALA B 249 -33.83 24.68 34.89
N ARG B 250 -35.09 25.04 34.68
CA ARG B 250 -35.98 25.31 35.82
C ARG B 250 -36.10 24.05 36.66
N GLN B 251 -36.15 22.90 36.02
CA GLN B 251 -36.26 21.61 36.75
C GLN B 251 -35.00 21.43 37.61
N PHE B 252 -33.83 21.81 37.09
CA PHE B 252 -32.57 21.66 37.86
C PHE B 252 -32.62 22.55 39.10
N ALA B 253 -33.12 23.78 38.96
CA ALA B 253 -33.11 24.70 40.10
C ALA B 253 -33.99 24.12 41.18
N GLU B 254 -35.13 23.61 40.76
CA GLU B 254 -36.09 23.10 41.74
C GLU B 254 -35.43 21.96 42.50
N TRP B 255 -34.68 21.09 41.82
CA TRP B 255 -34.09 19.91 42.52
C TRP B 255 -33.12 20.37 43.60
N ILE B 256 -32.26 21.34 43.28
CA ILE B 256 -31.26 21.85 44.27
C ILE B 256 -32.01 22.50 45.44
N CYS B 257 -33.07 23.28 45.18
CA CYS B 257 -33.83 23.83 46.32
C CYS B 257 -34.42 22.68 47.11
N HIS B 258 -34.95 21.67 46.45
CA HIS B 258 -35.58 20.51 47.14
C HIS B 258 -34.52 19.76 47.93
N LEU B 259 -33.36 19.53 47.33
CA LEU B 259 -32.26 18.79 48.00
C LEU B 259 -31.62 19.64 49.08
N HIS B 260 -31.44 20.93 48.84
CA HIS B 260 -30.64 21.74 49.79
C HIS B 260 -31.45 22.80 50.54
N LYS B 261 -32.77 22.86 50.37
CA LYS B 261 -33.62 23.78 51.18
C LYS B 261 -33.12 25.23 51.09
N GLN B 262 -32.83 25.72 49.88
CA GLN B 262 -32.37 27.12 49.67
C GLN B 262 -32.94 27.63 48.36
N PRO B 263 -33.06 28.97 48.14
CA PRO B 263 -33.51 29.45 46.83
C PRO B 263 -32.43 29.32 45.77
N CYS B 264 -32.73 28.74 44.60
CA CYS B 264 -31.74 28.66 43.50
C CYS B 264 -32.30 29.46 42.35
N HIS B 265 -31.60 30.52 41.97
CA HIS B 265 -32.16 31.39 40.91
C HIS B 265 -31.82 30.78 39.55
N VAL B 266 -32.60 31.10 38.51
CA VAL B 266 -32.29 30.63 37.14
C VAL B 266 -32.11 31.89 36.29
N ILE B 267 -30.95 32.04 35.65
CA ILE B 267 -30.68 33.23 34.81
C ILE B 267 -30.44 32.75 33.38
N TYR B 268 -31.31 33.11 32.44
CA TYR B 268 -31.19 32.55 31.07
C TYR B 268 -31.24 33.67 30.04
N THR B 269 -30.20 33.82 29.23
CA THR B 269 -30.26 34.80 28.13
C THR B 269 -30.00 34.05 26.83
N ASP B 270 -30.82 34.27 25.81
CA ASP B 270 -30.65 33.61 24.49
C ASP B 270 -29.74 34.50 23.65
N TYR B 271 -29.26 35.60 24.23
CA TYR B 271 -28.42 36.57 23.50
C TYR B 271 -27.04 35.99 23.17
N ARG B 272 -26.46 36.39 22.03
CA ARG B 272 -25.10 35.96 21.63
C ARG B 272 -24.21 37.19 21.53
N PRO B 273 -23.08 37.27 22.27
CA PRO B 273 -22.25 38.47 22.25
C PRO B 273 -21.63 38.74 20.89
N THR B 274 -21.07 37.71 20.27
CA THR B 274 -20.58 37.87 18.89
C THR B 274 -21.62 37.19 18.02
N PRO B 275 -22.40 37.96 17.23
CA PRO B 275 -23.45 37.37 16.46
C PRO B 275 -22.89 36.39 15.42
N LEU B 276 -23.63 35.33 15.08
CA LEU B 276 -23.10 34.31 14.15
C LEU B 276 -23.95 34.25 12.87
N GLN B 277 -23.32 33.98 11.70
CA GLN B 277 -24.03 33.83 10.41
C GLN B 277 -23.83 32.40 9.95
N HIS B 278 -24.90 31.64 9.75
CA HIS B 278 -24.77 30.20 9.44
C HIS B 278 -24.91 29.99 7.94
N TYR B 279 -24.02 29.21 7.34
CA TYR B 279 -23.95 29.09 5.87
C TYR B 279 -23.88 27.62 5.47
N ILE B 280 -24.17 27.33 4.20
CA ILE B 280 -24.20 25.93 3.69
C ILE B 280 -23.39 25.88 2.41
N PHE B 281 -22.70 24.77 2.19
CA PHE B 281 -21.92 24.62 0.94
C PHE B 281 -22.50 23.44 0.17
N PRO B 282 -23.23 23.70 -0.92
CA PRO B 282 -23.75 22.62 -1.71
C PRO B 282 -22.58 21.90 -2.35
N ALA B 283 -22.58 20.57 -2.29
CA ALA B 283 -21.40 19.87 -2.82
C ALA B 283 -21.26 20.14 -4.31
N GLY B 284 -20.06 20.52 -4.75
CA GLY B 284 -19.82 20.85 -6.16
C GLY B 284 -20.16 22.29 -6.48
N GLY B 285 -20.64 23.03 -5.49
CA GLY B 285 -20.97 24.45 -5.70
C GLY B 285 -19.71 25.25 -5.71
N ASP B 286 -19.75 26.47 -6.21
CA ASP B 286 -18.51 27.28 -6.12
C ASP B 286 -18.77 28.41 -5.14
N GLY B 287 -19.87 28.30 -4.39
CA GLY B 287 -20.26 29.43 -3.52
C GLY B 287 -20.81 29.05 -2.17
N LEU B 288 -20.91 30.04 -1.29
CA LEU B 288 -21.43 29.81 0.06
C LEU B 288 -22.78 30.53 0.17
N HIS B 289 -23.82 29.86 0.64
CA HIS B 289 -25.17 30.45 0.68
C HIS B 289 -25.58 30.63 2.14
N LEU B 290 -26.22 31.74 2.50
CA LEU B 290 -26.59 32.04 3.90
C LEU B 290 -27.92 31.37 4.21
N VAL B 291 -27.92 30.39 5.12
CA VAL B 291 -29.17 29.69 5.47
C VAL B 291 -29.77 30.29 6.73
N VAL B 292 -28.99 30.60 7.75
CA VAL B 292 -29.56 31.30 8.94
C VAL B 292 -28.89 32.66 9.09
N ASP B 293 -29.66 33.73 9.21
CA ASP B 293 -29.08 35.09 9.21
C ASP B 293 -28.57 35.49 10.60
N GLU B 294 -28.09 36.73 10.74
CA GLU B 294 -27.53 37.22 12.02
C GLU B 294 -28.58 37.24 13.13
N ASN B 295 -29.79 37.71 12.83
CA ASN B 295 -30.87 37.78 13.84
C ASN B 295 -31.24 36.36 14.24
N GLY B 296 -31.03 35.39 13.34
CA GLY B 296 -31.41 34.00 13.62
C GLY B 296 -32.52 33.48 12.72
N ASP B 297 -32.96 34.29 11.75
CA ASP B 297 -34.00 33.86 10.79
C ASP B 297 -33.45 32.80 9.84
N PHE B 298 -34.26 31.82 9.43
CA PHE B 298 -33.81 30.78 8.46
C PHE B 298 -34.22 31.26 7.09
N ARG B 299 -33.25 31.46 6.23
CA ARG B 299 -33.53 31.90 4.86
C ARG B 299 -33.81 30.65 4.06
N GLU B 300 -35.07 30.27 3.93
CA GLU B 300 -35.43 29.03 3.20
C GLU B 300 -35.03 29.19 1.73
N ASP B 301 -35.19 30.38 1.17
CA ASP B 301 -34.93 30.53 -0.28
C ASP B 301 -33.49 30.14 -0.56
N ASN B 302 -32.57 30.62 0.27
CA ASN B 302 -31.14 30.27 0.11
C ASN B 302 -30.90 28.80 0.45
N PHE B 303 -31.62 28.22 1.40
CA PHE B 303 -31.44 26.76 1.65
C PHE B 303 -31.89 26.00 0.42
N ASN B 304 -33.03 26.37 -0.13
CA ASN B 304 -33.54 25.66 -1.33
C ASN B 304 -32.56 25.89 -2.47
N THR B 305 -32.07 27.11 -2.63
CA THR B 305 -31.22 27.41 -3.80
C THR B 305 -29.92 26.61 -3.70
N ALA B 306 -29.50 26.24 -2.49
CA ALA B 306 -28.28 25.43 -2.31
C ALA B 306 -28.57 23.98 -2.65
N MET B 307 -29.72 23.46 -2.23
CA MET B 307 -29.99 22.03 -2.45
C MET B 307 -30.08 21.76 -3.94
N GLN B 308 -30.53 22.74 -4.72
CA GLN B 308 -30.63 22.56 -6.20
C GLN B 308 -29.23 22.31 -6.76
N VAL B 309 -28.23 22.99 -6.23
CA VAL B 309 -26.83 22.78 -6.69
C VAL B 309 -26.41 21.34 -6.36
N LEU B 310 -26.83 20.81 -5.23
CA LEU B 310 -26.50 19.40 -4.92
C LEU B 310 -27.16 18.49 -5.95
N ARG B 311 -28.38 18.81 -6.39
CA ARG B 311 -29.06 17.88 -7.33
C ARG B 311 -28.25 17.81 -8.62
N ASP B 312 -27.41 18.83 -8.92
CA ASP B 312 -26.56 18.87 -10.14
C ASP B 312 -27.46 19.20 -11.34
N SER B 332 -17.03 19.68 -3.86
CA SER B 332 -16.59 20.59 -2.82
C SER B 332 -15.27 20.11 -2.32
N ASN B 333 -14.38 21.06 -2.00
CA ASN B 333 -13.06 20.70 -1.46
C ASN B 333 -12.76 21.59 -0.26
N VAL B 334 -12.26 21.01 0.83
CA VAL B 334 -11.90 21.78 2.05
C VAL B 334 -10.78 22.74 1.70
N PHE B 335 -9.89 22.36 0.79
CA PHE B 335 -8.75 23.23 0.46
C PHE B 335 -9.33 24.52 -0.07
N LYS B 336 -10.32 24.46 -0.92
CA LYS B 336 -10.80 25.72 -1.51
C LYS B 336 -11.43 26.58 -0.42
N ILE B 337 -12.18 25.99 0.49
CA ILE B 337 -12.84 26.75 1.58
C ILE B 337 -11.79 27.34 2.52
N VAL B 338 -10.73 26.62 2.83
CA VAL B 338 -9.66 27.22 3.67
C VAL B 338 -8.99 28.34 2.89
N LYS B 339 -8.73 28.15 1.61
CA LYS B 339 -8.04 29.19 0.79
C LYS B 339 -8.94 30.42 0.71
N MET B 340 -10.26 30.24 0.54
CA MET B 340 -11.19 31.39 0.41
C MET B 340 -11.18 32.14 1.73
N ILE B 341 -11.20 31.44 2.84
CA ILE B 341 -11.30 32.13 4.15
C ILE B 341 -10.07 33.01 4.27
N MET B 342 -8.91 32.52 3.87
CA MET B 342 -7.68 33.31 4.10
C MET B 342 -7.67 34.51 3.18
N GLU B 343 -8.31 34.41 2.02
CA GLU B 343 -8.37 35.54 1.05
C GLU B 343 -9.21 36.69 1.59
N ARG B 344 -10.31 36.40 2.32
CA ARG B 344 -11.25 37.46 2.77
C ARG B 344 -11.13 37.80 4.26
N ASN B 345 -10.03 37.47 4.91
CA ASN B 345 -9.79 37.75 6.36
C ASN B 345 -10.85 37.11 7.24
N PHE B 346 -11.19 35.85 7.00
CA PHE B 346 -12.11 35.12 7.90
C PHE B 346 -11.28 34.18 8.77
N GLN B 347 -9.96 34.34 8.74
CA GLN B 347 -9.07 33.55 9.61
C GLN B 347 -9.30 34.06 11.03
N PRO B 348 -8.95 33.38 12.15
CA PRO B 348 -8.53 32.00 12.19
C PRO B 348 -9.68 31.03 12.02
N VAL B 349 -9.42 29.79 11.56
CA VAL B 349 -10.54 28.85 11.28
C VAL B 349 -10.24 27.50 11.95
N ILE B 350 -11.27 26.84 12.52
CA ILE B 350 -11.10 25.48 13.11
C ILE B 350 -11.87 24.54 12.20
N ILE B 351 -11.25 23.49 11.69
CA ILE B 351 -11.92 22.63 10.69
C ILE B 351 -12.39 21.37 11.40
N PHE B 352 -13.71 21.11 11.43
CA PHE B 352 -14.22 19.98 12.23
C PHE B 352 -14.33 18.70 11.41
N SER B 353 -13.35 17.82 11.53
CA SER B 353 -13.31 16.54 10.81
C SER B 353 -13.54 15.46 11.86
N PHE B 354 -14.53 14.62 11.69
CA PHE B 354 -14.92 13.65 12.73
C PHE B 354 -13.88 12.55 12.97
N SER B 355 -12.93 12.37 12.06
CA SER B 355 -11.94 11.26 12.20
C SER B 355 -10.52 11.83 12.13
N LYS B 356 -9.57 11.23 12.84
CA LYS B 356 -8.19 11.78 12.87
C LYS B 356 -7.58 11.73 11.48
N LYS B 357 -7.87 10.68 10.73
CA LYS B 357 -7.21 10.55 9.42
C LYS B 357 -7.59 11.75 8.58
N ASP B 358 -8.86 12.13 8.64
CA ASP B 358 -9.34 13.26 7.83
C ASP B 358 -8.62 14.53 8.27
N CYS B 359 -8.44 14.77 9.57
CA CYS B 359 -7.80 16.03 10.03
C CYS B 359 -6.38 16.10 9.50
N GLU B 360 -5.63 15.01 9.62
CA GLU B 360 -4.20 15.02 9.22
C GLU B 360 -4.04 15.18 7.71
N ALA B 361 -4.84 14.47 6.91
CA ALA B 361 -4.68 14.52 5.45
C ALA B 361 -5.01 15.89 4.90
N TYR B 362 -6.03 16.53 5.46
CA TYR B 362 -6.43 17.85 4.96
C TYR B 362 -5.28 18.82 5.18
N ALA B 363 -4.53 18.65 6.25
CA ALA B 363 -3.47 19.63 6.55
C ALA B 363 -2.44 19.55 5.46
N LEU B 364 -2.00 18.34 5.18
CA LEU B 364 -0.93 18.19 4.18
C LEU B 364 -1.44 18.73 2.85
N GLN B 365 -2.74 18.71 2.64
CA GLN B 365 -3.25 19.35 1.40
C GLN B 365 -2.99 20.84 1.48
N MET B 366 -3.19 21.46 2.64
CA MET B 366 -3.06 22.95 2.74
C MET B 366 -1.60 23.33 2.99
N THR B 367 -0.70 22.35 3.01
CA THR B 367 0.75 22.59 3.18
C THR B 367 1.24 23.18 1.88
N LYS B 368 0.41 23.11 0.84
CA LYS B 368 0.79 23.68 -0.48
C LYS B 368 1.03 25.16 -0.31
N LEU B 369 0.27 25.81 0.58
CA LEU B 369 0.36 27.27 0.79
C LEU B 369 0.94 27.55 2.17
N ASP B 370 1.39 28.78 2.41
CA ASP B 370 1.93 29.18 3.74
C ASP B 370 1.09 30.35 4.25
N PHE B 371 0.60 30.26 5.50
CA PHE B 371 -0.20 31.34 6.11
C PHE B 371 0.65 32.11 7.13
N ASN B 372 1.96 31.89 7.12
CA ASN B 372 2.90 32.56 8.06
C ASN B 372 3.31 33.93 7.56
N THR B 373 3.86 34.77 8.45
CA THR B 373 4.36 36.10 8.04
C THR B 373 5.89 36.12 8.01
N ASP B 374 6.55 35.04 8.46
CA ASP B 374 8.03 34.99 8.55
C ASP B 374 8.43 35.73 9.81
N GLU B 375 7.46 36.28 10.54
CA GLU B 375 7.70 36.93 11.85
C GLU B 375 7.00 36.05 12.86
N GLU B 376 6.05 35.24 12.38
CA GLU B 376 5.31 34.31 13.26
C GLU B 376 6.06 32.99 13.22
N LYS B 377 6.77 32.73 12.12
CA LYS B 377 7.59 31.50 12.02
C LYS B 377 8.65 31.58 13.10
N LYS B 378 9.19 32.76 13.33
CA LYS B 378 10.16 32.90 14.42
C LYS B 378 9.43 32.59 15.73
N MET B 379 8.21 33.06 15.87
CA MET B 379 7.55 32.84 17.17
C MET B 379 7.20 31.36 17.37
N VAL B 380 6.71 30.68 16.33
CA VAL B 380 6.33 29.24 16.45
C VAL B 380 7.59 28.46 16.76
N GLU B 381 8.68 28.80 16.12
CA GLU B 381 9.97 28.16 16.44
C GLU B 381 10.34 28.46 17.90
N GLU B 382 10.05 29.66 18.42
CA GLU B 382 10.31 29.93 19.87
C GLU B 382 9.37 29.15 20.79
N VAL B 383 8.06 29.19 20.57
CA VAL B 383 7.17 28.52 21.55
C VAL B 383 7.41 27.02 21.51
N PHE B 384 7.48 26.44 20.33
CA PHE B 384 7.61 24.97 20.25
C PHE B 384 8.89 24.55 20.98
N SER B 385 10.04 25.08 20.60
CA SER B 385 11.32 24.64 21.20
C SER B 385 11.39 24.93 22.69
N ASN B 386 10.87 26.07 23.13
CA ASN B 386 10.99 26.41 24.57
C ASN B 386 10.15 25.42 25.39
N ALA B 387 8.93 25.14 24.97
CA ALA B 387 8.00 24.24 25.70
C ALA B 387 8.47 22.80 25.65
N ILE B 388 9.06 22.37 24.53
CA ILE B 388 9.50 20.97 24.35
C ILE B 388 10.92 20.84 24.85
N ASP B 389 11.42 21.89 25.50
CA ASP B 389 12.77 21.79 26.11
C ASP B 389 12.74 20.72 27.19
N CYS B 390 11.63 20.60 27.92
CA CYS B 390 11.58 19.63 29.05
C CYS B 390 11.30 18.26 28.47
N LEU B 391 12.23 17.74 27.69
CA LEU B 391 12.07 16.38 27.13
C LEU B 391 13.43 15.72 27.03
N SER B 392 13.47 14.38 26.98
CA SER B 392 14.74 13.66 26.78
C SER B 392 15.15 13.89 25.34
N ASP B 393 16.45 13.92 25.08
CA ASP B 393 16.86 14.26 23.71
C ASP B 393 16.28 13.22 22.76
N GLU B 394 16.28 11.97 23.16
CA GLU B 394 15.81 10.89 22.27
C GLU B 394 14.34 11.09 21.92
N ASP B 395 13.51 11.48 22.90
CA ASP B 395 12.06 11.73 22.71
C ASP B 395 11.86 12.99 21.85
N LYS B 396 12.73 13.98 21.97
CA LYS B 396 12.54 15.27 21.26
C LYS B 396 12.55 15.00 19.76
N LYS B 397 13.19 13.92 19.34
CA LYS B 397 13.30 13.59 17.90
C LYS B 397 12.35 12.44 17.57
N LEU B 398 11.33 12.21 18.37
CA LEU B 398 10.32 11.15 18.08
C LEU B 398 9.62 11.59 16.80
N PRO B 399 9.01 10.70 16.01
CA PRO B 399 8.46 11.12 14.75
C PRO B 399 7.41 12.23 14.77
N GLN B 400 6.47 12.23 15.70
CA GLN B 400 5.41 13.27 15.60
C GLN B 400 5.99 14.67 15.76
N VAL B 401 6.92 14.87 16.67
CA VAL B 401 7.43 16.23 16.97
C VAL B 401 8.06 16.78 15.71
N GLU B 402 8.84 15.97 15.02
CA GLU B 402 9.55 16.40 13.80
C GLU B 402 8.58 16.73 12.67
N HIS B 403 7.55 15.93 12.44
CA HIS B 403 6.53 16.18 11.38
C HIS B 403 5.59 17.34 11.72
N VAL B 404 5.24 17.51 12.99
CA VAL B 404 4.31 18.58 13.45
C VAL B 404 4.91 19.98 13.26
N LEU B 405 6.19 20.21 13.56
CA LEU B 405 6.75 21.59 13.48
C LEU B 405 6.69 22.18 12.07
N PRO B 406 7.01 21.47 10.97
CA PRO B 406 7.00 22.10 9.69
C PRO B 406 5.60 22.70 9.50
N LEU B 407 4.57 21.96 9.87
CA LEU B 407 3.19 22.45 9.67
C LEU B 407 2.94 23.64 10.58
N LEU B 408 3.47 23.61 11.80
CA LEU B 408 3.13 24.66 12.79
C LEU B 408 3.61 26.03 12.30
N LYS B 409 4.78 26.11 11.67
CA LYS B 409 5.32 27.37 11.12
C LYS B 409 4.40 27.87 10.00
N ARG B 410 3.80 26.96 9.23
CA ARG B 410 2.96 27.35 8.07
C ARG B 410 1.57 27.78 8.52
N GLY B 411 1.28 27.73 9.82
CA GLY B 411 -0.03 28.20 10.29
C GLY B 411 -1.08 27.13 10.21
N ILE B 412 -0.67 25.89 9.98
CA ILE B 412 -1.63 24.77 9.95
C ILE B 412 -1.39 23.95 11.22
N GLY B 413 -2.44 23.67 11.97
CA GLY B 413 -2.30 22.92 13.24
C GLY B 413 -3.37 21.86 13.35
N ILE B 414 -3.18 20.84 14.19
CA ILE B 414 -4.14 19.71 14.32
C ILE B 414 -4.45 19.51 15.79
N HIS B 415 -5.68 19.11 16.12
CA HIS B 415 -6.05 18.80 17.52
C HIS B 415 -6.74 17.46 17.58
N HIS B 416 -5.99 16.38 17.40
CA HIS B 416 -6.52 15.01 17.52
C HIS B 416 -5.97 14.44 18.81
N GLY B 417 -6.72 13.55 19.43
CA GLY B 417 -6.29 12.95 20.70
C GLY B 417 -5.02 12.17 20.56
N GLY B 418 -4.73 11.67 19.37
CA GLY B 418 -3.49 10.92 19.11
C GLY B 418 -2.27 11.76 19.34
N LEU B 419 -2.40 13.08 19.26
CA LEU B 419 -1.22 13.94 19.39
C LEU B 419 -0.63 13.67 20.76
N LEU B 420 0.68 13.67 20.83
CA LEU B 420 1.32 13.47 22.13
C LEU B 420 0.82 14.64 22.94
N PRO B 421 0.63 14.51 24.26
CA PRO B 421 0.12 15.58 25.05
C PRO B 421 0.98 16.84 24.99
N ILE B 422 2.31 16.72 25.02
CA ILE B 422 3.13 17.94 25.04
C ILE B 422 2.94 18.71 23.72
N LEU B 423 2.90 18.01 22.59
CA LEU B 423 2.66 18.66 21.28
C LEU B 423 1.25 19.22 21.24
N LYS B 424 0.27 18.51 21.80
CA LYS B 424 -1.12 18.99 21.68
C LYS B 424 -1.21 20.34 22.36
N GLU B 425 -0.60 20.44 23.53
CA GLU B 425 -0.73 21.71 24.29
C GLU B 425 -0.07 22.86 23.52
N THR B 426 1.10 22.63 22.94
CA THR B 426 1.81 23.67 22.18
C THR B 426 0.94 24.17 21.04
N ILE B 427 0.20 23.28 20.37
CA ILE B 427 -0.72 23.67 19.27
C ILE B 427 -1.82 24.56 19.85
N GLU B 428 -2.28 24.25 21.06
CA GLU B 428 -3.29 25.10 21.75
C GLU B 428 -2.70 26.46 22.15
N ILE B 429 -1.48 26.50 22.68
CA ILE B 429 -0.93 27.81 23.14
C ILE B 429 -0.79 28.69 21.93
N LEU B 430 -0.32 28.13 20.83
CA LEU B 430 -0.09 28.91 19.59
C LEU B 430 -1.43 29.43 19.07
N PHE B 431 -2.49 28.63 19.16
CA PHE B 431 -3.76 29.10 18.59
C PHE B 431 -4.21 30.37 19.30
N SER B 432 -4.10 30.42 20.63
CA SER B 432 -4.61 31.61 21.34
C SER B 432 -3.81 32.81 20.89
N GLU B 433 -2.50 32.66 20.73
CA GLU B 433 -1.60 33.79 20.36
C GLU B 433 -1.93 34.24 18.94
N GLY B 434 -2.64 33.40 18.19
CA GLY B 434 -3.07 33.75 16.82
C GLY B 434 -2.15 33.22 15.74
N LEU B 435 -1.15 32.44 16.13
CA LEU B 435 -0.16 31.90 15.16
C LEU B 435 -0.77 30.81 14.27
N ILE B 436 -1.81 30.08 14.71
CA ILE B 436 -2.35 28.95 13.89
C ILE B 436 -3.64 29.39 13.20
N LYS B 437 -3.54 29.71 11.90
CA LYS B 437 -4.69 30.20 11.10
C LYS B 437 -5.71 29.12 10.78
N ALA B 438 -5.27 27.91 10.45
CA ALA B 438 -6.22 26.79 10.25
C ALA B 438 -5.83 25.63 11.14
N LEU B 439 -6.74 25.20 12.00
CA LEU B 439 -6.44 24.07 12.90
C LEU B 439 -7.39 22.94 12.50
N PHE B 440 -6.88 21.80 12.08
CA PHE B 440 -7.79 20.75 11.59
C PHE B 440 -8.19 19.98 12.85
N ALA B 441 -9.47 19.93 13.17
CA ALA B 441 -9.77 19.39 14.51
C ALA B 441 -10.77 18.26 14.56
N THR B 442 -10.62 17.41 15.57
CA THR B 442 -11.61 16.34 15.84
C THR B 442 -12.66 17.06 16.69
N GLU B 443 -13.79 16.42 16.98
CA GLU B 443 -14.92 17.04 17.72
C GLU B 443 -14.50 17.40 19.15
N THR B 444 -13.44 16.82 19.68
CA THR B 444 -13.00 17.03 21.08
C THR B 444 -12.35 18.42 21.33
N PHE B 445 -11.97 19.18 20.30
CA PHE B 445 -11.46 20.56 20.52
C PHE B 445 -12.56 21.41 21.13
N ALA B 446 -13.80 21.16 20.74
CA ALA B 446 -14.97 21.89 21.26
C ALA B 446 -15.19 21.67 22.75
N MET B 447 -14.93 20.46 23.27
CA MET B 447 -15.23 20.14 24.69
C MET B 447 -14.01 20.42 25.59
N GLY B 448 -12.92 20.91 25.03
CA GLY B 448 -11.76 21.32 25.83
C GLY B 448 -11.94 22.76 26.27
N ILE B 449 -10.86 23.45 26.61
CA ILE B 449 -10.97 24.84 27.13
C ILE B 449 -11.46 25.73 26.00
N ASN B 450 -12.09 26.86 26.33
CA ASN B 450 -12.70 27.68 25.26
C ASN B 450 -11.62 28.10 24.30
N MET B 451 -11.80 27.81 23.01
CA MET B 451 -10.87 28.27 21.98
C MET B 451 -11.71 28.85 20.88
N PRO B 452 -12.26 30.05 21.05
CA PRO B 452 -13.14 30.60 20.06
C PRO B 452 -12.34 30.90 18.78
N ALA B 453 -12.99 30.82 17.62
CA ALA B 453 -12.34 31.15 16.35
C ALA B 453 -13.32 31.99 15.55
N ARG B 454 -12.88 32.77 14.58
CA ARG B 454 -13.85 33.52 13.75
C ARG B 454 -14.63 32.58 12.86
N THR B 455 -13.98 31.59 12.25
CA THR B 455 -14.73 30.76 11.28
C THR B 455 -14.64 29.30 11.69
N VAL B 456 -15.78 28.61 11.70
CA VAL B 456 -15.80 27.16 11.99
C VAL B 456 -16.42 26.47 10.79
N LEU B 457 -15.75 25.46 10.25
CA LEU B 457 -16.24 24.76 9.04
C LEU B 457 -16.48 23.28 9.32
N PHE B 458 -17.58 22.74 8.78
CA PHE B 458 -17.93 21.33 9.03
C PHE B 458 -17.58 20.50 7.80
N THR B 459 -16.58 19.61 7.91
CA THR B 459 -16.13 18.82 6.75
C THR B 459 -17.24 17.88 6.32
N ASN B 460 -17.93 17.25 7.27
CA ASN B 460 -19.05 16.34 6.94
C ASN B 460 -20.22 16.60 7.87
N ALA B 461 -21.40 16.92 7.32
CA ALA B 461 -22.60 17.09 8.17
C ALA B 461 -23.10 15.75 8.70
N ARG B 462 -23.19 14.76 7.84
CA ARG B 462 -23.56 13.42 8.32
C ARG B 462 -22.37 12.89 9.13
N LYS B 463 -22.63 12.23 10.24
CA LYS B 463 -21.53 11.80 11.12
C LYS B 463 -21.66 10.31 11.36
N PHE B 464 -20.53 9.60 11.51
CA PHE B 464 -20.58 8.17 11.88
C PHE B 464 -19.59 7.97 13.03
N PHE B 469 -25.06 6.30 9.12
CA PHE B 469 -24.66 7.72 9.30
C PHE B 469 -25.89 8.53 9.73
N ARG B 470 -25.67 9.57 10.56
CA ARG B 470 -26.80 10.38 11.07
C ARG B 470 -26.44 11.87 10.97
N TRP B 471 -27.43 12.74 10.74
CA TRP B 471 -27.17 14.20 10.68
C TRP B 471 -26.69 14.68 12.05
N ILE B 472 -25.73 15.61 12.07
CA ILE B 472 -25.27 16.18 13.37
C ILE B 472 -26.50 16.74 14.12
N SER B 473 -26.57 16.50 15.43
CA SER B 473 -27.72 16.95 16.25
C SER B 473 -27.75 18.47 16.30
N SER B 474 -28.88 19.04 16.71
CA SER B 474 -28.93 20.50 16.90
C SER B 474 -27.86 20.77 17.93
N GLY B 475 -27.70 19.87 18.91
CA GLY B 475 -26.66 20.00 19.96
C GLY B 475 -25.22 19.87 19.45
N GLU B 476 -24.95 18.93 18.55
CA GLU B 476 -23.57 18.85 18.03
C GLU B 476 -23.28 20.12 17.25
N TYR B 477 -24.21 20.59 16.46
CA TYR B 477 -23.98 21.87 15.77
C TYR B 477 -23.85 22.99 16.80
N ILE B 478 -24.66 22.97 17.87
CA ILE B 478 -24.69 24.08 18.85
C ILE B 478 -23.37 24.21 19.64
N GLN B 479 -22.79 23.10 20.08
CA GLN B 479 -21.47 23.19 20.76
C GLN B 479 -20.32 23.49 19.78
N MET B 480 -20.29 22.78 18.66
CA MET B 480 -19.18 22.95 17.69
C MET B 480 -19.23 24.32 17.04
N SER B 481 -20.41 24.81 16.69
CA SER B 481 -20.55 26.16 16.12
C SER B 481 -20.22 27.23 17.15
N GLY B 482 -20.47 27.01 18.42
CA GLY B 482 -20.28 28.05 19.44
C GLY B 482 -18.84 28.45 19.53
N ARG B 483 -17.95 27.62 19.04
CA ARG B 483 -16.50 27.89 19.10
C ARG B 483 -16.23 28.91 18.01
N ALA B 484 -17.28 29.39 17.34
CA ALA B 484 -17.13 30.48 16.36
C ALA B 484 -17.68 31.75 16.97
N GLY B 485 -17.03 32.86 16.72
CA GLY B 485 -17.46 34.12 17.33
C GLY B 485 -16.59 34.51 18.51
N ARG B 486 -15.45 35.12 18.24
CA ARG B 486 -14.59 35.61 19.34
C ARG B 486 -15.12 37.00 19.68
N ARG B 487 -15.44 37.27 20.95
CA ARG B 487 -16.10 38.56 21.30
C ARG B 487 -15.22 39.77 21.10
N GLY B 488 -14.00 39.69 21.60
CA GLY B 488 -13.13 40.87 21.56
C GLY B 488 -12.68 41.26 20.17
N MET B 489 -12.33 40.27 19.37
CA MET B 489 -11.72 40.61 18.07
C MET B 489 -12.69 40.47 16.88
N ASP B 490 -13.74 39.65 16.99
CA ASP B 490 -14.60 39.40 15.81
C ASP B 490 -15.93 40.12 15.94
N ASP B 491 -16.28 40.95 14.95
CA ASP B 491 -17.60 41.63 14.93
C ASP B 491 -18.71 40.61 14.73
N ARG B 492 -18.47 39.58 13.91
CA ARG B 492 -19.43 38.49 13.66
C ARG B 492 -18.63 37.21 13.56
N GLY B 493 -19.30 36.06 13.59
CA GLY B 493 -18.60 34.78 13.40
C GLY B 493 -19.07 34.18 12.11
N ILE B 494 -18.40 33.15 11.60
CA ILE B 494 -18.90 32.48 10.38
C ILE B 494 -18.91 30.97 10.64
N VAL B 495 -19.99 30.27 10.30
CA VAL B 495 -20.02 28.79 10.43
C VAL B 495 -20.33 28.20 9.05
N ILE B 496 -19.49 27.31 8.52
CA ILE B 496 -19.69 26.80 7.13
C ILE B 496 -20.04 25.33 7.21
N LEU B 497 -21.18 24.95 6.65
CA LEU B 497 -21.62 23.55 6.70
C LEU B 497 -21.49 22.95 5.30
N MET B 498 -20.71 21.89 5.19
CA MET B 498 -20.51 21.21 3.90
C MET B 498 -21.44 20.02 3.91
N VAL B 499 -22.29 19.90 2.89
CA VAL B 499 -23.28 18.79 2.83
C VAL B 499 -22.97 17.97 1.58
N ASP B 500 -22.94 16.65 1.72
CA ASP B 500 -22.65 15.74 0.57
C ASP B 500 -23.92 15.00 0.18
N GLU B 501 -24.91 14.99 1.06
CA GLU B 501 -26.22 14.34 0.78
C GLU B 501 -27.29 15.41 0.92
N LYS B 502 -28.42 15.21 0.28
CA LYS B 502 -29.48 16.24 0.28
C LYS B 502 -30.13 16.35 1.64
N MET B 503 -30.71 17.52 1.91
CA MET B 503 -31.34 17.77 3.21
C MET B 503 -32.75 18.28 2.95
N SER B 504 -33.59 18.24 3.96
CA SER B 504 -34.96 18.73 3.83
C SER B 504 -35.07 20.04 4.59
N PRO B 505 -35.88 21.01 4.16
CA PRO B 505 -35.92 22.29 4.81
C PRO B 505 -36.27 22.12 6.29
N THR B 506 -37.16 21.18 6.60
CA THR B 506 -37.56 20.88 8.01
C THR B 506 -36.39 20.32 8.83
N ILE B 507 -35.51 19.50 8.25
CA ILE B 507 -34.29 19.03 8.98
C ILE B 507 -33.35 20.22 9.19
N GLY B 508 -33.35 21.16 8.26
CA GLY B 508 -32.43 22.31 8.34
C GLY B 508 -32.69 23.15 9.55
N LYS B 509 -33.94 23.30 9.92
CA LYS B 509 -34.26 24.05 11.16
C LYS B 509 -33.58 23.35 12.32
N GLN B 510 -33.67 22.03 12.37
CA GLN B 510 -33.09 21.32 13.55
C GLN B 510 -31.58 21.50 13.57
N LEU B 511 -30.87 21.35 12.46
CA LEU B 511 -29.41 21.50 12.58
C LEU B 511 -29.06 22.93 12.97
N LEU B 512 -29.75 23.93 12.43
CA LEU B 512 -29.31 25.33 12.63
C LEU B 512 -30.10 26.12 13.64
N LYS B 513 -31.43 26.18 13.53
CA LYS B 513 -32.26 27.06 14.41
C LYS B 513 -32.83 26.28 15.58
N GLY B 514 -32.41 25.04 15.73
CA GLY B 514 -33.00 24.17 16.76
C GLY B 514 -32.71 24.58 18.16
N SER B 515 -33.08 23.71 19.10
CA SER B 515 -32.91 24.01 20.54
C SER B 515 -31.89 23.04 21.09
N ALA B 516 -31.23 23.42 22.17
CA ALA B 516 -30.14 22.55 22.64
C ALA B 516 -30.70 21.32 23.33
N ASP B 517 -29.87 20.28 23.47
CA ASP B 517 -30.33 19.03 24.07
C ASP B 517 -30.73 19.29 25.54
N PRO B 518 -31.81 18.68 26.05
CA PRO B 518 -32.23 18.87 27.42
C PRO B 518 -31.23 18.30 28.42
N LEU B 519 -31.17 18.85 29.64
CA LEU B 519 -30.29 18.24 30.68
C LEU B 519 -31.12 17.15 31.35
N ASN B 520 -30.54 15.96 31.52
CA ASN B 520 -31.27 14.84 32.13
C ASN B 520 -30.28 14.03 32.96
N SER B 521 -30.75 13.36 34.03
CA SER B 521 -29.84 12.63 34.94
C SER B 521 -29.27 11.38 34.32
N ALA B 522 -28.06 11.01 34.72
CA ALA B 522 -27.45 9.75 34.26
C ALA B 522 -27.21 8.86 35.46
N PHE B 523 -27.99 9.05 36.53
CA PHE B 523 -27.64 8.31 37.75
C PHE B 523 -27.59 6.83 37.40
N HIS B 524 -26.46 6.22 37.72
CA HIS B 524 -26.32 4.78 37.49
C HIS B 524 -25.71 4.21 38.77
N LEU B 525 -26.29 3.15 39.29
CA LEU B 525 -25.78 2.63 40.55
C LEU B 525 -24.37 2.14 40.27
N THR B 526 -23.43 2.46 41.15
CA THR B 526 -22.05 1.97 41.02
C THR B 526 -21.66 1.32 42.34
N TYR B 527 -20.81 0.30 42.28
CA TYR B 527 -20.37 -0.41 43.49
C TYR B 527 -19.61 0.57 44.38
N ASN B 528 -18.86 1.49 43.77
CA ASN B 528 -18.06 2.46 44.57
C ASN B 528 -19.01 3.28 45.45
N MET B 529 -20.14 3.71 44.91
CA MET B 529 -21.09 4.41 45.79
C MET B 529 -21.62 3.43 46.81
N VAL B 530 -22.01 2.23 46.40
CA VAL B 530 -22.68 1.35 47.39
C VAL B 530 -21.68 1.07 48.51
N LEU B 531 -20.44 0.77 48.15
CA LEU B 531 -19.45 0.43 49.19
C LEU B 531 -19.15 1.65 50.07
N ASN B 532 -18.95 2.82 49.45
CA ASN B 532 -18.61 4.04 50.22
C ASN B 532 -19.83 4.45 51.04
N LEU B 533 -21.02 4.36 50.47
CA LEU B 533 -22.23 4.82 51.18
C LEU B 533 -22.46 3.93 52.40
N LEU B 534 -22.21 2.64 52.26
CA LEU B 534 -22.30 1.77 53.45
C LEU B 534 -21.24 2.25 54.44
N ARG B 535 -20.05 2.61 53.95
CA ARG B 535 -18.93 3.03 54.83
C ARG B 535 -19.28 4.30 55.60
N VAL B 536 -20.23 5.08 55.11
CA VAL B 536 -20.55 6.37 55.80
C VAL B 536 -21.80 6.15 56.67
N GLU B 537 -21.72 6.48 57.96
CA GLU B 537 -22.85 6.25 58.89
C GLU B 537 -24.09 7.11 58.60
N GLU B 538 -23.89 8.38 58.27
CA GLU B 538 -25.05 9.31 58.10
C GLU B 538 -25.99 8.84 56.99
N ILE B 539 -25.46 8.27 55.91
CA ILE B 539 -26.30 7.94 54.73
C ILE B 539 -26.22 6.45 54.39
N ASN B 540 -27.34 5.88 53.92
CA ASN B 540 -27.41 4.45 53.50
C ASN B 540 -27.53 4.51 51.98
N PRO B 541 -27.22 3.46 51.21
CA PRO B 541 -27.21 3.56 49.76
C PRO B 541 -28.55 4.05 49.18
N GLU B 542 -29.68 3.68 49.79
CA GLU B 542 -31.02 4.04 49.27
C GLU B 542 -31.24 5.56 49.31
N TYR B 543 -30.62 6.29 50.22
CA TYR B 543 -30.91 7.74 50.39
C TYR B 543 -30.62 8.53 49.13
N MET B 544 -29.53 8.21 48.44
CA MET B 544 -29.16 8.93 47.19
C MET B 544 -30.23 8.68 46.13
N LEU B 545 -30.75 7.47 46.04
CA LEU B 545 -31.67 7.20 44.92
C LEU B 545 -32.86 8.15 45.04
N GLU B 546 -33.43 8.34 46.23
CA GLU B 546 -34.65 9.17 46.32
C GLU B 546 -34.34 10.61 45.92
N LYS B 547 -33.16 11.10 46.28
CA LYS B 547 -32.80 12.52 46.01
C LYS B 547 -32.24 12.66 44.60
N SER B 548 -32.08 11.56 43.88
CA SER B 548 -31.49 11.61 42.53
C SER B 548 -32.35 12.42 41.60
N PHE B 549 -31.72 13.07 40.64
CA PHE B 549 -32.47 13.91 39.70
C PHE B 549 -33.43 13.00 38.96
N TYR B 550 -33.05 11.75 38.70
CA TYR B 550 -33.94 10.90 37.87
C TYR B 550 -35.28 10.79 38.57
N GLN B 551 -35.25 10.58 39.88
CA GLN B 551 -36.51 10.46 40.65
C GLN B 551 -37.21 11.81 40.65
N PHE B 552 -36.48 12.93 40.72
CA PHE B 552 -37.18 14.25 40.84
C PHE B 552 -38.09 14.44 39.64
N GLN B 553 -37.66 14.02 38.47
CA GLN B 553 -38.57 14.15 37.33
C GLN B 553 -39.82 13.32 37.58
N HIS B 554 -39.67 12.09 38.09
CA HIS B 554 -40.87 11.21 38.21
C HIS B 554 -41.85 11.87 39.16
N TYR B 555 -41.31 12.46 40.22
CA TYR B 555 -42.19 13.12 41.21
C TYR B 555 -42.87 14.29 40.53
N ARG B 556 -42.18 14.92 39.60
CA ARG B 556 -42.76 16.13 38.98
C ARG B 556 -43.98 15.78 38.14
N ALA B 557 -43.84 14.89 37.17
CA ALA B 557 -44.94 14.64 36.22
C ALA B 557 -45.91 13.53 36.66
N ILE B 558 -45.69 12.85 37.77
CA ILE B 558 -46.73 11.88 38.21
C ILE B 558 -47.97 12.74 38.41
N PRO B 559 -47.87 13.94 39.03
CA PRO B 559 -49.01 14.84 39.06
C PRO B 559 -49.43 15.22 37.64
N GLY B 560 -48.48 15.31 36.71
CA GLY B 560 -48.84 15.60 35.31
C GLY B 560 -49.68 14.49 34.72
N VAL B 561 -49.35 13.24 34.99
CA VAL B 561 -50.25 12.15 34.53
C VAL B 561 -51.60 12.31 35.23
N VAL B 562 -51.62 12.70 36.50
CA VAL B 562 -52.91 12.74 37.24
C VAL B 562 -53.84 13.74 36.56
N GLU B 563 -53.35 14.90 36.13
CA GLU B 563 -54.23 15.80 35.36
C GLU B 563 -54.58 15.11 34.04
N LYS B 564 -53.60 14.43 33.43
CA LYS B 564 -53.85 13.86 32.09
C LYS B 564 -54.97 12.84 32.17
N VAL B 565 -54.95 11.99 33.19
CA VAL B 565 -55.96 10.92 33.22
C VAL B 565 -57.33 11.60 33.38
N LYS B 566 -57.40 12.67 34.15
CA LYS B 566 -58.74 13.26 34.43
C LYS B 566 -59.38 13.70 33.12
N ASN B 567 -58.63 14.41 32.28
CA ASN B 567 -59.28 14.95 31.06
C ASN B 567 -59.64 13.77 30.16
N SER B 568 -58.74 12.80 30.01
CA SER B 568 -58.98 11.66 29.08
C SER B 568 -60.15 10.80 29.56
N GLU B 569 -60.24 10.57 30.86
CA GLU B 569 -61.38 9.82 31.43
C GLU B 569 -62.64 10.63 31.13
N GLU B 570 -62.54 11.96 31.16
CA GLU B 570 -63.76 12.78 31.00
C GLU B 570 -64.37 12.55 29.63
N GLN B 571 -63.57 12.54 28.59
CA GLN B 571 -64.12 12.39 27.21
C GLN B 571 -64.79 11.03 27.11
N TYR B 572 -64.20 9.97 27.67
CA TYR B 572 -64.80 8.61 27.67
C TYR B 572 -66.07 8.57 28.52
N ASN B 573 -66.06 9.21 29.68
CA ASN B 573 -67.35 9.20 30.43
C ASN B 573 -68.36 9.94 29.56
N LYS B 574 -67.93 11.00 28.89
CA LYS B 574 -68.86 11.83 28.08
C LYS B 574 -69.46 11.02 26.93
N ILE B 575 -68.66 10.17 26.29
CA ILE B 575 -69.15 9.46 25.08
C ILE B 575 -68.92 7.96 25.24
N ASN B 579 -74.08 6.39 19.66
CA ASN B 579 -75.23 6.09 18.76
C ASN B 579 -75.85 4.72 19.09
N GLU B 580 -75.04 3.66 19.21
CA GLU B 580 -75.63 2.31 19.43
C GLU B 580 -74.59 1.23 19.75
N GLU B 581 -75.00 0.13 20.38
CA GLU B 581 -74.11 -1.03 20.65
C GLU B 581 -73.76 -1.73 19.34
N SER B 582 -74.70 -1.81 18.39
CA SER B 582 -74.50 -2.57 17.13
C SER B 582 -73.33 -2.02 16.31
N VAL B 583 -73.10 -0.70 16.33
CA VAL B 583 -72.00 -0.09 15.52
C VAL B 583 -70.68 -0.69 15.98
N VAL B 584 -70.55 -0.96 17.28
CA VAL B 584 -69.26 -1.49 17.81
C VAL B 584 -68.98 -2.86 17.19
N ILE B 585 -70.00 -3.72 17.03
CA ILE B 585 -69.79 -5.05 16.38
C ILE B 585 -69.31 -4.81 14.95
N TYR B 586 -69.94 -3.86 14.27
CA TYR B 586 -69.48 -3.50 12.90
C TYR B 586 -68.08 -2.89 13.02
N TYR B 587 -67.87 -2.05 14.02
CA TYR B 587 -66.55 -1.37 14.16
C TYR B 587 -65.51 -2.43 14.43
N LYS B 588 -65.85 -3.39 15.26
CA LYS B 588 -64.85 -4.39 15.65
C LYS B 588 -64.46 -5.10 14.37
N ILE B 589 -65.45 -5.36 13.50
CA ILE B 589 -65.16 -6.04 12.22
C ILE B 589 -64.20 -5.16 11.42
N ARG B 590 -64.44 -3.85 11.42
CA ARG B 590 -63.62 -2.92 10.60
C ARG B 590 -62.17 -2.90 11.07
N GLN B 591 -61.98 -2.79 12.39
CA GLN B 591 -60.60 -2.75 12.93
C GLN B 591 -59.98 -4.11 12.63
N GLN B 592 -60.76 -5.17 12.81
CA GLN B 592 -60.21 -6.53 12.61
C GLN B 592 -59.82 -6.72 11.15
N LEU B 593 -60.68 -6.30 10.23
CA LEU B 593 -60.41 -6.56 8.80
C LEU B 593 -59.15 -5.79 8.42
N ALA B 594 -59.01 -4.56 8.94
CA ALA B 594 -57.85 -3.74 8.53
C ALA B 594 -56.56 -4.39 9.00
N LYS B 595 -56.53 -4.88 10.24
CA LYS B 595 -55.30 -5.50 10.78
C LYS B 595 -54.99 -6.78 10.02
N LEU B 596 -56.00 -7.60 9.74
CA LEU B 596 -55.73 -8.91 9.10
C LEU B 596 -55.08 -8.61 7.78
N GLY B 597 -55.54 -7.55 7.11
CA GLY B 597 -54.98 -7.20 5.80
C GLY B 597 -53.52 -6.84 5.86
N LYS B 598 -53.10 -6.12 6.89
CA LYS B 598 -51.70 -5.66 6.95
C LYS B 598 -50.83 -6.91 6.95
N GLU B 599 -51.25 -7.95 7.67
CA GLU B 599 -50.47 -9.21 7.75
C GLU B 599 -50.40 -9.91 6.39
N ILE B 600 -51.48 -9.95 5.64
CA ILE B 600 -51.41 -10.72 4.35
C ILE B 600 -50.32 -10.00 3.58
N GLU B 601 -50.32 -8.67 3.70
CA GLU B 601 -49.35 -7.87 2.92
C GLU B 601 -47.97 -8.16 3.48
N GLU B 602 -47.87 -8.68 4.69
CA GLU B 602 -46.49 -8.89 5.19
C GLU B 602 -45.82 -9.87 4.23
N TYR B 603 -46.55 -10.91 3.81
CA TYR B 603 -45.89 -11.94 2.97
C TYR B 603 -45.46 -11.38 1.59
N ILE B 604 -46.27 -10.59 0.92
CA ILE B 604 -45.83 -10.00 -0.38
C ILE B 604 -44.62 -9.11 -0.13
N HIS B 605 -44.61 -8.39 0.99
CA HIS B 605 -43.51 -7.42 1.27
C HIS B 605 -42.21 -8.19 1.37
N LYS B 606 -42.28 -9.47 1.70
CA LYS B 606 -41.03 -10.23 1.90
C LYS B 606 -40.20 -10.09 0.64
N PRO B 607 -38.87 -9.85 0.78
CA PRO B 607 -38.00 -9.67 -0.35
C PRO B 607 -38.02 -10.94 -1.22
N LYS B 608 -38.11 -12.13 -0.62
CA LYS B 608 -38.05 -13.37 -1.43
C LYS B 608 -39.27 -13.54 -2.33
N TYR B 609 -40.47 -13.29 -1.80
CA TYR B 609 -41.71 -13.56 -2.58
C TYR B 609 -41.96 -12.58 -3.73
N CYS B 610 -41.73 -11.28 -3.58
CA CYS B 610 -42.09 -10.34 -4.67
C CYS B 610 -40.92 -10.00 -5.60
N LEU B 611 -39.70 -10.42 -5.28
CA LEU B 611 -38.51 -10.02 -6.09
C LEU B 611 -38.58 -10.54 -7.53
N PRO B 612 -38.89 -11.83 -7.82
CA PRO B 612 -39.02 -12.27 -9.21
C PRO B 612 -40.16 -11.52 -9.90
N PHE B 613 -41.26 -11.28 -9.18
CA PHE B 613 -42.44 -10.60 -9.76
C PHE B 613 -42.22 -9.09 -9.92
N LEU B 614 -41.16 -8.53 -9.35
CA LEU B 614 -40.91 -7.08 -9.59
C LEU B 614 -40.19 -6.94 -10.95
N GLN B 615 -40.85 -7.38 -12.02
CA GLN B 615 -40.27 -7.31 -13.38
C GLN B 615 -40.48 -5.89 -13.93
N PRO B 616 -39.69 -5.43 -14.91
CA PRO B 616 -39.94 -4.12 -15.51
C PRO B 616 -41.34 -4.12 -16.14
N GLY B 617 -42.13 -3.09 -15.86
CA GLY B 617 -43.48 -2.97 -16.45
C GLY B 617 -44.59 -3.51 -15.57
N ARG B 618 -44.27 -4.30 -14.53
CA ARG B 618 -45.38 -4.89 -13.74
C ARG B 618 -46.02 -3.78 -12.90
N LEU B 619 -47.34 -3.79 -12.80
CA LEU B 619 -48.04 -2.73 -12.01
C LEU B 619 -47.87 -3.04 -10.52
N VAL B 620 -47.81 -1.99 -9.68
CA VAL B 620 -47.62 -2.14 -8.23
C VAL B 620 -48.43 -1.03 -7.56
N LYS B 621 -48.83 -1.17 -6.30
CA LYS B 621 -49.50 -0.06 -5.59
C LYS B 621 -48.66 0.29 -4.37
N VAL B 622 -48.21 1.54 -4.25
CA VAL B 622 -47.30 1.93 -3.14
C VAL B 622 -48.04 2.78 -2.11
N LYS B 623 -47.95 2.42 -0.83
CA LYS B 623 -48.55 3.21 0.27
C LYS B 623 -47.48 3.37 1.33
N ASN B 624 -47.23 4.59 1.82
CA ASN B 624 -46.12 4.80 2.79
C ASN B 624 -46.73 5.02 4.17
N GLU B 625 -47.24 6.22 4.42
CA GLU B 625 -47.90 6.50 5.72
C GLU B 625 -48.99 7.55 5.53
N GLY B 626 -50.19 7.12 5.13
CA GLY B 626 -51.28 8.07 4.88
C GLY B 626 -51.08 8.65 3.51
N ASP B 627 -49.97 8.28 2.87
CA ASP B 627 -49.74 8.69 1.47
C ASP B 627 -50.03 7.47 0.61
N ASP B 628 -51.13 7.49 -0.15
CA ASP B 628 -51.45 6.35 -1.05
C ASP B 628 -51.15 6.85 -2.47
N PHE B 629 -50.29 6.14 -3.18
CA PHE B 629 -49.85 6.62 -4.51
C PHE B 629 -50.67 5.89 -5.56
N GLY B 630 -51.64 5.10 -5.11
CA GLY B 630 -52.49 4.35 -6.03
C GLY B 630 -51.67 3.39 -6.86
N TRP B 631 -51.84 3.41 -8.17
CA TRP B 631 -51.16 2.41 -9.04
C TRP B 631 -49.94 3.00 -9.71
N GLY B 632 -48.86 2.24 -9.75
CA GLY B 632 -47.62 2.69 -10.40
C GLY B 632 -46.97 1.53 -11.10
N VAL B 633 -46.07 1.79 -12.03
CA VAL B 633 -45.49 0.69 -12.81
C VAL B 633 -43.99 0.61 -12.57
N VAL B 634 -43.52 -0.58 -12.22
CA VAL B 634 -42.08 -0.79 -11.86
C VAL B 634 -41.20 -0.47 -13.05
N VAL B 635 -39.94 -0.12 -12.82
CA VAL B 635 -38.97 0.13 -13.91
C VAL B 635 -37.81 -0.89 -13.82
N ASN B 636 -37.31 -1.19 -12.61
CA ASN B 636 -36.19 -2.16 -12.40
C ASN B 636 -36.15 -2.53 -10.91
N PHE B 637 -35.38 -3.55 -10.47
CA PHE B 637 -35.25 -3.80 -9.00
C PHE B 637 -33.79 -3.93 -8.61
N SER B 638 -33.45 -3.70 -7.34
CA SER B 638 -32.02 -3.71 -6.94
C SER B 638 -31.85 -3.93 -5.43
N LYS B 639 -30.60 -4.08 -4.98
CA LYS B 639 -30.30 -4.25 -3.53
C LYS B 639 -30.40 -2.91 -2.80
N LEU B 653 -32.51 -5.53 2.83
CA LEU B 653 -33.38 -4.39 2.45
C LEU B 653 -33.18 -4.11 0.98
N TYR B 654 -34.25 -3.94 0.21
CA TYR B 654 -34.13 -3.76 -1.26
C TYR B 654 -34.95 -2.53 -1.67
N VAL B 655 -34.60 -1.91 -2.79
CA VAL B 655 -35.31 -0.69 -3.26
C VAL B 655 -35.71 -0.90 -4.72
N VAL B 656 -36.99 -0.70 -5.04
CA VAL B 656 -37.48 -0.84 -6.40
C VAL B 656 -37.81 0.53 -6.99
N GLU B 657 -37.62 0.64 -8.29
CA GLU B 657 -37.83 1.89 -9.03
C GLU B 657 -39.25 1.90 -9.59
N VAL B 658 -40.19 2.34 -8.79
CA VAL B 658 -41.57 2.42 -9.24
C VAL B 658 -41.84 3.82 -9.77
N LEU B 659 -42.56 3.90 -10.90
CA LEU B 659 -42.98 5.23 -11.41
C LEU B 659 -44.39 5.50 -10.87
N LEU B 660 -44.58 6.58 -10.10
CA LEU B 660 -45.90 6.82 -9.45
C LEU B 660 -46.37 8.24 -9.77
N ARG B 661 -47.69 8.49 -9.68
CA ARG B 661 -48.19 9.87 -9.86
C ARG B 661 -47.68 10.71 -8.70
N CYS B 662 -47.05 11.86 -8.98
CA CYS B 662 -46.49 12.72 -7.91
C CYS B 662 -47.12 14.11 -8.02
N SER B 663 -47.72 14.62 -6.94
CA SER B 663 -48.44 15.92 -7.04
C SER B 663 -47.47 17.06 -7.36
N LYS B 664 -46.38 17.18 -6.61
CA LYS B 664 -45.37 18.25 -6.83
C LYS B 664 -44.05 17.84 -6.16
N GLU B 665 -43.32 16.89 -6.76
CA GLU B 665 -42.09 16.39 -6.10
C GLU B 665 -40.93 17.34 -6.44
N SER B 666 -40.91 18.53 -5.83
CA SER B 666 -39.85 19.53 -6.10
C SER B 666 -38.49 18.96 -5.69
N LEU B 667 -38.43 18.28 -4.55
CA LEU B 667 -37.14 17.72 -4.05
C LEU B 667 -37.14 16.20 -4.25
N THR B 672 -38.19 13.98 -1.31
CA THR B 672 -39.60 14.33 -0.97
C THR B 672 -40.52 13.79 -2.07
N GLU B 673 -41.10 12.60 -1.86
CA GLU B 673 -41.99 12.00 -2.88
C GLU B 673 -43.21 12.90 -3.08
N ALA B 674 -43.80 13.40 -1.98
CA ALA B 674 -44.91 14.37 -2.09
C ALA B 674 -45.94 13.85 -3.09
N ALA B 675 -46.44 12.63 -2.91
CA ALA B 675 -47.32 12.07 -3.96
C ALA B 675 -48.68 11.64 -3.43
N LYS B 676 -49.51 12.61 -3.06
CA LYS B 676 -50.90 12.31 -2.66
C LYS B 676 -51.74 13.33 -3.44
N PRO B 677 -51.91 13.19 -4.77
CA PRO B 677 -52.60 14.22 -5.55
C PRO B 677 -54.02 14.45 -5.04
N ALA B 678 -54.46 15.70 -4.98
CA ALA B 678 -55.79 16.03 -4.42
C ALA B 678 -56.92 15.57 -5.34
N LYS B 679 -58.10 15.34 -4.78
CA LYS B 679 -59.29 14.94 -5.59
C LYS B 679 -59.76 16.12 -6.43
N PRO B 680 -59.30 17.37 -6.14
CA PRO B 680 -59.82 18.54 -6.85
C PRO B 680 -59.16 18.70 -8.23
N ASP B 681 -59.46 17.81 -9.17
CA ASP B 681 -58.95 17.93 -10.57
C ASP B 681 -57.42 18.03 -10.60
N GLU B 682 -56.72 17.26 -9.78
CA GLU B 682 -55.23 17.27 -9.88
C GLU B 682 -54.79 16.18 -10.86
N LYS B 683 -54.45 16.57 -12.09
CA LYS B 683 -53.96 15.60 -13.10
C LYS B 683 -52.61 15.21 -12.56
N GLY B 684 -52.18 13.98 -12.80
CA GLY B 684 -50.93 13.59 -12.15
C GLY B 684 -49.72 13.74 -13.02
N GLU B 685 -48.76 14.54 -12.55
CA GLU B 685 -47.48 14.56 -13.27
C GLU B 685 -46.81 13.34 -12.67
N MET B 686 -46.06 12.57 -13.44
CA MET B 686 -45.55 11.31 -12.86
C MET B 686 -44.05 11.30 -12.98
N GLN B 687 -43.36 10.68 -12.02
CA GLN B 687 -41.89 10.54 -12.08
C GLN B 687 -41.55 9.20 -11.47
N VAL B 688 -40.29 8.77 -11.57
CA VAL B 688 -39.87 7.46 -11.03
C VAL B 688 -39.33 7.68 -9.63
N VAL B 689 -40.01 7.16 -8.61
CA VAL B 689 -39.59 7.43 -7.20
C VAL B 689 -39.12 6.14 -6.54
N PRO B 690 -37.90 6.11 -6.00
CA PRO B 690 -37.40 4.91 -5.39
C PRO B 690 -38.30 4.59 -4.20
N VAL B 691 -38.77 3.35 -4.12
CA VAL B 691 -39.58 2.95 -2.94
C VAL B 691 -39.01 1.64 -2.43
N LEU B 692 -38.97 1.47 -1.12
CA LEU B 692 -38.46 0.23 -0.52
C LEU B 692 -39.47 -0.85 -0.80
N VAL B 693 -39.03 -2.09 -0.83
CA VAL B 693 -39.92 -3.23 -1.20
C VAL B 693 -41.07 -3.36 -0.20
N HIS B 694 -40.84 -3.11 1.08
CA HIS B 694 -41.90 -3.33 2.10
C HIS B 694 -43.13 -2.47 1.85
N LEU B 695 -42.96 -1.29 1.28
CA LEU B 695 -44.09 -0.32 1.15
C LEU B 695 -45.24 -0.79 0.26
N LEU B 696 -44.95 -1.49 -0.83
CA LEU B 696 -46.02 -1.85 -1.82
C LEU B 696 -47.13 -2.67 -1.18
N SER B 697 -48.32 -2.07 -1.02
CA SER B 697 -49.48 -2.79 -0.45
C SER B 697 -49.91 -3.93 -1.38
N ALA B 698 -49.92 -3.70 -2.70
CA ALA B 698 -50.43 -4.74 -3.63
C ALA B 698 -49.52 -4.89 -4.85
N ILE B 699 -49.45 -6.11 -5.40
CA ILE B 699 -48.67 -6.36 -6.65
C ILE B 699 -49.66 -6.86 -7.71
N SER B 700 -49.67 -6.27 -8.91
CA SER B 700 -50.66 -6.64 -9.95
C SER B 700 -50.27 -7.92 -10.68
N SER B 701 -51.19 -8.47 -11.47
CA SER B 701 -50.86 -9.66 -12.31
C SER B 701 -50.67 -9.23 -13.76
N VAL B 702 -50.85 -7.93 -14.05
CA VAL B 702 -50.76 -7.45 -15.46
C VAL B 702 -49.59 -6.47 -15.60
N ARG B 703 -48.74 -6.67 -16.61
CA ARG B 703 -47.61 -5.74 -16.86
C ARG B 703 -47.81 -5.05 -18.20
N LEU B 704 -47.66 -3.73 -18.22
CA LEU B 704 -47.81 -2.95 -19.48
C LEU B 704 -46.44 -2.39 -19.87
N TYR B 705 -46.19 -2.25 -21.17
CA TYR B 705 -44.85 -1.78 -21.62
C TYR B 705 -44.59 -0.37 -21.08
N ILE B 706 -43.38 -0.13 -20.59
CA ILE B 706 -43.00 1.23 -20.11
C ILE B 706 -42.05 1.81 -21.15
N PRO B 707 -42.29 3.01 -21.71
CA PRO B 707 -41.42 3.53 -22.76
C PRO B 707 -40.00 3.74 -22.22
N LYS B 708 -38.98 3.48 -23.04
CA LYS B 708 -37.57 3.69 -22.61
C LYS B 708 -37.27 5.19 -22.54
N ASP B 709 -36.21 5.57 -21.81
CA ASP B 709 -35.88 7.02 -21.66
C ASP B 709 -37.10 7.76 -21.12
N LEU B 710 -37.59 7.37 -19.94
CA LEU B 710 -38.78 8.01 -19.34
C LEU B 710 -38.52 9.48 -18.97
N ARG B 711 -37.26 9.96 -19.05
CA ARG B 711 -36.98 11.34 -18.58
C ARG B 711 -37.84 12.38 -19.31
N PRO B 712 -38.04 12.38 -20.65
CA PRO B 712 -38.96 13.33 -21.29
C PRO B 712 -40.37 13.14 -20.73
N VAL B 713 -41.06 14.26 -20.43
CA VAL B 713 -42.42 14.18 -19.83
C VAL B 713 -43.40 13.50 -20.81
N ASP B 714 -43.29 13.82 -22.10
CA ASP B 714 -44.22 13.25 -23.12
C ASP B 714 -44.27 11.72 -22.96
N ASN B 715 -43.10 11.09 -22.78
CA ASN B 715 -43.05 9.61 -22.60
C ASN B 715 -43.43 9.25 -21.16
N ARG B 716 -43.07 10.08 -20.19
CA ARG B 716 -43.33 9.74 -18.76
C ARG B 716 -44.83 9.64 -18.51
N GLN B 717 -45.62 10.51 -19.11
CA GLN B 717 -47.06 10.47 -18.76
C GLN B 717 -47.75 9.59 -19.79
N SER B 718 -47.00 9.02 -20.71
CA SER B 718 -47.63 8.07 -21.63
C SER B 718 -48.16 6.92 -20.78
N VAL B 719 -47.44 6.57 -19.71
CA VAL B 719 -47.86 5.44 -18.84
C VAL B 719 -49.17 5.76 -18.11
N LEU B 720 -49.53 7.03 -17.93
CA LEU B 720 -50.85 7.28 -17.29
C LEU B 720 -51.94 6.78 -18.21
N LYS B 721 -51.80 6.97 -19.51
CA LYS B 721 -52.83 6.44 -20.44
C LYS B 721 -52.86 4.92 -20.34
N SER B 722 -51.70 4.28 -20.31
CA SER B 722 -51.70 2.80 -20.32
C SER B 722 -52.31 2.24 -19.04
N ILE B 723 -51.96 2.75 -17.88
CA ILE B 723 -52.55 2.29 -16.59
C ILE B 723 -54.02 2.66 -16.56
N GLN B 724 -54.38 3.84 -17.04
CA GLN B 724 -55.78 4.30 -17.01
C GLN B 724 -56.66 3.43 -17.92
N GLU B 725 -56.16 3.05 -19.09
CA GLU B 725 -56.91 2.12 -19.97
C GLU B 725 -57.07 0.75 -19.30
N VAL B 726 -56.07 0.27 -18.55
CA VAL B 726 -56.16 -1.03 -17.83
C VAL B 726 -57.29 -0.92 -16.83
N GLN B 727 -57.39 0.21 -16.18
CA GLN B 727 -58.46 0.42 -15.20
C GLN B 727 -59.81 0.35 -15.90
N LYS B 728 -59.90 0.86 -17.13
CA LYS B 728 -61.16 0.73 -17.91
C LYS B 728 -61.46 -0.71 -18.30
N ARG B 729 -60.46 -1.46 -18.78
CA ARG B 729 -60.66 -2.86 -19.19
C ARG B 729 -60.97 -3.68 -17.97
N PHE B 730 -60.27 -3.42 -16.86
CA PHE B 730 -60.57 -4.13 -15.60
C PHE B 730 -61.37 -3.18 -14.72
N PRO B 731 -62.71 -3.19 -14.77
CA PRO B 731 -63.51 -2.20 -14.06
C PRO B 731 -63.31 -2.33 -12.56
N ASP B 732 -63.20 -3.56 -12.06
CA ASP B 732 -63.08 -3.78 -10.60
C ASP B 732 -61.82 -3.07 -10.16
N GLY B 733 -60.81 -3.14 -11.00
CA GLY B 733 -59.52 -2.51 -10.69
C GLY B 733 -58.48 -3.47 -11.20
N ILE B 734 -57.22 -3.12 -11.12
CA ILE B 734 -56.26 -4.05 -11.75
C ILE B 734 -56.35 -5.40 -11.04
N PRO B 735 -56.33 -6.53 -11.76
CA PRO B 735 -56.47 -7.85 -11.15
C PRO B 735 -55.25 -8.09 -10.29
N LEU B 736 -55.37 -8.96 -9.28
CA LEU B 736 -54.25 -9.12 -8.32
C LEU B 736 -53.66 -10.52 -8.39
N LEU B 737 -52.35 -10.68 -8.21
CA LEU B 737 -51.80 -12.06 -8.19
C LEU B 737 -52.29 -12.81 -6.95
N ASP B 738 -52.37 -14.14 -7.03
CA ASP B 738 -52.78 -14.95 -5.86
C ASP B 738 -51.50 -15.39 -5.14
N PRO B 739 -51.31 -15.04 -3.86
CA PRO B 739 -50.05 -15.36 -3.18
C PRO B 739 -49.83 -16.88 -3.11
N ILE B 740 -50.87 -17.65 -2.80
CA ILE B 740 -50.70 -19.12 -2.63
C ILE B 740 -50.28 -19.78 -3.94
N ASP B 741 -50.85 -19.37 -5.08
CA ASP B 741 -50.53 -20.07 -6.36
C ASP B 741 -49.59 -19.25 -7.23
N ASP B 742 -50.01 -18.05 -7.66
CA ASP B 742 -49.18 -17.24 -8.60
C ASP B 742 -47.88 -16.78 -7.97
N MET B 743 -47.91 -16.29 -6.72
CA MET B 743 -46.68 -15.71 -6.12
C MET B 743 -45.90 -16.75 -5.32
N GLY B 744 -46.45 -17.96 -5.17
CA GLY B 744 -45.72 -19.06 -4.49
C GLY B 744 -45.50 -18.82 -3.01
N ILE B 745 -46.54 -18.45 -2.27
CA ILE B 745 -46.43 -18.28 -0.78
C ILE B 745 -47.16 -19.45 -0.12
N GLN B 746 -47.34 -20.55 -0.86
CA GLN B 746 -48.11 -21.72 -0.36
C GLN B 746 -47.47 -22.33 0.89
N ASP B 747 -46.16 -22.22 1.06
CA ASP B 747 -45.50 -22.91 2.20
C ASP B 747 -46.08 -22.39 3.51
N GLN B 748 -46.29 -21.08 3.64
CA GLN B 748 -46.94 -20.52 4.85
C GLN B 748 -48.44 -20.80 4.78
N GLY B 749 -49.12 -20.89 5.92
CA GLY B 749 -50.59 -21.09 5.91
C GLY B 749 -51.31 -19.76 5.75
N LEU B 750 -51.18 -19.13 4.58
CA LEU B 750 -51.83 -17.82 4.29
C LEU B 750 -53.35 -18.03 4.18
N LYS B 751 -53.79 -19.25 3.90
CA LYS B 751 -55.22 -19.51 3.64
C LYS B 751 -56.05 -19.07 4.86
N LYS B 752 -55.58 -19.32 6.07
CA LYS B 752 -56.37 -18.98 7.29
C LYS B 752 -56.59 -17.47 7.34
N VAL B 753 -55.55 -16.68 7.07
CA VAL B 753 -55.66 -15.19 7.10
C VAL B 753 -56.61 -14.71 6.00
N ILE B 754 -56.52 -15.33 4.81
CA ILE B 754 -57.35 -14.87 3.65
C ILE B 754 -58.82 -15.25 3.89
N GLN B 755 -59.08 -16.49 4.30
CA GLN B 755 -60.49 -16.96 4.46
C GLN B 755 -61.20 -16.04 5.46
N LYS B 756 -60.55 -15.70 6.56
CA LYS B 756 -61.20 -14.86 7.60
C LYS B 756 -61.53 -13.48 7.02
N VAL B 757 -60.61 -12.93 6.22
CA VAL B 757 -60.81 -11.58 5.62
C VAL B 757 -62.03 -11.64 4.69
N GLU B 758 -62.18 -12.74 3.95
CA GLU B 758 -63.34 -12.89 3.02
C GLU B 758 -64.63 -12.92 3.84
N ALA B 759 -64.62 -13.60 4.98
CA ALA B 759 -65.83 -13.66 5.85
C ALA B 759 -65.87 -12.42 6.75
N LYS B 785 -61.50 9.46 19.97
CA LYS B 785 -62.43 8.35 19.91
C LYS B 785 -62.06 7.26 20.92
N ALA B 786 -61.90 6.04 20.45
CA ALA B 786 -61.60 4.93 21.34
C ALA B 786 -60.11 4.77 21.48
N GLN B 787 -59.37 5.69 20.88
CA GLN B 787 -57.94 5.84 21.07
C GLN B 787 -57.73 6.19 22.53
N ILE B 788 -58.68 6.97 23.06
CA ILE B 788 -58.65 7.46 24.42
C ILE B 788 -58.67 6.36 25.46
N ALA B 789 -59.44 5.31 25.20
CA ALA B 789 -59.56 4.24 26.17
C ALA B 789 -58.18 3.66 26.38
N ILE B 790 -57.38 3.65 25.33
CA ILE B 790 -55.98 3.14 25.45
C ILE B 790 -55.15 4.16 26.24
N ASP B 791 -55.28 5.45 25.93
CA ASP B 791 -54.47 6.53 26.58
C ASP B 791 -54.77 6.64 28.09
N ILE B 792 -56.04 6.54 28.50
CA ILE B 792 -56.40 6.62 29.94
C ILE B 792 -55.73 5.47 30.68
N LYS B 793 -55.71 4.27 30.08
CA LYS B 793 -55.16 3.09 30.76
C LYS B 793 -53.66 3.25 31.00
N SER B 794 -52.92 3.76 30.01
CA SER B 794 -51.43 3.83 30.18
C SER B 794 -51.16 4.74 31.36
N ALA B 795 -51.96 5.79 31.50
CA ALA B 795 -51.79 6.68 32.67
C ALA B 795 -52.06 5.91 33.96
N LYS B 796 -53.06 5.02 33.98
CA LYS B 796 -53.36 4.35 35.28
C LYS B 796 -52.13 3.55 35.71
N ARG B 797 -51.51 2.83 34.78
CA ARG B 797 -50.30 2.03 35.09
C ARG B 797 -49.14 2.92 35.48
N GLU B 798 -48.90 4.02 34.75
CA GLU B 798 -47.69 4.83 35.02
C GLU B 798 -47.80 5.44 36.41
N LEU B 799 -49.00 5.86 36.78
CA LEU B 799 -49.19 6.42 38.13
C LEU B 799 -48.89 5.32 39.13
N LYS B 800 -49.33 4.11 38.85
CA LYS B 800 -49.16 3.01 39.83
C LYS B 800 -47.67 2.78 40.04
N LYS B 801 -46.89 2.87 38.99
CA LYS B 801 -45.45 2.55 39.10
C LYS B 801 -44.73 3.65 39.91
N ALA B 802 -45.37 4.77 40.20
CA ALA B 802 -44.65 5.88 40.88
C ALA B 802 -44.11 5.37 42.20
N ARG B 803 -44.89 4.51 42.86
CA ARG B 803 -44.44 3.93 44.15
C ARG B 803 -43.19 3.11 43.87
N THR B 804 -43.05 2.57 42.67
CA THR B 804 -41.95 1.59 42.45
C THR B 804 -40.54 2.13 42.71
N VAL B 805 -40.15 3.33 42.25
CA VAL B 805 -38.73 3.74 42.42
C VAL B 805 -37.91 2.56 41.89
N LEU B 806 -38.12 2.12 40.65
CA LEU B 806 -37.54 0.85 40.11
C LEU B 806 -36.02 0.86 39.98
N GLN B 807 -35.35 1.98 40.16
CA GLN B 807 -33.87 1.91 40.13
C GLN B 807 -33.43 1.03 41.30
N MET B 808 -34.29 0.81 42.29
CA MET B 808 -33.93 0.08 43.52
C MET B 808 -33.54 -1.37 43.30
N ASP B 809 -34.25 -2.10 42.45
CA ASP B 809 -33.95 -3.54 42.36
C ASP B 809 -32.48 -3.67 41.99
N GLU B 810 -31.97 -2.78 41.16
CA GLU B 810 -30.55 -2.91 40.71
C GLU B 810 -29.67 -2.82 41.96
N LEU B 811 -30.08 -2.06 42.96
CA LEU B 811 -29.31 -1.96 44.22
C LEU B 811 -29.41 -3.31 44.92
N LYS B 812 -30.62 -3.85 45.05
CA LYS B 812 -30.77 -5.09 45.84
C LYS B 812 -29.98 -6.19 45.16
N CYS B 813 -30.07 -6.28 43.85
CA CYS B 813 -29.33 -7.31 43.09
C CYS B 813 -27.82 -7.07 43.26
N ARG B 814 -27.38 -5.82 43.18
CA ARG B 814 -25.94 -5.51 43.42
C ARG B 814 -25.60 -5.84 44.87
N LYS B 815 -26.51 -5.56 45.78
CA LYS B 815 -26.26 -5.81 47.21
C LYS B 815 -26.10 -7.31 47.44
N ARG B 816 -26.88 -8.13 46.75
CA ARG B 816 -26.69 -9.60 46.88
C ARG B 816 -25.31 -10.00 46.37
N VAL B 817 -24.86 -9.40 45.27
CA VAL B 817 -23.54 -9.74 44.70
C VAL B 817 -22.47 -9.41 45.73
N LEU B 818 -22.57 -8.24 46.35
CA LEU B 818 -21.54 -7.82 47.32
C LEU B 818 -21.54 -8.78 48.51
N ARG B 819 -22.71 -9.08 49.06
CA ARG B 819 -22.74 -9.93 50.27
C ARG B 819 -22.26 -11.33 49.91
N ARG B 820 -22.68 -11.83 48.76
CA ARG B 820 -22.33 -13.21 48.39
C ARG B 820 -20.82 -13.28 48.24
N LEU B 821 -20.21 -12.23 47.69
CA LEU B 821 -18.75 -12.26 47.42
C LEU B 821 -17.97 -11.83 48.66
N GLY B 822 -18.65 -11.51 49.75
CA GLY B 822 -17.94 -11.20 51.01
C GLY B 822 -17.62 -9.74 51.19
N PHE B 823 -18.06 -8.89 50.27
CA PHE B 823 -17.71 -7.45 50.34
C PHE B 823 -18.36 -6.76 51.54
N ALA B 824 -19.62 -7.05 51.83
CA ALA B 824 -20.33 -6.33 52.91
C ALA B 824 -21.28 -7.33 53.58
N THR B 825 -21.81 -6.98 54.75
CA THR B 825 -22.60 -7.99 55.50
C THR B 825 -24.06 -8.06 55.07
N SER B 826 -24.75 -9.12 55.49
CA SER B 826 -26.21 -9.27 55.22
C SER B 826 -26.93 -8.24 56.09
N SER B 827 -26.20 -7.66 57.04
CA SER B 827 -26.76 -6.63 57.96
C SER B 827 -26.43 -5.21 57.46
N ASP B 828 -26.00 -5.07 56.19
CA ASP B 828 -25.65 -3.75 55.61
C ASP B 828 -24.46 -3.13 56.34
N VAL B 829 -23.50 -3.98 56.71
CA VAL B 829 -22.30 -3.50 57.44
C VAL B 829 -21.06 -3.78 56.57
N ILE B 830 -20.15 -2.82 56.47
CA ILE B 830 -18.98 -2.98 55.57
C ILE B 830 -18.02 -3.99 56.17
N GLU B 831 -17.20 -4.60 55.32
CA GLU B 831 -16.19 -5.55 55.79
C GLU B 831 -14.89 -5.15 55.12
N MET B 832 -13.77 -5.69 55.56
CA MET B 832 -12.48 -5.20 55.00
C MET B 832 -12.45 -5.36 53.50
N LYS B 833 -13.00 -6.44 52.93
CA LYS B 833 -12.86 -6.62 51.47
C LYS B 833 -13.55 -5.42 50.82
N GLY B 834 -14.66 -4.99 51.40
CA GLY B 834 -15.34 -3.80 50.88
C GLY B 834 -14.47 -2.57 51.02
N ARG B 835 -13.81 -2.43 52.14
CA ARG B 835 -13.05 -1.18 52.37
C ARG B 835 -11.97 -1.02 51.29
N VAL B 836 -11.35 -2.11 50.88
CA VAL B 836 -10.31 -2.03 49.81
C VAL B 836 -10.95 -1.52 48.52
N ALA B 837 -12.14 -2.02 48.18
CA ALA B 837 -12.76 -1.63 46.90
C ALA B 837 -13.10 -0.14 46.95
N CYS B 838 -13.26 0.41 48.14
CA CYS B 838 -13.49 1.87 48.29
C CYS B 838 -12.26 2.61 47.78
N GLU B 839 -11.07 2.05 48.02
CA GLU B 839 -9.82 2.72 47.56
C GLU B 839 -9.78 2.74 46.03
N ILE B 840 -10.25 1.67 45.37
CA ILE B 840 -10.17 1.59 43.89
C ILE B 840 -11.46 2.11 43.27
N SER B 841 -11.45 3.32 42.71
CA SER B 841 -12.67 3.83 42.01
C SER B 841 -12.37 3.99 40.53
N SER B 842 -11.09 3.99 40.14
CA SER B 842 -10.71 4.22 38.73
C SER B 842 -11.24 3.11 37.80
N ALA B 843 -11.14 1.85 38.24
CA ALA B 843 -11.56 0.71 37.38
C ALA B 843 -12.63 -0.11 38.10
N ASP B 844 -12.80 -1.38 37.70
CA ASP B 844 -13.82 -2.26 38.35
C ASP B 844 -13.24 -2.72 39.68
N GLU B 845 -13.77 -2.19 40.78
CA GLU B 845 -13.24 -2.52 42.13
C GLU B 845 -13.44 -3.99 42.48
N LEU B 846 -14.59 -4.59 42.15
CA LEU B 846 -14.89 -5.97 42.60
C LEU B 846 -13.86 -6.97 42.07
N LEU B 847 -13.45 -6.86 40.81
CA LEU B 847 -12.53 -7.86 40.24
C LEU B 847 -11.13 -7.61 40.82
N LEU B 848 -10.70 -6.34 40.86
CA LEU B 848 -9.31 -6.06 41.28
C LEU B 848 -9.12 -6.43 42.76
N THR B 849 -10.09 -6.13 43.62
CA THR B 849 -10.00 -6.50 45.07
C THR B 849 -10.04 -8.01 45.26
N GLU B 850 -10.90 -8.71 44.52
CA GLU B 850 -11.00 -10.18 44.62
C GLU B 850 -9.67 -10.80 44.17
N MET B 851 -9.07 -10.24 43.15
CA MET B 851 -7.79 -10.79 42.65
C MET B 851 -6.76 -10.67 43.75
N MET B 852 -6.73 -9.55 44.47
CA MET B 852 -5.68 -9.36 45.49
C MET B 852 -5.87 -10.46 46.50
N PHE B 853 -7.12 -10.80 46.77
CA PHE B 853 -7.45 -11.82 47.80
C PHE B 853 -7.08 -13.21 47.30
N ASN B 854 -7.40 -13.53 46.05
CA ASN B 854 -7.10 -14.87 45.48
C ASN B 854 -5.59 -15.06 45.44
N GLY B 855 -4.83 -13.96 45.48
CA GLY B 855 -3.36 -14.06 45.50
C GLY B 855 -2.73 -13.89 44.13
N LEU B 856 -3.50 -13.48 43.14
CA LEU B 856 -2.97 -13.33 41.76
C LEU B 856 -1.88 -12.27 41.76
N PHE B 857 -2.15 -11.12 42.39
CA PHE B 857 -1.19 -9.98 42.36
C PHE B 857 0.08 -10.29 43.14
N ASN B 858 -0.04 -10.96 44.27
CA ASN B 858 1.15 -11.35 45.06
C ASN B 858 1.90 -12.40 44.24
N ASP B 859 3.21 -12.47 44.41
CA ASP B 859 4.04 -13.40 43.60
C ASP B 859 3.94 -13.07 42.11
N LEU B 860 3.98 -11.80 41.72
CA LEU B 860 4.01 -11.43 40.28
C LEU B 860 5.28 -10.64 40.00
N SER B 861 5.57 -10.33 38.74
CA SER B 861 6.89 -9.77 38.34
C SER B 861 7.13 -8.28 38.61
N ALA B 862 6.21 -7.56 39.26
CA ALA B 862 6.30 -6.08 39.49
C ALA B 862 6.00 -5.35 38.20
N GLU B 863 6.79 -5.60 37.17
CA GLU B 863 6.44 -5.04 35.85
C GLU B 863 5.18 -5.78 35.43
N GLN B 864 5.05 -7.04 35.85
CA GLN B 864 3.90 -7.86 35.43
C GLN B 864 2.61 -7.28 35.96
N ALA B 865 2.59 -6.84 37.20
CA ALA B 865 1.31 -6.34 37.73
C ALA B 865 0.91 -5.13 36.91
N THR B 866 1.88 -4.30 36.57
CA THR B 866 1.53 -3.07 35.84
C THR B 866 0.88 -3.50 34.53
N ALA B 867 1.44 -4.52 33.88
CA ALA B 867 0.89 -5.01 32.60
C ALA B 867 -0.51 -5.65 32.69
N LEU B 868 -0.81 -6.47 33.72
CA LEU B 868 -2.15 -7.08 33.90
C LEU B 868 -3.16 -5.96 34.10
N LEU B 869 -2.80 -4.93 34.85
CA LEU B 869 -3.74 -3.84 35.19
C LEU B 869 -4.03 -3.02 33.95
N SER B 870 -3.26 -3.20 32.87
CA SER B 870 -3.45 -2.36 31.67
C SER B 870 -4.84 -2.54 31.10
N CYS B 871 -5.38 -3.75 31.09
CA CYS B 871 -6.71 -3.90 30.45
C CYS B 871 -7.74 -3.04 31.19
N PHE B 872 -7.69 -3.01 32.51
CA PHE B 872 -8.72 -2.30 33.30
C PHE B 872 -8.70 -0.80 33.04
N VAL B 873 -7.52 -0.21 32.94
CA VAL B 873 -7.49 1.27 32.85
C VAL B 873 -8.00 1.79 31.52
N PHE B 874 -7.42 1.39 30.40
CA PHE B 874 -7.87 1.98 29.12
C PHE B 874 -8.36 0.92 28.14
N GLN B 875 -9.53 1.17 27.57
CA GLN B 875 -10.08 0.25 26.58
C GLN B 875 -10.45 1.03 25.32
N GLU B 876 -9.86 0.71 24.18
CA GLU B 876 -10.20 1.33 22.87
C GLU B 876 -10.13 0.16 21.89
N ASN B 877 -10.80 0.18 20.75
CA ASN B 877 -10.74 -1.04 19.90
C ASN B 877 -9.57 -0.98 18.92
N SER B 878 -8.71 -2.00 18.95
CA SER B 878 -7.49 -2.00 18.10
C SER B 878 -7.29 -3.33 17.37
N SER B 879 -8.18 -3.67 16.43
CA SER B 879 -7.93 -4.87 15.59
C SER B 879 -7.50 -6.05 16.46
N GLU B 880 -6.33 -6.63 16.17
CA GLU B 880 -5.89 -7.84 16.91
C GLU B 880 -4.68 -7.55 17.82
N MET B 881 -4.65 -8.16 19.01
CA MET B 881 -3.57 -7.99 20.01
C MET B 881 -2.30 -8.65 19.53
N PRO B 882 -1.12 -8.13 19.89
CA PRO B 882 0.12 -8.80 19.57
C PRO B 882 0.19 -10.03 20.47
N LYS B 883 0.91 -11.06 20.03
CA LYS B 883 1.03 -12.30 20.82
C LYS B 883 1.75 -12.00 22.13
N LEU B 884 1.38 -12.69 23.20
CA LEU B 884 2.00 -12.37 24.51
C LEU B 884 2.77 -13.56 25.06
N THR B 885 3.95 -13.31 25.60
CA THR B 885 4.79 -14.38 26.19
C THR B 885 4.04 -14.89 27.40
N GLU B 886 4.36 -16.09 27.88
CA GLU B 886 3.55 -16.70 28.96
C GLU B 886 3.55 -15.80 30.19
N GLN B 887 4.66 -15.14 30.52
CA GLN B 887 4.71 -14.36 31.77
C GLN B 887 3.61 -13.29 31.74
N LEU B 888 3.41 -12.60 30.63
CA LEU B 888 2.30 -11.63 30.50
C LEU B 888 0.94 -12.34 30.40
N ALA B 889 0.83 -13.42 29.63
CA ALA B 889 -0.49 -14.06 29.35
C ALA B 889 -1.11 -14.69 30.58
N GLY B 890 -0.29 -15.33 31.40
CA GLY B 890 -0.85 -16.06 32.54
C GLY B 890 -1.61 -15.12 33.45
N PRO B 891 -1.12 -13.92 33.75
CA PRO B 891 -1.92 -13.00 34.52
C PRO B 891 -3.23 -12.79 33.76
N LEU B 892 -3.19 -12.65 32.43
CA LEU B 892 -4.43 -12.39 31.67
C LEU B 892 -5.38 -13.59 31.73
N ARG B 893 -4.85 -14.81 31.65
CA ARG B 893 -5.69 -16.03 31.73
C ARG B 893 -6.29 -16.11 33.14
N GLN B 894 -5.49 -15.79 34.14
CA GLN B 894 -6.00 -15.78 35.53
C GLN B 894 -7.03 -14.65 35.72
N MET B 895 -6.79 -13.44 35.23
CA MET B 895 -7.83 -12.41 35.38
C MET B 895 -9.10 -12.96 34.76
N GLN B 896 -8.99 -13.57 33.59
CA GLN B 896 -10.21 -13.99 32.86
C GLN B 896 -10.98 -15.03 33.69
N GLU B 897 -10.28 -15.92 34.38
CA GLU B 897 -11.03 -16.87 35.23
C GLU B 897 -11.76 -16.09 36.31
N CYS B 898 -11.11 -15.12 36.96
CA CYS B 898 -11.73 -14.31 38.04
C CYS B 898 -12.86 -13.47 37.46
N ALA B 899 -12.68 -12.96 36.24
CA ALA B 899 -13.75 -12.18 35.58
C ALA B 899 -14.97 -13.07 35.38
N LYS B 900 -14.75 -14.31 34.98
CA LYS B 900 -15.88 -15.23 34.70
C LYS B 900 -16.65 -15.43 36.00
N ARG B 901 -15.94 -15.49 37.13
CA ARG B 901 -16.60 -15.72 38.45
C ARG B 901 -17.46 -14.53 38.83
N ILE B 902 -16.97 -13.30 38.59
CA ILE B 902 -17.76 -12.07 38.92
C ILE B 902 -19.04 -12.12 38.08
N ALA B 903 -18.91 -12.54 36.82
CA ALA B 903 -20.09 -12.63 35.93
C ALA B 903 -21.10 -13.62 36.50
N LYS B 904 -20.63 -14.77 36.98
CA LYS B 904 -21.56 -15.82 37.46
C LYS B 904 -22.35 -15.31 38.68
N VAL B 905 -21.70 -14.66 39.64
CA VAL B 905 -22.43 -14.23 40.87
C VAL B 905 -23.48 -13.18 40.50
N SER B 906 -23.15 -12.25 39.60
CA SER B 906 -24.14 -11.25 39.14
C SER B 906 -25.28 -11.94 38.36
N ALA B 907 -24.94 -12.93 37.53
CA ALA B 907 -25.96 -13.70 36.78
C ALA B 907 -26.83 -14.49 37.76
N GLU B 908 -26.25 -15.00 38.85
CA GLU B 908 -27.04 -15.72 39.89
C GLU B 908 -28.05 -14.72 40.45
N ALA B 909 -27.63 -13.46 40.64
CA ALA B 909 -28.58 -12.40 41.07
C ALA B 909 -29.32 -11.92 39.81
N LYS B 910 -30.18 -10.92 39.92
CA LYS B 910 -30.99 -10.52 38.74
C LYS B 910 -30.26 -9.46 37.90
N LEU B 911 -29.02 -9.14 38.25
CA LEU B 911 -28.24 -8.17 37.43
C LEU B 911 -28.10 -8.73 36.02
N GLU B 912 -28.33 -7.89 35.00
CA GLU B 912 -28.28 -8.37 33.60
C GLU B 912 -26.92 -8.01 33.00
N ILE B 913 -26.06 -9.01 32.79
CA ILE B 913 -24.72 -8.78 32.19
C ILE B 913 -24.43 -9.93 31.22
N ASP B 914 -23.49 -9.73 30.29
CA ASP B 914 -23.09 -10.84 29.38
C ASP B 914 -21.66 -11.25 29.72
N GLU B 915 -21.46 -12.55 29.97
CA GLU B 915 -20.10 -13.06 30.28
C GLU B 915 -19.20 -12.78 29.07
N GLU B 916 -19.78 -12.74 27.88
CA GLU B 916 -19.01 -12.42 26.65
C GLU B 916 -18.41 -11.02 26.76
N THR B 917 -19.24 -9.99 26.90
CA THR B 917 -18.73 -8.60 26.93
C THR B 917 -17.93 -8.39 28.21
N TYR B 918 -18.36 -8.90 29.35
CA TYR B 918 -17.61 -8.55 30.59
C TYR B 918 -16.17 -9.05 30.47
N LEU B 919 -15.99 -10.24 29.93
CA LEU B 919 -14.63 -10.81 29.73
C LEU B 919 -13.86 -9.92 28.75
N SER B 920 -14.56 -9.31 27.79
CA SER B 920 -13.91 -8.40 26.82
C SER B 920 -14.16 -6.95 27.18
N SER B 921 -14.62 -6.68 28.40
CA SER B 921 -14.74 -5.27 28.85
C SER B 921 -13.32 -4.75 28.95
N PHE B 922 -12.40 -5.68 29.25
CA PHE B 922 -10.99 -5.32 29.43
C PHE B 922 -10.23 -5.78 28.19
N LYS B 923 -9.40 -4.91 27.63
CA LYS B 923 -8.63 -5.22 26.40
C LYS B 923 -7.18 -5.47 26.77
N PRO B 924 -6.59 -6.61 26.37
CA PRO B 924 -5.22 -6.95 26.70
C PRO B 924 -4.20 -6.46 25.69
N HIS B 925 -4.59 -5.67 24.70
CA HIS B 925 -3.70 -5.28 23.59
C HIS B 925 -2.45 -4.50 24.01
N LEU B 926 -2.50 -3.66 25.04
CA LEU B 926 -1.32 -2.81 25.40
C LEU B 926 -0.50 -3.47 26.50
N MET B 927 -0.77 -4.72 26.81
CA MET B 927 -0.07 -5.43 27.91
C MET B 927 1.44 -5.52 27.64
N ASP B 928 1.83 -5.83 26.41
CA ASP B 928 3.28 -5.87 26.07
C ASP B 928 3.91 -4.48 26.18
N VAL B 929 3.24 -3.45 25.68
CA VAL B 929 3.86 -2.10 25.64
C VAL B 929 4.15 -1.64 27.06
N VAL B 930 3.24 -1.83 28.02
CA VAL B 930 3.55 -1.28 29.37
C VAL B 930 4.72 -2.07 29.90
N TYR B 931 4.73 -3.37 29.62
CA TYR B 931 5.81 -4.21 30.19
C TYR B 931 7.11 -3.67 29.64
N THR B 932 7.12 -3.39 28.34
CA THR B 932 8.35 -2.88 27.71
C THR B 932 8.66 -1.51 28.31
N TRP B 933 7.66 -0.68 28.55
CA TRP B 933 7.98 0.68 29.05
C TRP B 933 8.64 0.49 30.40
N ALA B 934 8.10 -0.43 31.18
CA ALA B 934 8.66 -0.67 32.52
C ALA B 934 10.08 -1.22 32.42
N THR B 935 10.35 -2.15 31.51
CA THR B 935 11.68 -2.82 31.42
C THR B 935 12.71 -1.77 31.10
N GLY B 936 12.25 -0.62 30.60
CA GLY B 936 13.18 0.49 30.30
C GLY B 936 13.13 0.91 28.86
N ALA B 937 12.21 0.34 28.10
CA ALA B 937 12.17 0.63 26.65
C ALA B 937 11.76 2.07 26.44
N THR B 938 12.29 2.70 25.41
CA THR B 938 12.03 4.13 25.18
C THR B 938 10.64 4.32 24.61
N PHE B 939 10.11 5.53 24.75
CA PHE B 939 8.76 5.83 24.22
C PHE B 939 8.81 5.63 22.71
N ALA B 940 9.93 5.97 22.11
CA ALA B 940 10.07 5.78 20.66
C ALA B 940 9.94 4.29 20.33
N HIS B 941 10.57 3.42 21.10
CA HIS B 941 10.51 1.97 20.85
C HIS B 941 9.11 1.42 21.11
N ILE B 942 8.47 1.84 22.20
CA ILE B 942 7.19 1.18 22.59
C ILE B 942 6.12 1.32 21.49
N CYS B 943 6.05 2.47 20.82
CA CYS B 943 5.01 2.73 19.80
C CYS B 943 5.14 1.77 18.61
N LYS B 944 6.32 1.22 18.33
CA LYS B 944 6.51 0.39 17.10
C LYS B 944 5.72 -0.90 17.13
N MET B 945 5.37 -1.40 18.32
CA MET B 945 4.69 -2.70 18.46
C MET B 945 3.18 -2.48 18.50
N THR B 946 2.73 -1.24 18.29
CA THR B 946 1.27 -0.96 18.37
C THR B 946 0.74 -0.22 17.16
N ASP B 947 -0.49 -0.52 16.78
CA ASP B 947 -1.21 0.23 15.72
C ASP B 947 -1.91 1.35 16.46
N VAL B 948 -1.80 1.32 17.80
CA VAL B 948 -2.51 2.31 18.65
C VAL B 948 -1.83 3.65 18.53
N PHE B 949 -2.63 4.70 18.53
CA PHE B 949 -2.08 6.06 18.38
C PHE B 949 -1.29 6.39 19.63
N GLU B 950 -0.29 7.26 19.52
CA GLU B 950 0.63 7.57 20.63
C GLU B 950 -0.12 8.11 21.84
N GLY B 951 -1.13 8.91 21.61
CA GLY B 951 -1.89 9.54 22.70
C GLY B 951 -2.62 8.54 23.55
N SER B 952 -3.19 7.52 22.93
CA SER B 952 -3.96 6.52 23.71
C SER B 952 -3.02 5.84 24.69
N ILE B 953 -1.81 5.50 24.26
CA ILE B 953 -0.81 4.83 25.13
C ILE B 953 -0.51 5.79 26.28
N ILE B 954 -0.31 7.07 25.99
CA ILE B 954 -0.04 8.10 27.02
C ILE B 954 -1.27 8.26 27.93
N ARG B 955 -2.48 8.25 27.37
CA ARG B 955 -3.71 8.32 28.21
C ARG B 955 -3.82 7.08 29.08
N CYS B 956 -3.50 5.91 28.54
CA CYS B 956 -3.51 4.68 29.35
C CYS B 956 -2.45 4.81 30.43
N MET B 957 -1.26 5.27 30.08
CA MET B 957 -0.16 5.30 31.08
C MET B 957 -0.52 6.26 32.20
N ARG B 958 -1.03 7.43 31.87
CA ARG B 958 -1.31 8.36 32.99
C ARG B 958 -2.38 7.71 33.86
N ARG B 959 -3.30 6.98 33.24
CA ARG B 959 -4.35 6.26 34.01
C ARG B 959 -3.73 5.11 34.78
N LEU B 960 -2.75 4.40 34.22
CA LEU B 960 -2.19 3.20 34.91
C LEU B 960 -1.46 3.69 36.16
N GLU B 961 -1.08 4.97 36.20
CA GLU B 961 -0.44 5.52 37.42
C GLU B 961 -1.55 5.99 38.35
N GLU B 962 -2.80 5.84 37.91
CA GLU B 962 -3.92 6.17 38.82
C GLU B 962 -4.52 4.91 39.46
N LEU B 963 -4.72 3.86 38.67
CA LEU B 963 -5.24 2.59 39.24
C LEU B 963 -4.19 2.13 40.24
N LEU B 964 -2.92 2.30 39.90
CA LEU B 964 -1.81 1.84 40.77
C LEU B 964 -1.79 2.59 42.10
N ARG B 965 -2.04 3.90 42.10
CA ARG B 965 -2.08 4.70 43.34
C ARG B 965 -3.25 4.28 44.23
N GLN B 966 -4.42 4.06 43.66
CA GLN B 966 -5.57 3.58 44.44
C GLN B 966 -5.33 2.17 44.94
N MET B 967 -4.79 1.30 44.10
CA MET B 967 -4.47 -0.09 44.49
C MET B 967 -3.35 -0.10 45.55
N CYS B 968 -2.36 0.80 45.43
CA CYS B 968 -1.28 0.90 46.45
C CYS B 968 -1.88 1.28 47.79
N GLN B 969 -2.81 2.23 47.78
CA GLN B 969 -3.50 2.62 49.02
C GLN B 969 -4.30 1.42 49.53
N ALA B 970 -4.88 0.64 48.64
CA ALA B 970 -5.61 -0.55 49.08
C ALA B 970 -4.67 -1.55 49.73
N ALA B 971 -3.46 -1.69 49.19
CA ALA B 971 -2.52 -2.72 49.70
C ALA B 971 -2.19 -2.46 51.16
N LYS B 972 -1.91 -1.21 51.50
CA LYS B 972 -1.67 -0.89 52.91
C LYS B 972 -2.97 -1.21 53.65
N ALA B 973 -4.12 -0.90 53.06
CA ALA B 973 -5.42 -1.09 53.76
C ALA B 973 -5.76 -2.56 54.08
N ILE B 974 -5.52 -3.52 53.20
CA ILE B 974 -5.95 -4.91 53.52
C ILE B 974 -4.85 -5.58 54.34
N GLY B 975 -3.73 -4.87 54.55
CA GLY B 975 -2.67 -5.42 55.41
C GLY B 975 -1.53 -6.09 54.68
N ASN B 976 -1.44 -5.95 53.36
CA ASN B 976 -0.26 -6.51 52.67
C ASN B 976 0.71 -5.39 52.34
N THR B 977 1.76 -5.22 53.15
CA THR B 977 2.73 -4.12 52.95
C THR B 977 3.51 -4.34 51.65
N GLU B 978 3.88 -5.58 51.35
CA GLU B 978 4.72 -5.84 50.15
C GLU B 978 3.95 -5.45 48.89
N LEU B 979 2.67 -5.80 48.82
CA LEU B 979 1.93 -5.49 47.57
C LEU B 979 2.01 -3.98 47.36
N GLU B 980 2.00 -3.20 48.44
CA GLU B 980 2.15 -1.73 48.34
C GLU B 980 3.52 -1.40 47.77
N ASN B 981 4.54 -2.06 48.27
CA ASN B 981 5.92 -1.75 47.83
C ASN B 981 6.12 -2.13 46.37
N LYS B 982 5.54 -3.23 45.91
CA LYS B 982 5.64 -3.65 44.48
C LYS B 982 4.93 -2.69 43.52
N PHE B 983 3.69 -2.30 43.84
CA PHE B 983 2.92 -1.37 42.98
C PHE B 983 3.60 -0.02 42.96
N ALA B 984 4.04 0.46 44.12
CA ALA B 984 4.65 1.81 44.20
C ALA B 984 5.95 1.88 43.39
N GLU B 985 6.75 0.83 43.42
CA GLU B 985 7.98 0.80 42.58
C GLU B 985 7.61 0.71 41.11
N GLY B 986 6.53 -0.01 40.78
CA GLY B 986 6.12 -0.07 39.37
C GLY B 986 5.81 1.31 38.86
N ILE B 987 5.15 2.15 39.66
CA ILE B 987 4.77 3.53 39.22
C ILE B 987 6.07 4.23 38.88
N THR B 988 7.11 4.06 39.69
CA THR B 988 8.37 4.79 39.43
C THR B 988 8.92 4.30 38.10
N LYS B 989 8.81 3.02 37.82
CA LYS B 989 9.23 2.55 36.48
C LYS B 989 8.32 3.21 35.44
N ILE B 990 7.01 3.22 35.67
CA ILE B 990 6.05 3.78 34.69
C ILE B 990 6.23 5.29 34.58
N LYS B 991 6.39 6.04 35.68
CA LYS B 991 6.42 7.53 35.55
C LYS B 991 7.79 8.02 35.07
N ARG B 992 7.96 8.20 33.75
CA ARG B 992 9.22 8.77 33.23
C ARG B 992 9.05 9.43 31.86
N ASP B 993 9.91 10.39 31.51
CA ASP B 993 9.95 10.99 30.14
C ASP B 993 8.63 11.60 29.64
N ILE B 994 8.27 11.34 28.38
CA ILE B 994 7.09 11.98 27.71
C ILE B 994 5.75 11.61 28.35
N VAL B 995 5.59 10.41 28.88
CA VAL B 995 4.24 9.98 29.37
C VAL B 995 3.75 10.93 30.48
N PHE B 996 4.66 11.66 31.12
CA PHE B 996 4.27 12.66 32.16
C PHE B 996 4.98 13.99 31.90
N ALA B 997 4.81 14.54 30.71
CA ALA B 997 5.51 15.81 30.33
C ALA B 997 5.05 16.98 31.19
N ALA B 998 3.75 17.09 31.48
CA ALA B 998 3.21 18.24 32.25
C ALA B 998 3.50 19.58 31.55
N SER B 999 3.44 19.60 30.21
CA SER B 999 3.65 20.85 29.43
C SER B 999 2.49 21.82 29.64
N LEU B 1000 1.34 21.32 30.11
CA LEU B 1000 0.13 22.17 30.27
C LEU B 1000 0.46 23.30 31.24
N TYR B 1001 -0.11 24.49 31.01
CA TYR B 1001 0.25 25.66 31.87
C TYR B 1001 -0.04 25.33 33.32
#